data_7R6A
#
_entry.id   7R6A
#
_cell.length_a   79.121
_cell.length_b   98.911
_cell.length_c   180.260
_cell.angle_alpha   90.000
_cell.angle_beta   90.000
_cell.angle_gamma   90.000
#
_symmetry.space_group_name_H-M   'P 21 21 21'
#
loop_
_entity.id
_entity.type
_entity.pdbx_description
1 polymer 'L-asparaginase I'
2 non-polymer 'FORMIC ACID'
3 water water
#
_entity_poly.entity_id   1
_entity_poly.type   'polypeptide(L)'
_entity_poly.pdbx_seq_one_letter_code
;GQKKSIYVAYTGGTIGMQRSDNGYIPVSGHLQRQLALMPEFHRPEMPDFTIHEYAPLIDSSDMTPEDWQHIANDIQQNYD
LYDGFVILHGTDTMAFTASALSFMLENLAKPVIITGSQIPLAEDASDGQTNLLNALYLAANHPVNEVSLFFNNQLFRGNR
TTKAHADGFDAFASPNLSVLLEAGIHIRRQSSVVSPTSNGPLIVHRITPQPIGVVTIYPGISGAVVRNFLLQPVKALILR
SYGVGNAPQKAELLDELKNASDRGIVVVNLTQSISGSVNMGGYATGNALAQAGVISGFDMTVEAALTKLHYLLSQSLSPN
EIRQLMQQNLRGELTDTQ
;
_entity_poly.pdbx_strand_id   A,B,C,D
#
loop_
_chem_comp.id
_chem_comp.type
_chem_comp.name
_chem_comp.formula
FMT non-polymer 'FORMIC ACID' 'C H2 O2'
#
# COMPACT_ATOMS: atom_id res chain seq x y z
N LYS A 3 -3.96 6.44 -44.72
CA LYS A 3 -4.37 7.21 -43.50
C LYS A 3 -5.73 6.70 -43.01
N LYS A 4 -5.83 6.28 -41.75
CA LYS A 4 -7.13 5.79 -41.22
C LYS A 4 -8.08 6.96 -41.09
N SER A 5 -9.38 6.62 -41.08
CA SER A 5 -10.49 7.55 -40.99
C SER A 5 -11.39 7.11 -39.81
N ILE A 6 -11.74 8.03 -38.93
CA ILE A 6 -12.58 7.72 -37.74
C ILE A 6 -13.82 8.59 -37.78
N TYR A 7 -14.95 7.98 -37.46
CA TYR A 7 -16.25 8.70 -37.34
C TYR A 7 -16.47 9.06 -35.86
N VAL A 8 -16.72 10.34 -35.56
CA VAL A 8 -16.92 10.79 -34.16
C VAL A 8 -18.37 11.28 -34.03
N ALA A 9 -19.20 10.63 -33.22
CA ALA A 9 -20.53 11.22 -32.88
C ALA A 9 -20.45 12.04 -31.61
N TYR A 10 -20.61 13.37 -31.67
CA TYR A 10 -20.68 14.27 -30.49
C TYR A 10 -22.14 14.23 -30.07
N THR A 11 -22.49 13.29 -29.19
CA THR A 11 -23.91 13.05 -28.78
C THR A 11 -24.25 14.06 -27.71
N GLY A 12 -23.27 14.47 -26.93
CA GLY A 12 -23.45 15.34 -25.77
C GLY A 12 -22.28 15.29 -24.86
N GLY A 13 -22.41 16.01 -23.76
CA GLY A 13 -21.33 16.11 -22.76
C GLY A 13 -20.75 17.52 -22.77
N THR A 14 -20.07 17.81 -21.73
CA THR A 14 -19.49 19.12 -21.42
C THR A 14 -18.25 19.34 -22.29
N ILE A 15 -17.65 18.27 -22.87
CA ILE A 15 -16.35 18.42 -23.60
C ILE A 15 -16.45 19.58 -24.63
N GLY A 16 -17.56 19.73 -25.34
CA GLY A 16 -17.64 20.71 -26.45
C GLY A 16 -18.39 21.98 -26.03
N MET A 17 -18.71 22.10 -24.74
CA MET A 17 -19.55 23.25 -24.27
C MET A 17 -18.67 24.42 -23.79
N GLN A 18 -19.32 25.53 -23.41
CA GLN A 18 -18.67 26.77 -22.90
C GLN A 18 -19.10 26.92 -21.43
N ARG A 19 -18.14 27.25 -20.59
CA ARG A 19 -18.37 27.58 -19.19
C ARG A 19 -19.02 28.97 -19.12
N SER A 20 -20.04 29.08 -18.30
CA SER A 20 -20.73 30.37 -18.07
C SER A 20 -21.14 30.44 -16.59
N ASP A 21 -21.57 31.64 -16.19
CA ASP A 21 -22.17 31.79 -14.85
C ASP A 21 -23.37 30.88 -14.70
N ASN A 22 -24.16 30.77 -15.76
CA ASN A 22 -25.43 30.00 -15.77
C ASN A 22 -25.13 28.53 -16.09
N GLY A 23 -23.89 28.04 -15.95
CA GLY A 23 -23.50 26.63 -16.12
C GLY A 23 -22.88 26.35 -17.51
N TYR A 24 -22.72 25.09 -17.89
CA TYR A 24 -22.11 24.82 -19.23
C TYR A 24 -23.21 25.00 -20.25
N ILE A 25 -22.91 25.69 -21.34
CA ILE A 25 -23.90 25.92 -22.38
C ILE A 25 -23.37 25.39 -23.73
N PRO A 26 -24.27 24.86 -24.53
CA PRO A 26 -23.92 24.32 -25.84
C PRO A 26 -23.68 25.51 -26.77
N VAL A 27 -22.66 25.41 -27.59
CA VAL A 27 -22.33 26.37 -28.66
C VAL A 27 -22.10 25.50 -29.89
N SER A 28 -22.94 25.72 -30.86
CA SER A 28 -22.95 24.97 -32.14
C SER A 28 -21.59 25.12 -32.81
N GLY A 29 -20.94 24.02 -33.17
CA GLY A 29 -19.67 23.99 -33.91
C GLY A 29 -18.48 24.25 -33.04
N HIS A 30 -18.62 24.46 -31.73
CA HIS A 30 -17.52 24.91 -30.84
C HIS A 30 -16.48 23.79 -30.74
N LEU A 31 -16.94 22.56 -30.61
CA LEU A 31 -15.98 21.42 -30.54
C LEU A 31 -15.10 21.42 -31.80
N GLN A 32 -15.74 21.38 -32.95
CA GLN A 32 -15.07 21.26 -34.27
C GLN A 32 -14.16 22.45 -34.46
N ARG A 33 -14.58 23.70 -34.15
CA ARG A 33 -13.69 24.88 -34.32
C ARG A 33 -12.48 24.71 -33.46
N GLN A 34 -12.62 24.28 -32.21
CA GLN A 34 -11.47 24.18 -31.33
C GLN A 34 -10.51 23.10 -31.86
N LEU A 35 -11.04 21.94 -32.22
CA LEU A 35 -10.16 20.81 -32.66
C LEU A 35 -9.39 21.21 -33.95
N ALA A 36 -9.97 22.02 -34.81
CA ALA A 36 -9.27 22.48 -36.03
C ALA A 36 -7.99 23.20 -35.65
N LEU A 37 -7.95 23.87 -34.50
CA LEU A 37 -6.84 24.73 -34.05
C LEU A 37 -5.95 24.01 -33.04
N MET A 38 -6.18 22.75 -32.75
CA MET A 38 -5.31 22.04 -31.78
C MET A 38 -4.38 21.11 -32.57
N PRO A 39 -3.09 21.48 -32.74
CA PRO A 39 -2.26 20.79 -33.73
C PRO A 39 -2.02 19.30 -33.42
N GLU A 40 -2.12 18.90 -32.15
CA GLU A 40 -1.97 17.49 -31.70
C GLU A 40 -2.92 16.62 -32.49
N PHE A 41 -4.12 17.13 -32.85
CA PHE A 41 -5.13 16.31 -33.51
C PHE A 41 -4.79 16.08 -35.00
N HIS A 42 -3.77 16.75 -35.51
CA HIS A 42 -3.53 16.76 -36.98
C HIS A 42 -2.10 16.34 -37.32
N ARG A 43 -1.45 15.70 -36.36
CA ARG A 43 -0.11 15.10 -36.53
C ARG A 43 -0.22 13.96 -37.49
N PRO A 44 0.89 13.61 -38.18
CA PRO A 44 0.83 12.57 -39.21
C PRO A 44 0.32 11.21 -38.75
N GLU A 45 0.62 10.83 -37.49
CA GLU A 45 0.23 9.51 -36.97
C GLU A 45 -1.26 9.47 -36.59
N MET A 46 -1.92 10.62 -36.47
CA MET A 46 -3.34 10.69 -36.09
C MET A 46 -4.17 10.38 -37.32
N PRO A 47 -5.28 9.66 -37.12
CA PRO A 47 -6.25 9.45 -38.20
C PRO A 47 -6.96 10.74 -38.59
N ASP A 48 -7.46 10.76 -39.81
CA ASP A 48 -8.44 11.78 -40.20
C ASP A 48 -9.70 11.45 -39.38
N PHE A 49 -10.50 12.44 -39.05
CA PHE A 49 -11.78 12.19 -38.38
C PHE A 49 -12.83 13.16 -38.88
N THR A 50 -14.07 12.72 -38.79
CA THR A 50 -15.27 13.48 -39.18
C THR A 50 -16.19 13.51 -37.94
N ILE A 51 -16.60 14.70 -37.55
CA ILE A 51 -17.51 14.93 -36.40
C ILE A 51 -18.94 15.05 -36.92
N HIS A 52 -19.86 14.23 -36.43
CA HIS A 52 -21.31 14.46 -36.51
C HIS A 52 -21.82 14.91 -35.14
N GLU A 53 -22.14 16.20 -35.06
CA GLU A 53 -22.62 16.85 -33.80
C GLU A 53 -24.13 16.68 -33.73
N TYR A 54 -24.60 16.02 -32.68
CA TYR A 54 -26.06 15.86 -32.49
C TYR A 54 -26.66 17.26 -32.28
N ALA A 55 -27.90 17.42 -32.74
CA ALA A 55 -28.62 18.70 -32.59
C ALA A 55 -30.05 18.35 -32.20
N PRO A 56 -30.47 18.52 -30.91
CA PRO A 56 -29.62 19.10 -29.84
C PRO A 56 -28.63 18.05 -29.25
N LEU A 57 -27.66 18.54 -28.49
CA LEU A 57 -26.79 17.67 -27.69
C LEU A 57 -27.67 17.10 -26.59
N ILE A 58 -27.36 15.97 -26.03
CA ILE A 58 -28.18 15.30 -24.99
C ILE A 58 -27.34 15.36 -23.74
N ASP A 59 -27.90 15.84 -22.65
CA ASP A 59 -27.37 15.62 -21.30
C ASP A 59 -27.51 14.09 -21.06
N SER A 60 -26.46 13.40 -20.68
CA SER A 60 -26.51 11.92 -20.61
C SER A 60 -27.53 11.46 -19.55
N SER A 61 -27.87 12.29 -18.60
CA SER A 61 -28.89 11.92 -17.58
C SER A 61 -30.26 11.79 -18.22
N ASP A 62 -30.45 12.33 -19.44
CA ASP A 62 -31.70 12.23 -20.20
C ASP A 62 -31.64 11.16 -21.27
N MET A 63 -30.59 10.34 -21.34
CA MET A 63 -30.50 9.24 -22.34
C MET A 63 -31.70 8.30 -22.11
N THR A 64 -32.23 7.76 -23.19
CA THR A 64 -33.24 6.68 -23.26
C THR A 64 -32.72 5.61 -24.20
N PRO A 65 -33.36 4.42 -24.20
CA PRO A 65 -33.02 3.39 -25.16
C PRO A 65 -33.19 3.82 -26.63
N GLU A 66 -34.11 4.73 -26.91
CA GLU A 66 -34.23 5.27 -28.29
C GLU A 66 -32.89 5.95 -28.66
N ASP A 67 -32.26 6.62 -27.72
CA ASP A 67 -30.93 7.28 -27.99
C ASP A 67 -29.84 6.24 -28.18
N TRP A 68 -29.83 5.15 -27.38
CA TRP A 68 -28.96 4.00 -27.67
C TRP A 68 -29.13 3.61 -29.12
N GLN A 69 -30.39 3.39 -29.54
CA GLN A 69 -30.66 2.94 -30.93
C GLN A 69 -30.16 3.97 -31.96
N HIS A 70 -30.32 5.26 -31.69
CA HIS A 70 -29.87 6.32 -32.64
C HIS A 70 -28.37 6.17 -32.82
N ILE A 71 -27.62 5.96 -31.70
CA ILE A 71 -26.13 5.83 -31.81
C ILE A 71 -25.77 4.57 -32.56
N ALA A 72 -26.41 3.43 -32.22
CA ALA A 72 -26.14 2.18 -32.91
C ALA A 72 -26.42 2.35 -34.43
N ASN A 73 -27.51 3.03 -34.77
CA ASN A 73 -27.92 3.19 -36.19
C ASN A 73 -26.89 4.05 -36.92
N ASP A 74 -26.36 5.04 -36.21
CA ASP A 74 -25.32 5.97 -36.75
C ASP A 74 -24.08 5.15 -37.09
N ILE A 75 -23.68 4.27 -36.19
CA ILE A 75 -22.53 3.38 -36.46
C ILE A 75 -22.86 2.47 -37.65
N GLN A 76 -24.04 1.86 -37.63
CA GLN A 76 -24.43 0.93 -38.71
C GLN A 76 -24.41 1.69 -40.05
N GLN A 77 -24.95 2.92 -40.11
CA GLN A 77 -25.04 3.76 -41.37
C GLN A 77 -23.60 3.94 -41.87
N ASN A 78 -22.67 4.13 -40.94
CA ASN A 78 -21.31 4.61 -41.31
C ASN A 78 -20.30 3.47 -41.27
N TYR A 79 -20.74 2.24 -41.03
CA TYR A 79 -19.79 1.17 -40.64
C TYR A 79 -18.75 0.92 -41.74
N ASP A 80 -19.19 0.84 -43.01
CA ASP A 80 -18.24 0.51 -44.12
C ASP A 80 -17.42 1.73 -44.53
N LEU A 81 -17.81 2.95 -44.13
CA LEU A 81 -17.16 4.20 -44.59
C LEU A 81 -15.95 4.60 -43.73
N TYR A 82 -15.80 4.02 -42.55
CA TYR A 82 -14.73 4.40 -41.60
C TYR A 82 -14.04 3.16 -41.06
N ASP A 83 -12.88 3.35 -40.45
CA ASP A 83 -12.03 2.28 -39.87
C ASP A 83 -12.39 2.06 -38.38
N GLY A 84 -13.13 2.97 -37.78
CA GLY A 84 -13.50 2.96 -36.38
C GLY A 84 -14.31 4.15 -36.01
N PHE A 85 -14.78 4.13 -34.77
CA PHE A 85 -15.82 5.01 -34.24
C PHE A 85 -15.42 5.48 -32.84
N VAL A 86 -15.68 6.75 -32.63
CA VAL A 86 -15.56 7.39 -31.30
C VAL A 86 -16.91 7.99 -31.00
N ILE A 87 -17.42 7.71 -29.83
CA ILE A 87 -18.69 8.35 -29.37
CA ILE A 87 -18.70 8.35 -29.37
C ILE A 87 -18.36 9.34 -28.28
N LEU A 88 -18.67 10.60 -28.46
CA LEU A 88 -18.53 11.57 -27.36
C LEU A 88 -19.87 11.68 -26.61
N HIS A 89 -19.84 11.59 -25.30
CA HIS A 89 -21.05 11.38 -24.48
C HIS A 89 -20.82 11.94 -23.09
N GLY A 90 -21.89 12.40 -22.44
CA GLY A 90 -21.83 12.78 -21.04
C GLY A 90 -21.42 11.61 -20.17
N THR A 91 -20.83 11.92 -19.02
CA THR A 91 -20.31 10.86 -18.15
C THR A 91 -21.42 10.17 -17.30
N ASP A 92 -22.51 10.84 -17.02
CA ASP A 92 -23.51 10.33 -16.02
C ASP A 92 -23.99 8.93 -16.42
N THR A 93 -24.30 8.69 -17.68
CA THR A 93 -24.81 7.37 -18.15
C THR A 93 -23.94 6.78 -19.26
N MET A 94 -22.70 7.27 -19.43
CA MET A 94 -21.76 6.68 -20.42
C MET A 94 -21.68 5.17 -20.28
N ALA A 95 -21.55 4.61 -19.05
CA ALA A 95 -21.41 3.16 -18.86
C ALA A 95 -22.68 2.43 -19.33
N PHE A 96 -23.85 3.00 -19.17
CA PHE A 96 -25.08 2.39 -19.71
C PHE A 96 -25.06 2.33 -21.22
N THR A 97 -24.71 3.43 -21.85
CA THR A 97 -24.64 3.42 -23.32
C THR A 97 -23.60 2.41 -23.81
N ALA A 98 -22.39 2.38 -23.20
CA ALA A 98 -21.33 1.45 -23.63
C ALA A 98 -21.88 0.02 -23.53
N SER A 99 -22.48 -0.33 -22.39
CA SER A 99 -23.02 -1.69 -22.13
C SER A 99 -24.08 -2.01 -23.18
N ALA A 100 -25.01 -1.12 -23.38
CA ALA A 100 -26.11 -1.37 -24.36
C ALA A 100 -25.54 -1.62 -25.75
N LEU A 101 -24.66 -0.77 -26.19
CA LEU A 101 -24.05 -0.92 -27.55
C LEU A 101 -23.30 -2.23 -27.67
N SER A 102 -22.66 -2.75 -26.59
CA SER A 102 -21.93 -4.03 -26.71
C SER A 102 -22.92 -5.14 -27.08
N PHE A 103 -24.12 -5.15 -26.51
CA PHE A 103 -25.13 -6.17 -26.85
C PHE A 103 -25.68 -5.90 -28.26
N MET A 104 -25.92 -4.64 -28.55
CA MET A 104 -26.62 -4.27 -29.80
C MET A 104 -25.75 -4.51 -31.03
N LEU A 105 -24.44 -4.42 -30.94
CA LEU A 105 -23.55 -4.49 -32.09
C LEU A 105 -22.91 -5.88 -32.11
N GLU A 106 -23.64 -6.91 -32.61
CA GLU A 106 -23.13 -8.29 -32.67
C GLU A 106 -22.18 -8.47 -33.87
N ASN A 107 -21.10 -9.19 -33.65
CA ASN A 107 -20.04 -9.45 -34.65
C ASN A 107 -19.33 -8.14 -35.01
N LEU A 108 -19.21 -7.22 -34.06
CA LEU A 108 -18.50 -5.95 -34.31
C LEU A 108 -17.07 -6.26 -34.65
N ALA A 109 -16.55 -5.68 -35.75
CA ALA A 109 -15.19 -6.02 -36.21
C ALA A 109 -14.44 -4.73 -36.47
N LYS A 110 -14.83 -3.64 -35.83
CA LYS A 110 -14.06 -2.36 -35.84
C LYS A 110 -14.20 -1.80 -34.43
N PRO A 111 -13.26 -1.01 -33.96
CA PRO A 111 -13.37 -0.43 -32.61
C PRO A 111 -14.47 0.64 -32.51
N VAL A 112 -15.20 0.62 -31.38
CA VAL A 112 -16.13 1.67 -31.01
C VAL A 112 -15.68 2.15 -29.63
N ILE A 113 -15.25 3.40 -29.47
CA ILE A 113 -14.66 3.87 -28.20
C ILE A 113 -15.49 5.05 -27.74
N ILE A 114 -16.12 4.92 -26.58
CA ILE A 114 -16.89 6.03 -26.01
C ILE A 114 -16.02 6.80 -25.03
N THR A 115 -16.11 8.12 -25.07
CA THR A 115 -15.37 8.92 -24.07
C THR A 115 -16.06 10.29 -23.96
N GLY A 116 -15.42 11.15 -23.21
CA GLY A 116 -15.96 12.47 -22.92
C GLY A 116 -15.09 13.17 -21.92
N SER A 117 -15.65 14.26 -21.40
CA SER A 117 -15.06 15.06 -20.35
C SER A 117 -16.15 15.88 -19.65
N GLN A 118 -16.01 16.03 -18.34
CA GLN A 118 -16.94 16.83 -17.50
C GLN A 118 -16.52 18.30 -17.55
N ILE A 119 -15.44 18.68 -18.28
CA ILE A 119 -14.91 20.06 -18.28
C ILE A 119 -14.68 20.44 -19.74
N PRO A 120 -14.99 21.66 -20.19
CA PRO A 120 -14.71 22.08 -21.57
C PRO A 120 -13.25 21.83 -21.92
N LEU A 121 -12.98 21.27 -23.11
CA LEU A 121 -11.66 20.70 -23.33
C LEU A 121 -10.54 21.72 -23.44
N ALA A 122 -10.80 23.01 -23.60
CA ALA A 122 -9.71 24.02 -23.61
C ALA A 122 -9.15 24.19 -22.20
N GLU A 123 -9.86 23.80 -21.12
CA GLU A 123 -9.40 24.14 -19.75
C GLU A 123 -8.30 23.18 -19.39
N ASP A 124 -7.30 23.64 -18.63
CA ASP A 124 -6.17 22.83 -18.15
C ASP A 124 -6.70 21.64 -17.36
N ALA A 125 -7.70 21.80 -16.49
CA ALA A 125 -8.19 20.70 -15.65
C ALA A 125 -8.92 19.65 -16.51
N SER A 126 -9.28 19.95 -17.77
CA SER A 126 -10.07 19.00 -18.61
C SER A 126 -9.17 17.88 -19.10
N ASP A 127 -9.64 16.64 -19.06
CA ASP A 127 -8.95 15.55 -19.79
C ASP A 127 -9.52 15.41 -21.21
N GLY A 128 -10.32 16.33 -21.69
CA GLY A 128 -11.04 16.07 -22.94
C GLY A 128 -10.04 15.92 -24.10
N GLN A 129 -8.99 16.73 -24.13
CA GLN A 129 -7.99 16.64 -25.24
C GLN A 129 -7.34 15.27 -25.24
N THR A 130 -6.81 14.82 -24.11
CA THR A 130 -6.09 13.53 -24.04
CA THR A 130 -6.11 13.52 -23.99
C THR A 130 -7.10 12.38 -24.29
N ASN A 131 -8.32 12.50 -23.80
CA ASN A 131 -9.34 11.44 -23.96
C ASN A 131 -9.70 11.29 -25.44
N LEU A 132 -9.95 12.38 -26.11
CA LEU A 132 -10.34 12.32 -27.53
C LEU A 132 -9.12 11.97 -28.38
N LEU A 133 -7.95 12.48 -28.05
CA LEU A 133 -6.72 12.18 -28.81
C LEU A 133 -6.49 10.65 -28.78
N ASN A 134 -6.52 10.07 -27.59
CA ASN A 134 -6.28 8.64 -27.41
C ASN A 134 -7.42 7.85 -28.03
N ALA A 135 -8.68 8.24 -27.84
CA ALA A 135 -9.77 7.46 -28.42
C ALA A 135 -9.61 7.43 -29.96
N LEU A 136 -9.29 8.58 -30.57
CA LEU A 136 -9.09 8.62 -32.06
C LEU A 136 -7.95 7.70 -32.47
N TYR A 137 -6.84 7.78 -31.77
CA TYR A 137 -5.62 6.99 -32.14
C TYR A 137 -5.89 5.50 -31.98
N LEU A 138 -6.53 5.12 -30.86
CA LEU A 138 -6.77 3.70 -30.56
C LEU A 138 -7.88 3.15 -31.47
N ALA A 139 -8.91 3.93 -31.80
CA ALA A 139 -9.97 3.46 -32.72
C ALA A 139 -9.36 3.16 -34.09
N ALA A 140 -8.31 3.84 -34.45
CA ALA A 140 -7.57 3.67 -35.73
C ALA A 140 -6.57 2.53 -35.64
N ASN A 141 -5.84 2.33 -34.53
CA ASN A 141 -4.57 1.56 -34.52
C ASN A 141 -4.65 0.35 -33.60
N HIS A 142 -5.52 0.34 -32.61
CA HIS A 142 -5.54 -0.73 -31.58
C HIS A 142 -6.53 -1.80 -32.06
N PRO A 143 -6.13 -3.06 -32.17
CA PRO A 143 -7.00 -4.07 -32.79
C PRO A 143 -8.02 -4.66 -31.81
N VAL A 144 -8.61 -3.88 -30.91
CA VAL A 144 -9.73 -4.40 -30.08
C VAL A 144 -11.06 -3.94 -30.65
N ASN A 145 -11.73 -4.87 -31.31
CA ASN A 145 -13.01 -4.71 -32.03
C ASN A 145 -14.14 -4.96 -31.06
N GLU A 146 -14.27 -4.07 -30.08
CA GLU A 146 -15.29 -4.13 -29.00
C GLU A 146 -15.75 -2.70 -28.77
N VAL A 147 -16.85 -2.56 -28.04
CA VAL A 147 -17.27 -1.27 -27.47
C VAL A 147 -16.45 -1.09 -26.19
N SER A 148 -15.59 -0.10 -26.19
CA SER A 148 -14.67 0.22 -25.09
CA SER A 148 -14.67 0.22 -25.08
C SER A 148 -15.01 1.63 -24.58
N LEU A 149 -14.55 1.97 -23.39
CA LEU A 149 -14.75 3.29 -22.79
C LEU A 149 -13.38 3.77 -22.40
N PHE A 150 -13.03 4.99 -22.81
CA PHE A 150 -11.70 5.55 -22.51
C PHE A 150 -11.86 6.66 -21.48
N PHE A 151 -11.12 6.54 -20.39
CA PHE A 151 -11.18 7.59 -19.35
C PHE A 151 -9.96 7.45 -18.40
N ASN A 152 -9.37 8.57 -18.04
CA ASN A 152 -8.17 8.61 -17.14
C ASN A 152 -7.08 7.69 -17.63
N ASN A 153 -6.66 7.85 -18.88
CA ASN A 153 -5.59 7.11 -19.54
C ASN A 153 -5.84 5.58 -19.50
N GLN A 154 -7.09 5.11 -19.40
CA GLN A 154 -7.39 3.66 -19.40
C GLN A 154 -8.49 3.35 -20.39
N LEU A 155 -8.32 2.26 -21.09
CA LEU A 155 -9.31 1.71 -21.98
C LEU A 155 -9.96 0.54 -21.25
N PHE A 156 -11.25 0.69 -20.95
CA PHE A 156 -12.01 -0.36 -20.26
C PHE A 156 -12.93 -1.07 -21.27
N ARG A 157 -13.28 -2.33 -20.98
CA ARG A 157 -14.34 -3.01 -21.77
C ARG A 157 -15.64 -2.30 -21.38
N GLY A 158 -16.44 -1.86 -22.35
CA GLY A 158 -17.63 -1.04 -22.10
C GLY A 158 -18.63 -1.70 -21.14
N ASN A 159 -18.93 -2.97 -21.32
CA ASN A 159 -19.97 -3.70 -20.54
C ASN A 159 -19.44 -4.20 -19.22
N ARG A 160 -18.22 -3.76 -18.84
CA ARG A 160 -17.67 -3.97 -17.49
C ARG A 160 -17.46 -2.66 -16.73
N THR A 161 -17.94 -1.56 -17.26
CA THR A 161 -17.70 -0.20 -16.67
C THR A 161 -18.83 0.27 -15.81
N THR A 162 -18.46 0.99 -14.75
CA THR A 162 -19.42 1.71 -13.90
C THR A 162 -18.78 3.07 -13.54
N LYS A 163 -19.60 4.10 -13.36
CA LYS A 163 -19.11 5.44 -12.93
C LYS A 163 -18.87 5.26 -11.43
N ALA A 164 -17.63 5.00 -11.06
CA ALA A 164 -17.22 4.63 -9.70
C ALA A 164 -17.02 5.87 -8.82
N HIS A 165 -16.66 7.02 -9.34
CA HIS A 165 -16.60 8.28 -8.58
C HIS A 165 -17.66 9.25 -9.10
N ALA A 166 -18.27 10.03 -8.21
CA ALA A 166 -19.43 10.90 -8.63
C ALA A 166 -18.99 11.89 -9.71
N ASP A 167 -17.74 12.34 -9.58
CA ASP A 167 -17.20 13.27 -10.59
C ASP A 167 -15.68 13.10 -10.61
N GLY A 168 -14.99 13.95 -11.36
CA GLY A 168 -13.51 13.92 -11.31
C GLY A 168 -12.91 13.13 -12.43
N PHE A 169 -11.58 13.26 -12.58
CA PHE A 169 -10.88 12.84 -13.82
C PHE A 169 -10.84 11.29 -13.84
N ASP A 170 -10.99 10.63 -12.69
CA ASP A 170 -10.92 9.15 -12.56
C ASP A 170 -12.32 8.51 -12.31
N ALA A 171 -13.31 8.93 -13.05
CA ALA A 171 -14.72 8.67 -12.71
C ALA A 171 -15.10 7.20 -13.06
N PHE A 172 -14.36 6.53 -13.91
CA PHE A 172 -14.80 5.14 -14.35
C PHE A 172 -13.88 4.06 -13.81
N ALA A 173 -14.50 2.91 -13.51
CA ALA A 173 -13.75 1.69 -13.18
C ALA A 173 -14.39 0.53 -13.88
N SER A 174 -13.60 -0.54 -13.95
CA SER A 174 -13.91 -1.89 -14.47
C SER A 174 -13.64 -2.82 -13.29
N PRO A 175 -14.48 -2.85 -12.24
CA PRO A 175 -14.17 -3.60 -11.02
C PRO A 175 -13.93 -5.11 -11.15
N ASN A 176 -14.54 -5.75 -12.14
CA ASN A 176 -14.44 -7.23 -12.26
C ASN A 176 -13.67 -7.62 -13.52
N LEU A 177 -12.98 -6.71 -14.21
CA LEU A 177 -12.12 -7.09 -15.35
C LEU A 177 -10.93 -6.13 -15.38
N SER A 178 -9.73 -6.64 -15.63
CA SER A 178 -8.55 -5.77 -15.92
C SER A 178 -8.85 -4.79 -17.06
N VAL A 179 -8.23 -3.61 -17.03
CA VAL A 179 -8.36 -2.67 -18.18
C VAL A 179 -7.81 -3.37 -19.41
N LEU A 180 -8.35 -3.05 -20.55
CA LEU A 180 -7.86 -3.55 -21.84
C LEU A 180 -6.50 -2.89 -22.11
N LEU A 181 -6.25 -1.65 -21.70
CA LEU A 181 -5.01 -0.97 -22.14
C LEU A 181 -4.76 0.18 -21.22
N GLU A 182 -3.51 0.47 -20.86
CA GLU A 182 -3.11 1.70 -20.17
C GLU A 182 -2.43 2.57 -21.24
N ALA A 183 -2.72 3.87 -21.29
CA ALA A 183 -2.27 4.77 -22.37
C ALA A 183 -1.18 5.71 -21.86
N GLY A 184 -1.09 5.86 -20.53
CA GLY A 184 -0.11 6.74 -19.85
C GLY A 184 0.89 5.91 -19.06
N ILE A 185 0.74 5.91 -17.75
CA ILE A 185 1.52 5.07 -16.82
C ILE A 185 1.05 3.63 -16.94
N HIS A 186 2.00 2.70 -17.08
CA HIS A 186 1.75 1.26 -17.11
C HIS A 186 2.00 0.62 -15.73
N ILE A 187 1.17 -0.43 -15.45
CA ILE A 187 1.39 -1.46 -14.38
C ILE A 187 1.82 -2.82 -14.98
N ARG A 188 2.69 -3.53 -14.26
CA ARG A 188 3.22 -4.84 -14.73
C ARG A 188 2.17 -5.93 -14.48
N SER A 195 -11.91 -11.80 -25.03
CA SER A 195 -12.07 -11.10 -26.34
C SER A 195 -13.25 -11.61 -27.20
N PRO A 196 -14.38 -10.89 -27.45
CA PRO A 196 -15.57 -11.56 -27.97
C PRO A 196 -15.49 -11.87 -29.47
N THR A 197 -16.35 -12.77 -29.95
CA THR A 197 -16.49 -13.23 -31.36
C THR A 197 -16.80 -12.05 -32.32
N SER A 198 -16.04 -12.00 -33.44
CA SER A 198 -16.42 -11.29 -34.69
C SER A 198 -16.18 -12.24 -35.86
N ASN A 199 -16.98 -13.31 -35.90
CA ASN A 199 -17.13 -14.23 -37.06
C ASN A 199 -18.55 -14.01 -37.60
N GLY A 200 -18.65 -13.51 -38.83
CA GLY A 200 -19.94 -13.23 -39.50
C GLY A 200 -20.24 -11.74 -39.48
N PRO A 201 -21.21 -11.27 -40.28
CA PRO A 201 -21.40 -9.84 -40.54
C PRO A 201 -21.98 -9.07 -39.33
N LEU A 202 -21.79 -7.75 -39.29
CA LEU A 202 -22.36 -6.92 -38.22
C LEU A 202 -23.88 -7.13 -38.13
N ILE A 203 -24.41 -7.40 -36.96
CA ILE A 203 -25.88 -7.43 -36.75
C ILE A 203 -26.21 -6.37 -35.73
N VAL A 204 -27.11 -5.45 -36.05
CA VAL A 204 -27.46 -4.35 -35.13
C VAL A 204 -28.85 -4.63 -34.61
N HIS A 205 -28.90 -5.05 -33.35
CA HIS A 205 -30.12 -5.45 -32.66
C HIS A 205 -30.89 -4.20 -32.32
N ARG A 206 -32.19 -4.31 -32.35
CA ARG A 206 -33.11 -3.23 -31.99
C ARG A 206 -33.34 -3.34 -30.48
N ILE A 207 -33.43 -2.22 -29.80
CA ILE A 207 -33.73 -2.23 -28.34
C ILE A 207 -34.80 -1.19 -28.15
N THR A 208 -35.74 -1.49 -27.28
CA THR A 208 -36.80 -0.57 -26.85
C THR A 208 -36.84 -0.58 -25.34
N PRO A 209 -37.45 0.45 -24.74
CA PRO A 209 -37.55 0.54 -23.31
C PRO A 209 -38.29 -0.67 -22.72
N GLN A 210 -37.84 -1.15 -21.58
CA GLN A 210 -38.41 -2.36 -20.93
C GLN A 210 -38.66 -2.07 -19.48
N PRO A 211 -39.79 -2.54 -18.93
CA PRO A 211 -40.16 -2.25 -17.55
C PRO A 211 -39.42 -3.18 -16.57
N ILE A 212 -38.33 -2.64 -16.02
CA ILE A 212 -37.36 -3.42 -15.19
C ILE A 212 -37.21 -2.73 -13.85
N GLY A 213 -37.31 -3.52 -12.78
CA GLY A 213 -37.10 -2.95 -11.45
C GLY A 213 -35.67 -3.30 -11.02
N VAL A 214 -34.93 -2.35 -10.41
CA VAL A 214 -33.57 -2.62 -9.89
C VAL A 214 -33.59 -2.26 -8.42
N VAL A 215 -33.62 -3.28 -7.56
CA VAL A 215 -33.88 -3.08 -6.13
C VAL A 215 -32.76 -3.62 -5.25
N THR A 216 -32.61 -3.08 -4.08
CA THR A 216 -31.59 -3.51 -3.09
C THR A 216 -32.28 -4.13 -1.90
N ILE A 217 -31.86 -5.31 -1.55
CA ILE A 217 -32.26 -6.05 -0.32
C ILE A 217 -31.65 -5.37 0.88
N TYR A 218 -32.31 -5.46 2.04
CA TYR A 218 -31.76 -4.98 3.31
C TYR A 218 -32.47 -5.76 4.41
N PRO A 219 -31.88 -5.74 5.64
CA PRO A 219 -32.43 -6.51 6.75
C PRO A 219 -33.88 -6.12 6.97
N GLY A 220 -34.72 -7.14 7.04
CA GLY A 220 -36.15 -6.97 7.37
C GLY A 220 -37.01 -6.61 6.18
N ILE A 221 -36.44 -6.48 5.00
CA ILE A 221 -37.20 -6.02 3.82
C ILE A 221 -38.51 -6.85 3.73
N SER A 222 -39.64 -6.19 3.55
CA SER A 222 -40.98 -6.90 3.57
C SER A 222 -41.38 -7.56 2.26
N GLY A 223 -42.21 -8.60 2.39
CA GLY A 223 -42.94 -9.19 1.24
C GLY A 223 -43.82 -8.15 0.60
N ALA A 224 -44.43 -7.25 1.37
CA ALA A 224 -45.34 -6.23 0.79
C ALA A 224 -44.56 -5.28 -0.12
N VAL A 225 -43.37 -4.85 0.29
CA VAL A 225 -42.54 -3.93 -0.51
C VAL A 225 -42.11 -4.66 -1.75
N VAL A 226 -41.66 -5.90 -1.61
CA VAL A 226 -41.20 -6.64 -2.82
C VAL A 226 -42.35 -6.97 -3.76
N ARG A 227 -43.53 -7.24 -3.22
CA ARG A 227 -44.73 -7.52 -4.06
C ARG A 227 -44.96 -6.31 -4.97
N ASN A 228 -44.83 -5.09 -4.43
CA ASN A 228 -45.04 -3.86 -5.23
C ASN A 228 -44.02 -3.75 -6.36
N PHE A 229 -42.78 -4.14 -6.15
CA PHE A 229 -41.75 -4.10 -7.19
C PHE A 229 -42.03 -5.04 -8.36
N LEU A 230 -42.87 -6.03 -8.11
CA LEU A 230 -43.11 -7.13 -9.09
C LEU A 230 -44.53 -6.96 -9.70
N LEU A 231 -45.26 -5.89 -9.37
CA LEU A 231 -46.54 -5.56 -10.03
C LEU A 231 -46.34 -5.19 -11.48
N GLN A 232 -47.40 -5.43 -12.27
CA GLN A 232 -47.32 -5.04 -13.71
C GLN A 232 -46.89 -3.59 -13.61
N PRO A 233 -46.22 -3.04 -14.63
CA PRO A 233 -45.86 -3.73 -15.85
C PRO A 233 -44.49 -4.40 -15.82
N VAL A 234 -43.91 -4.56 -14.63
CA VAL A 234 -42.55 -5.15 -14.55
C VAL A 234 -42.48 -6.48 -15.30
N LYS A 235 -41.47 -6.65 -16.12
CA LYS A 235 -41.14 -7.92 -16.78
C LYS A 235 -39.87 -8.60 -16.25
N ALA A 236 -39.06 -7.88 -15.49
CA ALA A 236 -37.76 -8.36 -14.97
C ALA A 236 -37.37 -7.51 -13.77
N LEU A 237 -36.73 -8.16 -12.82
CA LEU A 237 -36.27 -7.54 -11.57
C LEU A 237 -34.80 -7.88 -11.39
N ILE A 238 -33.97 -6.90 -11.16
CA ILE A 238 -32.57 -7.10 -10.71
C ILE A 238 -32.60 -6.90 -9.21
N LEU A 239 -32.21 -7.90 -8.48
CA LEU A 239 -32.15 -7.91 -7.02
C LEU A 239 -30.67 -7.72 -6.64
N ARG A 240 -30.36 -6.73 -5.82
CA ARG A 240 -28.96 -6.52 -5.34
C ARG A 240 -28.88 -7.12 -3.94
N SER A 241 -28.12 -8.20 -3.81
CA SER A 241 -28.14 -9.03 -2.57
C SER A 241 -26.77 -9.00 -1.90
N TYR A 242 -26.61 -9.74 -0.80
CA TYR A 242 -25.39 -9.62 0.05
C TYR A 242 -24.27 -10.56 -0.40
N GLY A 243 -23.02 -10.13 -0.34
CA GLY A 243 -21.88 -11.01 -0.49
C GLY A 243 -21.88 -11.71 -1.79
N VAL A 244 -21.84 -13.06 -1.75
CA VAL A 244 -21.86 -13.92 -2.98
C VAL A 244 -23.30 -14.22 -3.42
N GLY A 245 -24.27 -13.46 -2.95
CA GLY A 245 -25.62 -13.53 -3.52
C GLY A 245 -26.65 -14.05 -2.52
N ASN A 246 -26.53 -13.71 -1.27
CA ASN A 246 -27.40 -14.21 -0.18
C ASN A 246 -28.48 -13.21 0.16
N ALA A 247 -29.66 -13.70 0.54
CA ALA A 247 -30.82 -12.90 0.94
C ALA A 247 -31.44 -13.60 2.17
N PRO A 248 -32.27 -12.90 2.93
CA PRO A 248 -32.91 -13.49 4.10
C PRO A 248 -33.68 -14.77 3.77
N GLN A 249 -33.65 -15.72 4.70
CA GLN A 249 -34.43 -16.97 4.68
C GLN A 249 -35.83 -16.59 5.21
N LYS A 250 -36.61 -15.99 4.37
CA LYS A 250 -37.85 -15.30 4.77
C LYS A 250 -38.88 -15.81 3.78
N ALA A 251 -39.82 -16.68 4.17
CA ALA A 251 -40.87 -17.19 3.25
C ALA A 251 -41.63 -16.05 2.56
N GLU A 252 -41.94 -14.96 3.26
CA GLU A 252 -42.79 -13.90 2.63
C GLU A 252 -42.00 -13.24 1.49
N LEU A 253 -40.68 -13.14 1.55
CA LEU A 253 -39.90 -12.63 0.39
C LEU A 253 -39.80 -13.71 -0.68
N LEU A 254 -39.39 -14.94 -0.31
CA LEU A 254 -39.16 -15.99 -1.33
C LEU A 254 -40.47 -16.33 -2.07
N ASP A 255 -41.60 -16.31 -1.38
CA ASP A 255 -42.91 -16.62 -2.03
C ASP A 255 -43.21 -15.59 -3.11
N GLU A 256 -42.96 -14.29 -2.87
CA GLU A 256 -43.24 -13.25 -3.88
C GLU A 256 -42.32 -13.42 -5.08
N LEU A 257 -41.03 -13.73 -4.84
CA LEU A 257 -40.10 -13.94 -5.95
C LEU A 257 -40.51 -15.18 -6.76
N LYS A 258 -40.93 -16.25 -6.07
CA LYS A 258 -41.33 -17.49 -6.78
C LYS A 258 -42.61 -17.23 -7.61
N ASN A 259 -43.57 -16.53 -7.06
CA ASN A 259 -44.84 -16.20 -7.78
C ASN A 259 -44.47 -15.43 -9.05
N ALA A 260 -43.58 -14.44 -8.95
CA ALA A 260 -43.16 -13.64 -10.10
C ALA A 260 -42.50 -14.54 -11.14
N SER A 261 -41.53 -15.36 -10.75
CA SER A 261 -40.81 -16.19 -11.73
C SER A 261 -41.79 -17.17 -12.41
N ASP A 262 -42.71 -17.72 -11.61
CA ASP A 262 -43.72 -18.67 -12.18
C ASP A 262 -44.62 -17.97 -13.20
N ARG A 263 -44.80 -16.66 -13.17
CA ARG A 263 -45.59 -15.99 -14.24
C ARG A 263 -44.68 -15.35 -15.28
N GLY A 264 -43.44 -15.77 -15.36
CA GLY A 264 -42.57 -15.38 -16.48
C GLY A 264 -41.72 -14.13 -16.20
N ILE A 265 -41.70 -13.63 -14.99
CA ILE A 265 -40.79 -12.49 -14.65
C ILE A 265 -39.38 -13.06 -14.48
N VAL A 266 -38.42 -12.44 -15.17
CA VAL A 266 -36.99 -12.83 -15.06
C VAL A 266 -36.39 -12.09 -13.87
N VAL A 267 -35.97 -12.83 -12.85
CA VAL A 267 -35.44 -12.22 -11.60
C VAL A 267 -33.97 -12.60 -11.53
N VAL A 268 -33.09 -11.60 -11.48
CA VAL A 268 -31.60 -11.75 -11.64
C VAL A 268 -30.92 -11.30 -10.37
N ASN A 269 -29.99 -12.07 -9.88
CA ASN A 269 -29.29 -11.85 -8.60
C ASN A 269 -27.93 -11.21 -8.86
N LEU A 270 -27.72 -9.97 -8.42
CA LEU A 270 -26.40 -9.28 -8.53
C LEU A 270 -25.93 -9.03 -7.08
N THR A 271 -24.64 -8.88 -6.89
CA THR A 271 -24.11 -8.56 -5.56
C THR A 271 -24.15 -7.04 -5.36
N GLN A 272 -24.44 -6.63 -4.14
CA GLN A 272 -24.27 -5.22 -3.69
C GLN A 272 -22.79 -4.85 -3.66
N SER A 273 -21.90 -5.85 -3.63
CA SER A 273 -20.44 -5.58 -3.58
C SER A 273 -19.92 -4.90 -4.86
N ILE A 274 -19.01 -3.95 -4.69
CA ILE A 274 -18.29 -3.20 -5.76
C ILE A 274 -17.68 -4.24 -6.71
N SER A 275 -16.98 -5.20 -6.08
CA SER A 275 -16.22 -6.21 -6.85
CA SER A 275 -16.21 -6.22 -6.84
C SER A 275 -16.58 -7.62 -6.37
N GLY A 276 -16.39 -8.58 -7.24
CA GLY A 276 -16.72 -9.99 -6.96
C GLY A 276 -18.01 -10.48 -7.58
N SER A 277 -18.27 -11.77 -7.38
CA SER A 277 -19.30 -12.50 -8.12
C SER A 277 -20.36 -13.06 -7.20
N VAL A 278 -21.58 -13.09 -7.71
CA VAL A 278 -22.63 -14.00 -7.18
C VAL A 278 -22.14 -15.42 -7.47
N ASN A 279 -22.30 -16.31 -6.52
CA ASN A 279 -21.97 -17.76 -6.69
C ASN A 279 -23.26 -18.58 -6.41
N MET A 280 -24.09 -18.68 -7.44
CA MET A 280 -25.44 -19.28 -7.36
C MET A 280 -25.81 -20.00 -8.67
N GLY A 281 -24.96 -20.96 -9.04
CA GLY A 281 -25.22 -21.89 -10.19
C GLY A 281 -26.56 -22.62 -10.06
N GLY A 282 -27.40 -22.63 -11.12
CA GLY A 282 -28.85 -22.96 -11.03
C GLY A 282 -29.15 -24.40 -10.62
N TYR A 283 -28.32 -25.33 -11.09
CA TYR A 283 -28.43 -26.77 -10.74
C TYR A 283 -27.53 -27.12 -9.54
N ALA A 284 -26.67 -26.23 -9.02
CA ALA A 284 -25.58 -26.59 -8.10
C ALA A 284 -25.42 -25.54 -6.96
N THR A 285 -26.54 -25.12 -6.35
CA THR A 285 -26.58 -24.10 -5.26
C THR A 285 -27.65 -24.50 -4.23
N GLY A 286 -27.41 -24.31 -2.91
CA GLY A 286 -28.48 -24.45 -1.92
C GLY A 286 -29.21 -23.12 -1.81
N ASN A 287 -28.82 -22.07 -2.54
CA ASN A 287 -29.46 -20.73 -2.38
C ASN A 287 -30.99 -20.91 -2.50
N ALA A 288 -31.77 -20.57 -1.47
CA ALA A 288 -33.26 -20.55 -1.56
C ALA A 288 -33.71 -19.61 -2.70
N LEU A 289 -32.89 -18.64 -3.08
CA LEU A 289 -33.23 -17.78 -4.25
C LEU A 289 -33.36 -18.61 -5.51
N ALA A 290 -32.45 -19.52 -5.75
CA ALA A 290 -32.46 -20.37 -6.95
C ALA A 290 -33.74 -21.21 -6.93
N GLN A 291 -34.17 -21.71 -5.77
CA GLN A 291 -35.41 -22.52 -5.70
C GLN A 291 -36.65 -21.63 -5.97
N ALA A 292 -36.55 -20.32 -5.71
CA ALA A 292 -37.62 -19.35 -6.04
C ALA A 292 -37.50 -18.84 -7.48
N GLY A 293 -36.66 -19.46 -8.30
CA GLY A 293 -36.57 -19.15 -9.76
C GLY A 293 -35.63 -17.98 -10.07
N VAL A 294 -34.91 -17.51 -9.08
CA VAL A 294 -33.94 -16.38 -9.33
C VAL A 294 -32.72 -16.97 -10.05
N ILE A 295 -32.20 -16.25 -11.06
CA ILE A 295 -30.96 -16.67 -11.76
C ILE A 295 -29.77 -15.81 -11.30
N SER A 296 -28.58 -16.33 -11.43
CA SER A 296 -27.31 -15.63 -11.13
C SER A 296 -27.02 -14.56 -12.20
N GLY A 297 -26.60 -13.38 -11.75
CA GLY A 297 -25.98 -12.41 -12.65
C GLY A 297 -24.47 -12.42 -12.54
N PHE A 298 -23.90 -13.44 -11.92
CA PHE A 298 -22.42 -13.60 -11.84
C PHE A 298 -21.82 -12.29 -11.32
N ASP A 299 -20.81 -11.77 -12.01
CA ASP A 299 -20.09 -10.54 -11.61
C ASP A 299 -20.51 -9.34 -12.48
N MET A 300 -21.70 -9.38 -13.11
CA MET A 300 -22.15 -8.24 -13.97
C MET A 300 -22.26 -6.97 -13.14
N THR A 301 -21.94 -5.85 -13.75
CA THR A 301 -22.34 -4.53 -13.30
C THR A 301 -23.85 -4.36 -13.42
N VAL A 302 -24.41 -3.39 -12.70
CA VAL A 302 -25.82 -3.03 -12.86
C VAL A 302 -26.06 -2.60 -14.33
N GLU A 303 -25.11 -1.87 -14.88
CA GLU A 303 -25.21 -1.37 -16.27
C GLU A 303 -25.34 -2.52 -17.26
N ALA A 304 -24.49 -3.51 -17.15
CA ALA A 304 -24.52 -4.70 -18.03
C ALA A 304 -25.83 -5.44 -17.82
N ALA A 305 -26.25 -5.72 -16.60
CA ALA A 305 -27.44 -6.57 -16.40
C ALA A 305 -28.68 -5.83 -16.92
N LEU A 306 -28.80 -4.53 -16.64
CA LEU A 306 -29.95 -3.70 -17.04
C LEU A 306 -29.99 -3.60 -18.57
N THR A 307 -28.88 -3.35 -19.22
CA THR A 307 -28.86 -3.25 -20.70
C THR A 307 -29.03 -4.63 -21.31
N LYS A 308 -28.51 -5.68 -20.68
CA LYS A 308 -28.62 -7.05 -21.25
C LYS A 308 -30.10 -7.48 -21.21
N LEU A 309 -30.77 -7.17 -20.13
CA LEU A 309 -32.21 -7.46 -20.04
C LEU A 309 -32.97 -6.66 -21.11
N HIS A 310 -32.62 -5.39 -21.35
CA HIS A 310 -33.27 -4.61 -22.43
C HIS A 310 -33.08 -5.36 -23.74
N TYR A 311 -31.85 -5.78 -24.00
CA TYR A 311 -31.48 -6.46 -25.28
C TYR A 311 -32.32 -7.73 -25.47
N LEU A 312 -32.46 -8.52 -24.42
CA LEU A 312 -33.08 -9.86 -24.54
C LEU A 312 -34.60 -9.70 -24.55
N LEU A 313 -35.15 -8.80 -23.75
CA LEU A 313 -36.58 -8.59 -23.63
C LEU A 313 -37.09 -7.94 -24.95
N SER A 314 -36.26 -7.27 -25.71
CA SER A 314 -36.66 -6.51 -26.92
C SER A 314 -36.81 -7.45 -28.13
N GLN A 315 -36.35 -8.69 -28.00
CA GLN A 315 -36.38 -9.72 -29.06
C GLN A 315 -37.61 -10.59 -28.83
N SER A 316 -37.68 -11.75 -29.48
CA SER A 316 -38.85 -12.66 -29.41
C SER A 316 -38.45 -13.88 -28.59
N LEU A 317 -38.10 -13.69 -27.32
CA LEU A 317 -37.57 -14.82 -26.55
C LEU A 317 -38.56 -15.05 -25.43
N SER A 318 -38.70 -16.29 -25.04
CA SER A 318 -39.53 -16.65 -23.88
C SER A 318 -38.77 -16.31 -22.60
N PRO A 319 -39.44 -16.31 -21.45
CA PRO A 319 -38.79 -16.16 -20.15
C PRO A 319 -37.63 -17.13 -19.97
N ASN A 320 -37.85 -18.39 -20.31
CA ASN A 320 -36.79 -19.42 -20.10
C ASN A 320 -35.63 -19.15 -21.05
N GLU A 321 -35.91 -18.71 -22.28
CA GLU A 321 -34.84 -18.39 -23.24
C GLU A 321 -34.04 -17.20 -22.70
N ILE A 322 -34.73 -16.20 -22.14
CA ILE A 322 -34.02 -15.02 -21.56
C ILE A 322 -33.18 -15.48 -20.38
N ARG A 323 -33.74 -16.30 -19.49
CA ARG A 323 -32.98 -16.75 -18.28
C ARG A 323 -31.69 -17.44 -18.68
N GLN A 324 -31.73 -18.21 -19.79
CA GLN A 324 -30.54 -18.96 -20.20
C GLN A 324 -29.51 -17.96 -20.71
N LEU A 325 -29.94 -17.06 -21.57
CA LEU A 325 -29.00 -16.13 -22.22
C LEU A 325 -28.49 -15.11 -21.19
N MET A 326 -29.27 -14.76 -20.18
CA MET A 326 -28.77 -13.82 -19.12
C MET A 326 -27.53 -14.41 -18.44
N GLN A 327 -27.47 -15.75 -18.28
CA GLN A 327 -26.42 -16.47 -17.55
C GLN A 327 -25.26 -16.79 -18.49
N GLN A 328 -25.37 -16.57 -19.77
CA GLN A 328 -24.28 -16.87 -20.71
C GLN A 328 -23.48 -15.61 -21.02
N ASN A 329 -22.17 -15.73 -21.02
CA ASN A 329 -21.30 -14.61 -21.42
C ASN A 329 -21.46 -14.28 -22.91
N LEU A 330 -22.21 -13.28 -23.27
CA LEU A 330 -22.51 -13.02 -24.69
C LEU A 330 -21.47 -12.10 -25.34
N ARG A 331 -20.96 -11.10 -24.61
CA ARG A 331 -20.09 -10.06 -25.20
C ARG A 331 -18.92 -9.73 -24.29
N GLY A 332 -18.58 -10.60 -23.33
CA GLY A 332 -17.46 -10.34 -22.42
C GLY A 332 -17.89 -9.63 -21.12
N GLU A 333 -19.17 -9.57 -20.83
CA GLU A 333 -19.75 -8.83 -19.68
C GLU A 333 -19.67 -9.62 -18.37
N LEU A 334 -19.43 -10.94 -18.41
CA LEU A 334 -19.44 -11.76 -17.17
C LEU A 334 -18.44 -12.90 -17.28
N THR A 335 -18.00 -13.34 -16.12
CA THR A 335 -16.95 -14.35 -15.96
C THR A 335 -17.60 -15.60 -15.39
N ASP A 336 -17.40 -16.75 -16.02
CA ASP A 336 -17.73 -18.06 -15.39
C ASP A 336 -17.19 -18.19 -13.95
N THR A 337 -18.02 -18.73 -13.06
CA THR A 337 -17.57 -19.05 -11.68
C THR A 337 -16.92 -20.44 -11.72
N GLN B 2 -4.23 -2.87 36.93
CA GLN B 2 -5.12 -3.96 36.44
C GLN B 2 -5.64 -3.65 35.02
N LYS B 3 -5.82 -4.71 34.23
CA LYS B 3 -6.14 -4.63 32.79
C LYS B 3 -7.54 -4.10 32.47
N LYS B 4 -7.67 -3.64 31.22
CA LYS B 4 -8.97 -3.26 30.62
C LYS B 4 -9.76 -4.56 30.43
N SER B 5 -11.09 -4.45 30.44
CA SER B 5 -12.00 -5.58 30.33
C SER B 5 -12.92 -5.38 29.13
N ILE B 6 -12.99 -6.34 28.22
CA ILE B 6 -13.77 -6.20 26.96
C ILE B 6 -14.79 -7.31 26.91
N TYR B 7 -16.02 -6.91 26.64
CA TYR B 7 -17.13 -7.83 26.39
C TYR B 7 -17.15 -8.24 24.89
N VAL B 8 -17.18 -9.53 24.61
CA VAL B 8 -17.22 -10.03 23.22
C VAL B 8 -18.56 -10.74 23.00
N ALA B 9 -19.44 -10.20 22.19
CA ALA B 9 -20.70 -10.87 21.80
C ALA B 9 -20.44 -11.64 20.52
N TYR B 10 -20.48 -12.95 20.60
CA TYR B 10 -20.43 -13.83 19.42
C TYR B 10 -21.82 -14.00 18.90
N THR B 11 -22.24 -13.11 18.01
CA THR B 11 -23.64 -13.07 17.51
C THR B 11 -23.83 -14.05 16.38
N GLY B 12 -22.75 -14.29 15.60
CA GLY B 12 -22.82 -15.18 14.44
C GLY B 12 -21.61 -14.99 13.57
N GLY B 13 -21.60 -15.66 12.43
CA GLY B 13 -20.44 -15.74 11.53
C GLY B 13 -19.57 -16.96 11.87
N THR B 14 -18.61 -17.15 11.00
CA THR B 14 -17.82 -18.41 10.83
C THR B 14 -16.79 -18.59 11.94
N ILE B 15 -16.44 -17.52 12.65
CA ILE B 15 -15.20 -17.48 13.46
C ILE B 15 -15.17 -18.63 14.47
N GLY B 16 -16.28 -18.99 15.07
CA GLY B 16 -16.35 -19.96 16.17
C GLY B 16 -16.98 -21.25 15.69
N MET B 17 -17.10 -21.40 14.36
CA MET B 17 -17.80 -22.61 13.81
C MET B 17 -16.75 -23.65 13.40
N GLN B 18 -17.22 -24.83 13.03
CA GLN B 18 -16.40 -25.95 12.54
C GLN B 18 -16.74 -26.19 11.04
N ARG B 19 -15.69 -26.28 10.25
CA ARG B 19 -15.83 -26.58 8.80
C ARG B 19 -16.25 -28.05 8.67
N SER B 20 -17.23 -28.29 7.82
CA SER B 20 -17.80 -29.65 7.61
C SER B 20 -18.17 -29.81 6.14
N ASP B 21 -18.38 -31.04 5.71
CA ASP B 21 -18.77 -31.25 4.29
C ASP B 21 -20.06 -30.47 4.04
N ASN B 22 -20.96 -30.45 5.04
CA ASN B 22 -22.25 -29.72 4.99
C ASN B 22 -22.05 -28.22 5.32
N GLY B 23 -20.91 -27.62 4.93
CA GLY B 23 -20.48 -26.25 5.31
C GLY B 23 -20.32 -26.07 6.84
N TYR B 24 -20.29 -24.83 7.28
CA TYR B 24 -19.91 -24.53 8.69
C TYR B 24 -21.05 -24.86 9.61
N ILE B 25 -20.72 -25.48 10.72
CA ILE B 25 -21.69 -25.88 11.72
C ILE B 25 -21.32 -25.24 13.05
N PRO B 26 -22.33 -24.95 13.87
CA PRO B 26 -22.12 -24.30 15.15
C PRO B 26 -21.58 -25.35 16.10
N VAL B 27 -20.70 -24.93 16.98
CA VAL B 27 -20.21 -25.79 18.09
C VAL B 27 -20.18 -24.88 19.31
N SER B 28 -21.16 -25.06 20.18
CA SER B 28 -21.34 -24.23 21.38
C SER B 28 -20.06 -24.25 22.20
N GLY B 29 -19.53 -23.06 22.54
CA GLY B 29 -18.37 -22.95 23.44
C GLY B 29 -17.05 -23.13 22.73
N HIS B 30 -17.03 -23.39 21.44
CA HIS B 30 -15.79 -23.69 20.65
C HIS B 30 -14.87 -22.47 20.64
N LEU B 31 -15.42 -21.29 20.40
CA LEU B 31 -14.58 -20.08 20.34
C LEU B 31 -13.91 -19.89 21.69
N GLN B 32 -14.70 -19.94 22.78
CA GLN B 32 -14.15 -19.64 24.13
C GLN B 32 -13.07 -20.67 24.51
N ARG B 33 -13.29 -21.94 24.19
CA ARG B 33 -12.31 -23.01 24.48
C ARG B 33 -11.03 -22.70 23.72
N GLN B 34 -11.11 -22.35 22.44
CA GLN B 34 -9.92 -22.13 21.61
C GLN B 34 -9.12 -20.95 22.17
N LEU B 35 -9.82 -19.86 22.50
CA LEU B 35 -9.10 -18.64 22.91
C LEU B 35 -8.36 -18.91 24.24
N ALA B 36 -8.92 -19.74 25.12
CA ALA B 36 -8.25 -20.05 26.42
C ALA B 36 -6.88 -20.66 26.16
N LEU B 37 -6.68 -21.35 25.03
CA LEU B 37 -5.46 -22.11 24.71
C LEU B 37 -4.57 -21.34 23.76
N MET B 38 -4.89 -20.10 23.40
CA MET B 38 -4.05 -19.39 22.41
C MET B 38 -3.32 -18.30 23.18
N PRO B 39 -1.99 -18.46 23.42
CA PRO B 39 -1.28 -17.59 24.35
C PRO B 39 -1.33 -16.13 23.93
N GLU B 40 -1.39 -15.83 22.62
CA GLU B 40 -1.38 -14.46 22.11
C GLU B 40 -2.53 -13.64 22.73
N PHE B 41 -3.62 -14.26 23.09
CA PHE B 41 -4.81 -13.58 23.69
C PHE B 41 -4.53 -13.17 25.13
N HIS B 42 -3.41 -13.57 25.73
CA HIS B 42 -3.24 -13.39 27.22
C HIS B 42 -1.97 -12.64 27.59
N ARG B 43 -1.40 -11.94 26.60
CA ARG B 43 -0.16 -11.16 26.79
C ARG B 43 -0.48 -9.84 27.52
N PRO B 44 0.53 -9.17 28.11
CA PRO B 44 0.30 -7.96 28.91
C PRO B 44 -0.59 -6.88 28.27
N GLU B 45 -0.42 -6.64 26.98
CA GLU B 45 -1.11 -5.51 26.31
CA GLU B 45 -1.13 -5.48 26.35
C GLU B 45 -2.58 -5.88 25.96
N MET B 46 -2.93 -7.18 25.98
CA MET B 46 -4.26 -7.67 25.68
C MET B 46 -5.15 -7.47 26.88
N PRO B 47 -6.38 -6.99 26.66
CA PRO B 47 -7.33 -6.87 27.76
C PRO B 47 -7.79 -8.21 28.26
N ASP B 48 -8.34 -8.22 29.49
CA ASP B 48 -9.23 -9.32 29.89
C ASP B 48 -10.46 -9.29 28.97
N PHE B 49 -11.05 -10.42 28.65
CA PHE B 49 -12.25 -10.44 27.83
C PHE B 49 -13.18 -11.51 28.33
N THR B 50 -14.48 -11.32 28.10
CA THR B 50 -15.56 -12.29 28.33
C THR B 50 -16.29 -12.55 27.02
N ILE B 51 -16.43 -13.83 26.65
CA ILE B 51 -17.22 -14.24 25.48
C ILE B 51 -18.66 -14.54 25.89
N HIS B 52 -19.62 -14.00 25.23
CA HIS B 52 -21.03 -14.42 25.30
C HIS B 52 -21.43 -14.87 23.90
N GLU B 53 -21.72 -16.15 23.75
CA GLU B 53 -22.10 -16.80 22.48
C GLU B 53 -23.60 -16.75 22.41
N TYR B 54 -24.12 -16.16 21.36
CA TYR B 54 -25.58 -16.15 21.12
C TYR B 54 -25.99 -17.57 20.80
N ALA B 55 -27.23 -17.88 21.15
CA ALA B 55 -27.82 -19.24 20.95
C ALA B 55 -29.25 -18.98 20.53
N PRO B 56 -29.63 -19.16 19.25
CA PRO B 56 -28.75 -19.63 18.17
C PRO B 56 -27.82 -18.53 17.62
N LEU B 57 -26.82 -18.90 16.89
CA LEU B 57 -26.00 -17.92 16.14
C LEU B 57 -26.89 -17.39 15.01
N ILE B 58 -26.68 -16.17 14.54
CA ILE B 58 -27.45 -15.56 13.44
C ILE B 58 -26.58 -15.60 12.19
N ASP B 59 -27.15 -16.10 11.10
CA ASP B 59 -26.53 -15.98 9.76
C ASP B 59 -26.81 -14.52 9.40
N SER B 60 -25.79 -13.73 9.08
CA SER B 60 -26.00 -12.26 9.01
C SER B 60 -26.95 -11.98 7.84
N SER B 61 -27.03 -12.88 6.85
CA SER B 61 -27.95 -12.64 5.71
C SER B 61 -29.41 -12.70 6.21
N ASP B 62 -29.67 -13.29 7.37
CA ASP B 62 -31.03 -13.38 7.98
C ASP B 62 -31.25 -12.30 9.04
N MET B 63 -30.32 -11.37 9.25
CA MET B 63 -30.46 -10.27 10.25
C MET B 63 -31.75 -9.52 9.90
N THR B 64 -32.49 -9.13 10.95
CA THR B 64 -33.61 -8.17 10.92
C THR B 64 -33.31 -7.04 11.89
N PRO B 65 -34.09 -5.94 11.80
CA PRO B 65 -33.98 -4.88 12.78
C PRO B 65 -34.17 -5.34 14.24
N GLU B 66 -34.94 -6.40 14.43
CA GLU B 66 -35.14 -6.97 15.78
C GLU B 66 -33.78 -7.43 16.31
N ASP B 67 -32.95 -7.99 15.43
CA ASP B 67 -31.59 -8.44 15.80
C ASP B 67 -30.68 -7.25 16.07
N TRP B 68 -30.75 -6.17 15.27
CA TRP B 68 -30.09 -4.89 15.64
C TRP B 68 -30.43 -4.53 17.09
N GLN B 69 -31.70 -4.54 17.41
CA GLN B 69 -32.15 -4.18 18.78
C GLN B 69 -31.59 -5.13 19.81
N HIS B 70 -31.52 -6.42 19.53
CA HIS B 70 -31.01 -7.40 20.53
C HIS B 70 -29.56 -7.03 20.80
N ILE B 71 -28.77 -6.70 19.73
CA ILE B 71 -27.35 -6.39 19.94
C ILE B 71 -27.21 -5.07 20.69
N ALA B 72 -27.97 -4.04 20.34
CA ALA B 72 -27.94 -2.76 21.05
C ALA B 72 -28.26 -3.00 22.54
N ASN B 73 -29.27 -3.80 22.81
CA ASN B 73 -29.74 -4.03 24.20
C ASN B 73 -28.65 -4.74 24.97
N ASP B 74 -27.94 -5.66 24.30
CA ASP B 74 -26.84 -6.44 24.91
C ASP B 74 -25.73 -5.47 25.28
N ILE B 75 -25.36 -4.57 24.39
CA ILE B 75 -24.36 -3.56 24.73
C ILE B 75 -24.86 -2.70 25.92
N GLN B 76 -26.11 -2.25 25.88
CA GLN B 76 -26.65 -1.38 26.97
C GLN B 76 -26.54 -2.14 28.29
N GLN B 77 -26.91 -3.40 28.35
CA GLN B 77 -26.96 -4.14 29.64
CA GLN B 77 -26.97 -4.23 29.59
C GLN B 77 -25.54 -4.36 30.11
N ASN B 78 -24.58 -4.42 29.20
CA ASN B 78 -23.16 -4.68 29.61
C ASN B 78 -22.36 -3.38 29.71
N TYR B 79 -22.97 -2.25 29.42
CA TYR B 79 -22.21 -1.01 29.15
C TYR B 79 -21.37 -0.63 30.37
N ASP B 80 -21.97 -0.72 31.59
CA ASP B 80 -21.27 -0.27 32.81
C ASP B 80 -20.34 -1.33 33.33
N LEU B 81 -20.34 -2.55 32.82
CA LEU B 81 -19.57 -3.67 33.36
C LEU B 81 -18.20 -3.80 32.66
N TYR B 82 -17.99 -3.18 31.52
CA TYR B 82 -16.79 -3.35 30.68
C TYR B 82 -16.30 -2.00 30.21
N ASP B 83 -15.05 -1.99 29.70
CA ASP B 83 -14.39 -0.77 29.15
C ASP B 83 -14.65 -0.63 27.64
N GLY B 84 -15.16 -1.67 27.02
CA GLY B 84 -15.38 -1.72 25.59
C GLY B 84 -16.03 -3.01 25.16
N PHE B 85 -16.44 -3.04 23.88
CA PHE B 85 -17.34 -4.05 23.33
C PHE B 85 -16.86 -4.43 21.93
N VAL B 86 -16.73 -5.73 21.71
CA VAL B 86 -16.43 -6.30 20.39
C VAL B 86 -17.59 -7.19 20.01
N ILE B 87 -18.15 -6.93 18.84
CA ILE B 87 -19.29 -7.72 18.36
C ILE B 87 -18.79 -8.59 17.22
N LEU B 88 -18.85 -9.87 17.37
CA LEU B 88 -18.55 -10.79 16.24
C LEU B 88 -19.81 -11.10 15.46
N HIS B 89 -19.72 -10.97 14.11
CA HIS B 89 -20.89 -10.97 13.23
C HIS B 89 -20.51 -11.51 11.86
N GLY B 90 -21.46 -12.13 11.19
CA GLY B 90 -21.28 -12.51 9.78
C GLY B 90 -20.95 -11.32 8.90
N THR B 91 -20.27 -11.56 7.81
CA THR B 91 -19.84 -10.44 6.97
C THR B 91 -20.98 -9.92 6.07
N ASP B 92 -21.94 -10.77 5.67
CA ASP B 92 -22.93 -10.33 4.64
C ASP B 92 -23.54 -8.95 5.00
N THR B 93 -24.03 -8.78 6.22
CA THR B 93 -24.72 -7.56 6.65
C THR B 93 -24.01 -6.84 7.80
N MET B 94 -22.73 -7.13 8.07
CA MET B 94 -21.96 -6.45 9.11
C MET B 94 -22.09 -4.94 8.99
N ALA B 95 -21.96 -4.37 7.78
CA ALA B 95 -22.01 -2.91 7.57
C ALA B 95 -23.39 -2.37 7.94
N PHE B 96 -24.46 -3.10 7.70
CA PHE B 96 -25.80 -2.61 8.09
C PHE B 96 -25.90 -2.60 9.63
N THR B 97 -25.47 -3.63 10.28
CA THR B 97 -25.52 -3.63 11.77
C THR B 97 -24.67 -2.49 12.31
N ALA B 98 -23.45 -2.29 11.82
CA ALA B 98 -22.55 -1.22 12.33
C ALA B 98 -23.30 0.11 12.17
N SER B 99 -23.87 0.35 11.01
CA SER B 99 -24.57 1.62 10.68
C SER B 99 -25.75 1.80 11.65
N ALA B 100 -26.54 0.79 11.82
CA ALA B 100 -27.73 0.87 12.69
C ALA B 100 -27.33 1.16 14.13
N LEU B 101 -26.32 0.46 14.64
CA LEU B 101 -25.87 0.65 16.03
C LEU B 101 -25.34 2.06 16.20
N SER B 102 -24.70 2.67 15.17
CA SER B 102 -24.19 4.05 15.32
C SER B 102 -25.36 4.97 15.66
N PHE B 103 -26.53 4.82 15.02
CA PHE B 103 -27.67 5.71 15.27
C PHE B 103 -28.28 5.37 16.62
N MET B 104 -28.40 4.09 16.90
CA MET B 104 -29.14 3.63 18.12
C MET B 104 -28.41 4.00 19.39
N LEU B 105 -27.08 4.07 19.37
CA LEU B 105 -26.33 4.21 20.63
C LEU B 105 -25.88 5.69 20.76
N GLU B 106 -26.76 6.56 21.22
CA GLU B 106 -26.43 8.03 21.29
C GLU B 106 -25.62 8.33 22.54
N ASN B 107 -24.64 9.22 22.42
CA ASN B 107 -23.70 9.61 23.50
C ASN B 107 -22.84 8.40 23.89
N LEU B 108 -22.55 7.53 22.92
CA LEU B 108 -21.67 6.37 23.22
C LEU B 108 -20.35 6.91 23.68
N ALA B 109 -19.81 6.42 24.80
CA ALA B 109 -18.53 6.96 25.31
C ALA B 109 -17.59 5.83 25.63
N LYS B 110 -17.78 4.67 24.97
CA LYS B 110 -16.83 3.56 25.06
C LYS B 110 -16.74 2.98 23.65
N PRO B 111 -15.63 2.31 23.30
CA PRO B 111 -15.51 1.70 21.98
C PRO B 111 -16.45 0.50 21.78
N VAL B 112 -17.09 0.50 20.63
CA VAL B 112 -17.80 -0.66 20.07
C VAL B 112 -17.12 -1.00 18.74
N ILE B 113 -16.63 -2.25 18.62
CA ILE B 113 -15.96 -2.67 17.38
C ILE B 113 -16.67 -3.92 16.87
N ILE B 114 -17.22 -3.84 15.68
CA ILE B 114 -17.82 -5.03 15.01
CA ILE B 114 -17.85 -4.99 14.96
C ILE B 114 -16.78 -5.62 14.08
N THR B 115 -16.65 -6.94 14.11
CA THR B 115 -15.70 -7.63 13.27
C THR B 115 -16.18 -9.03 13.03
N GLY B 116 -15.35 -9.80 12.36
CA GLY B 116 -15.71 -11.18 12.08
C GLY B 116 -14.64 -11.81 11.27
N SER B 117 -14.98 -12.92 10.63
CA SER B 117 -14.01 -13.56 9.72
C SER B 117 -14.79 -14.47 8.77
N GLN B 118 -14.25 -14.71 7.60
CA GLN B 118 -14.97 -15.72 6.73
C GLN B 118 -14.35 -17.12 6.91
N ILE B 119 -13.33 -17.30 7.75
CA ILE B 119 -12.71 -18.63 8.09
C ILE B 119 -12.76 -18.86 9.60
N PRO B 120 -12.94 -20.11 10.06
CA PRO B 120 -12.82 -20.43 11.49
C PRO B 120 -11.47 -19.96 12.02
N LEU B 121 -11.48 -19.46 13.25
CA LEU B 121 -10.35 -18.88 14.01
C LEU B 121 -9.06 -19.74 13.89
N ALA B 122 -9.26 -21.04 14.07
CA ALA B 122 -8.21 -22.10 14.08
C ALA B 122 -7.40 -22.15 12.77
N GLU B 123 -8.02 -21.90 11.62
CA GLU B 123 -7.46 -22.31 10.31
C GLU B 123 -6.25 -21.46 9.94
N ASP B 124 -5.26 -22.08 9.29
CA ASP B 124 -3.94 -21.45 9.03
C ASP B 124 -4.13 -20.14 8.25
N ALA B 125 -3.40 -19.10 8.70
CA ALA B 125 -3.42 -17.71 8.18
C ALA B 125 -4.86 -17.16 8.19
N SER B 126 -5.69 -17.65 9.14
CA SER B 126 -7.07 -17.16 9.40
C SER B 126 -6.99 -15.77 10.03
N ASP B 127 -7.81 -14.89 9.44
CA ASP B 127 -8.18 -13.52 9.89
C ASP B 127 -9.10 -13.61 11.13
N GLY B 128 -9.65 -14.78 11.49
CA GLY B 128 -10.40 -14.89 12.75
C GLY B 128 -9.53 -14.44 13.88
N GLN B 129 -8.33 -15.05 13.93
CA GLN B 129 -7.39 -14.81 15.06
C GLN B 129 -6.99 -13.35 14.97
N THR B 130 -6.52 -12.87 13.78
CA THR B 130 -5.96 -11.51 13.68
C THR B 130 -7.11 -10.51 13.86
N ASN B 131 -8.31 -10.73 13.27
CA ASN B 131 -9.39 -9.71 13.42
C ASN B 131 -9.81 -9.59 14.90
N LEU B 132 -10.07 -10.69 15.53
CA LEU B 132 -10.54 -10.62 16.96
C LEU B 132 -9.40 -10.11 17.83
N LEU B 133 -8.18 -10.62 17.61
CA LEU B 133 -7.03 -10.18 18.45
C LEU B 133 -6.85 -8.70 18.30
N ASN B 134 -6.86 -8.16 17.09
CA ASN B 134 -6.65 -6.75 16.82
C ASN B 134 -7.80 -5.93 17.42
N ALA B 135 -9.04 -6.38 17.24
CA ALA B 135 -10.17 -5.62 17.74
C ALA B 135 -10.04 -5.51 19.28
N LEU B 136 -9.70 -6.59 19.94
CA LEU B 136 -9.55 -6.56 21.43
C LEU B 136 -8.41 -5.61 21.82
N TYR B 137 -7.29 -5.67 21.12
CA TYR B 137 -6.13 -4.80 21.36
C TYR B 137 -6.52 -3.36 21.19
N LEU B 138 -7.17 -2.99 20.09
CA LEU B 138 -7.51 -1.59 19.78
C LEU B 138 -8.58 -1.09 20.75
N ALA B 139 -9.59 -1.91 21.07
CA ALA B 139 -10.68 -1.48 21.99
C ALA B 139 -10.05 -1.08 23.34
N ALA B 140 -9.02 -1.79 23.73
CA ALA B 140 -8.35 -1.57 25.03
C ALA B 140 -7.26 -0.48 24.98
N ASN B 141 -6.47 -0.43 23.93
CA ASN B 141 -5.22 0.38 23.92
C ASN B 141 -5.38 1.61 23.03
N HIS B 142 -6.29 1.64 22.07
CA HIS B 142 -6.47 2.81 21.15
C HIS B 142 -7.96 3.09 21.02
N PRO B 143 -8.69 3.32 22.11
CA PRO B 143 -10.14 3.34 22.06
C PRO B 143 -10.63 4.52 21.28
N VAL B 144 -11.55 4.26 20.35
CA VAL B 144 -12.32 5.29 19.64
C VAL B 144 -13.74 5.12 20.13
N ASN B 145 -14.34 6.11 20.75
CA ASN B 145 -15.70 6.01 21.37
C ASN B 145 -16.81 6.15 20.34
N GLU B 146 -16.81 5.23 19.39
CA GLU B 146 -17.74 5.19 18.24
C GLU B 146 -17.96 3.70 17.93
N VAL B 147 -19.01 3.44 17.17
CA VAL B 147 -19.21 2.12 16.51
C VAL B 147 -18.26 2.11 15.29
N SER B 148 -17.25 1.26 15.34
CA SER B 148 -16.21 1.07 14.31
C SER B 148 -16.41 -0.37 13.77
N LEU B 149 -15.96 -0.58 12.57
CA LEU B 149 -15.90 -1.90 11.97
C LEU B 149 -14.43 -2.15 11.68
N PHE B 150 -13.92 -3.26 12.16
CA PHE B 150 -12.52 -3.64 11.96
C PHE B 150 -12.49 -4.85 11.03
N PHE B 151 -11.65 -4.76 10.01
CA PHE B 151 -11.39 -5.87 9.12
C PHE B 151 -10.04 -5.66 8.38
N ASN B 152 -9.24 -6.70 8.35
CA ASN B 152 -8.01 -6.72 7.51
C ASN B 152 -7.11 -5.56 7.84
N ASN B 153 -6.76 -5.42 9.10
CA ASN B 153 -5.82 -4.38 9.61
C ASN B 153 -6.37 -2.97 9.39
N GLN B 154 -7.69 -2.78 9.18
CA GLN B 154 -8.22 -1.40 9.03
C GLN B 154 -9.41 -1.18 9.98
N LEU B 155 -9.36 -0.10 10.75
CA LEU B 155 -10.49 0.31 11.58
C LEU B 155 -11.26 1.39 10.84
N PHE B 156 -12.47 1.09 10.43
CA PHE B 156 -13.34 2.01 9.69
C PHE B 156 -14.40 2.58 10.62
N ARG B 157 -14.91 3.76 10.28
CA ARG B 157 -16.11 4.27 11.01
C ARG B 157 -17.28 3.38 10.54
N GLY B 158 -18.03 2.80 11.47
CA GLY B 158 -19.08 1.81 11.12
C GLY B 158 -20.10 2.31 10.09
N ASN B 159 -20.62 3.50 10.25
CA ASN B 159 -21.70 4.05 9.37
C ASN B 159 -21.14 4.64 8.07
N ARG B 160 -19.88 4.30 7.75
CA ARG B 160 -19.21 4.72 6.51
C ARG B 160 -18.75 3.48 5.73
N THR B 161 -19.09 2.30 6.24
CA THR B 161 -18.62 1.00 5.67
C THR B 161 -19.61 0.37 4.72
N THR B 162 -19.06 -0.30 3.74
CA THR B 162 -19.86 -1.16 2.81
C THR B 162 -19.01 -2.39 2.46
N LYS B 163 -19.67 -3.48 2.05
CA LYS B 163 -18.92 -4.69 1.64
C LYS B 163 -18.37 -4.46 0.23
N ALA B 164 -17.07 -4.24 0.16
CA ALA B 164 -16.24 -3.98 -1.05
C ALA B 164 -16.25 -5.19 -1.97
N HIS B 165 -15.72 -6.30 -1.49
CA HIS B 165 -15.55 -7.53 -2.27
CA HIS B 165 -15.58 -7.54 -2.30
C HIS B 165 -16.63 -8.53 -1.82
N ALA B 166 -17.18 -9.28 -2.76
CA ALA B 166 -18.27 -10.24 -2.43
C ALA B 166 -17.76 -11.25 -1.39
N ASP B 167 -16.50 -11.58 -1.43
CA ASP B 167 -15.91 -12.43 -0.35
C ASP B 167 -14.41 -12.13 -0.22
N GLY B 168 -13.69 -12.87 0.61
CA GLY B 168 -12.24 -12.64 0.72
C GLY B 168 -11.87 -11.76 1.91
N PHE B 169 -10.56 -11.62 2.11
CA PHE B 169 -9.98 -11.08 3.38
C PHE B 169 -10.21 -9.58 3.44
N ASP B 170 -10.33 -8.94 2.27
CA ASP B 170 -10.46 -7.45 2.14
C ASP B 170 -11.89 -7.03 1.80
N ALA B 171 -12.81 -7.53 2.62
CA ALA B 171 -14.27 -7.55 2.38
C ALA B 171 -14.83 -6.11 2.50
N PHE B 172 -14.22 -5.22 3.28
CA PHE B 172 -14.93 -3.96 3.67
C PHE B 172 -14.15 -2.75 3.16
N ALA B 173 -14.84 -1.65 2.89
CA ALA B 173 -14.21 -0.36 2.57
C ALA B 173 -15.05 0.74 3.17
N SER B 174 -14.46 1.92 3.29
CA SER B 174 -15.17 3.18 3.67
CA SER B 174 -15.12 3.18 3.70
C SER B 174 -14.83 4.15 2.57
N PRO B 175 -15.58 4.11 1.49
CA PRO B 175 -15.25 4.86 0.28
C PRO B 175 -15.21 6.38 0.43
N ASN B 176 -15.97 6.95 1.37
CA ASN B 176 -16.07 8.42 1.54
C ASN B 176 -15.49 8.90 2.85
N LEU B 177 -14.72 8.10 3.55
CA LEU B 177 -14.05 8.58 4.78
C LEU B 177 -12.78 7.76 4.95
N SER B 178 -11.65 8.41 5.28
N SER B 178 -11.66 8.40 5.29
CA SER B 178 -10.39 7.68 5.56
CA SER B 178 -10.40 7.70 5.59
C SER B 178 -10.63 6.75 6.77
C SER B 178 -10.63 6.75 6.78
N VAL B 179 -9.89 5.65 6.81
CA VAL B 179 -9.89 4.73 7.98
C VAL B 179 -9.61 5.55 9.22
N LEU B 180 -10.25 5.19 10.32
CA LEU B 180 -9.98 5.79 11.63
C LEU B 180 -8.53 5.39 12.03
N LEU B 181 -8.03 4.21 11.62
CA LEU B 181 -6.68 3.67 11.96
C LEU B 181 -6.24 2.63 10.91
N GLU B 182 -5.04 2.84 10.35
CA GLU B 182 -4.31 1.78 9.61
C GLU B 182 -3.59 1.05 10.72
N ALA B 183 -3.96 -0.19 11.02
CA ALA B 183 -3.36 -0.97 12.13
C ALA B 183 -2.46 -2.05 11.51
N GLY B 184 -1.35 -1.62 10.88
CA GLY B 184 -0.23 -2.46 10.41
C GLY B 184 1.01 -2.21 11.24
N ASN B 199 -21.88 13.91 24.84
CA ASN B 199 -22.14 14.63 26.11
C ASN B 199 -23.63 14.51 26.47
N GLY B 200 -23.87 14.03 27.69
CA GLY B 200 -25.13 13.38 28.14
C GLY B 200 -24.89 11.88 28.30
N PRO B 201 -25.72 11.15 29.07
CA PRO B 201 -25.56 9.70 29.24
C PRO B 201 -25.88 8.90 27.96
N LEU B 202 -25.45 7.64 27.90
CA LEU B 202 -25.88 6.69 26.83
C LEU B 202 -27.41 6.69 26.67
N ILE B 203 -27.90 6.94 25.47
CA ILE B 203 -29.35 6.71 25.16
C ILE B 203 -29.41 5.63 24.10
N VAL B 204 -30.20 4.59 24.34
CA VAL B 204 -30.35 3.49 23.37
C VAL B 204 -31.74 3.61 22.76
N HIS B 205 -31.76 4.02 21.51
CA HIS B 205 -33.00 4.24 20.73
C HIS B 205 -33.58 2.91 20.29
N ARG B 206 -34.87 2.87 20.09
CA ARG B 206 -35.56 1.67 19.61
C ARG B 206 -35.60 1.76 18.08
N ILE B 207 -35.44 0.64 17.37
CA ILE B 207 -35.65 0.61 15.92
C ILE B 207 -36.56 -0.59 15.65
N THR B 208 -37.49 -0.40 14.73
CA THR B 208 -38.40 -1.48 14.24
C THR B 208 -38.30 -1.47 12.73
N PRO B 209 -38.77 -2.53 12.06
CA PRO B 209 -38.68 -2.62 10.61
C PRO B 209 -39.53 -1.50 10.02
N GLN B 210 -39.06 -0.95 8.91
CA GLN B 210 -39.73 0.18 8.26
C GLN B 210 -39.83 -0.14 6.79
N PRO B 211 -40.97 0.19 6.17
CA PRO B 211 -41.15 -0.09 4.74
C PRO B 211 -40.50 0.92 3.84
N ILE B 212 -39.27 0.60 3.45
CA ILE B 212 -38.41 1.46 2.59
C ILE B 212 -38.11 0.80 1.26
N GLY B 213 -38.23 1.58 0.20
CA GLY B 213 -37.84 1.06 -1.12
C GLY B 213 -36.44 1.57 -1.46
N VAL B 214 -35.54 0.73 -1.96
CA VAL B 214 -34.17 1.19 -2.33
C VAL B 214 -34.00 0.83 -3.80
N VAL B 215 -34.03 1.82 -4.68
CA VAL B 215 -34.11 1.62 -6.12
C VAL B 215 -33.00 2.31 -6.88
N THR B 216 -32.71 1.80 -8.04
CA THR B 216 -31.68 2.35 -8.93
C THR B 216 -32.33 2.85 -10.19
N ILE B 217 -32.09 4.12 -10.52
CA ILE B 217 -32.60 4.64 -11.84
C ILE B 217 -31.72 4.19 -12.98
N TYR B 218 -32.29 4.16 -14.18
CA TYR B 218 -31.56 3.84 -15.40
C TYR B 218 -32.23 4.52 -16.58
N PRO B 219 -31.54 4.61 -17.73
CA PRO B 219 -32.06 5.31 -18.90
C PRO B 219 -33.42 4.74 -19.33
N GLY B 220 -34.37 5.65 -19.46
CA GLY B 220 -35.72 5.29 -19.92
C GLY B 220 -36.57 4.70 -18.82
N ILE B 221 -36.13 4.79 -17.55
CA ILE B 221 -36.96 4.23 -16.45
C ILE B 221 -38.36 4.92 -16.57
N SER B 222 -39.45 4.14 -16.44
CA SER B 222 -40.81 4.72 -16.64
C SER B 222 -41.46 5.28 -15.37
N GLY B 223 -42.41 6.20 -15.57
CA GLY B 223 -43.32 6.65 -14.49
C GLY B 223 -44.07 5.49 -13.85
N ALA B 224 -44.51 4.55 -14.66
CA ALA B 224 -45.32 3.40 -14.16
C ALA B 224 -44.49 2.56 -13.19
N VAL B 225 -43.24 2.28 -13.54
CA VAL B 225 -42.36 1.45 -12.66
C VAL B 225 -42.08 2.23 -11.42
N VAL B 226 -41.76 3.52 -11.55
CA VAL B 226 -41.49 4.34 -10.33
C VAL B 226 -42.73 4.47 -9.44
N ARG B 227 -43.89 4.59 -10.06
CA ARG B 227 -45.15 4.70 -9.30
C ARG B 227 -45.31 3.48 -8.36
N ASN B 228 -44.87 2.30 -8.81
CA ASN B 228 -45.09 1.08 -8.00
C ASN B 228 -44.11 1.05 -6.84
N PHE B 229 -42.96 1.64 -6.99
CA PHE B 229 -42.04 1.73 -5.84
C PHE B 229 -42.62 2.51 -4.67
N LEU B 230 -43.63 3.34 -4.88
CA LEU B 230 -44.10 4.33 -3.91
C LEU B 230 -45.49 3.91 -3.35
N LEU B 231 -46.02 2.79 -3.79
CA LEU B 231 -47.32 2.29 -3.24
C LEU B 231 -47.20 1.83 -1.80
N GLN B 232 -48.36 1.81 -1.09
CA GLN B 232 -48.39 1.42 0.31
C GLN B 232 -47.78 0.04 0.40
N PRO B 233 -47.02 -0.28 1.47
CA PRO B 233 -46.82 0.56 2.64
C PRO B 233 -45.58 1.48 2.67
N VAL B 234 -44.99 1.76 1.55
CA VAL B 234 -43.70 2.52 1.49
C VAL B 234 -43.86 3.81 2.25
N LYS B 235 -42.94 4.08 3.19
CA LYS B 235 -42.81 5.39 3.88
C LYS B 235 -41.61 6.23 3.43
N ALA B 236 -40.67 5.61 2.76
CA ALA B 236 -39.42 6.29 2.26
C ALA B 236 -38.87 5.54 1.10
N LEU B 237 -38.21 6.29 0.24
CA LEU B 237 -37.59 5.72 -0.98
C LEU B 237 -36.14 6.24 -1.03
N ILE B 238 -35.16 5.34 -1.12
CA ILE B 238 -33.76 5.73 -1.49
C ILE B 238 -33.66 5.58 -2.99
N LEU B 239 -33.37 6.66 -3.69
CA LEU B 239 -33.27 6.71 -5.14
C LEU B 239 -31.76 6.75 -5.43
N ARG B 240 -31.21 5.76 -6.12
CA ARG B 240 -29.76 5.78 -6.49
C ARG B 240 -29.69 6.40 -7.89
N SER B 241 -29.05 7.56 -7.99
CA SER B 241 -29.10 8.37 -9.21
C SER B 241 -27.68 8.54 -9.79
N TYR B 242 -27.53 9.26 -10.86
CA TYR B 242 -26.21 9.29 -11.59
C TYR B 242 -25.25 10.35 -11.07
N GLY B 243 -23.95 10.04 -11.04
CA GLY B 243 -22.93 11.10 -10.81
C GLY B 243 -23.18 11.84 -9.51
N VAL B 244 -23.27 13.20 -9.59
CA VAL B 244 -23.49 14.02 -8.37
C VAL B 244 -24.98 14.17 -8.01
N GLY B 245 -25.82 13.31 -8.53
CA GLY B 245 -27.21 13.16 -8.02
C GLY B 245 -28.21 13.52 -9.12
N ASN B 246 -27.91 13.24 -10.39
CA ASN B 246 -28.70 13.69 -11.55
C ASN B 246 -29.68 12.58 -11.94
N ALA B 247 -30.85 13.02 -12.43
CA ALA B 247 -31.89 12.08 -12.93
C ALA B 247 -32.44 12.69 -14.22
N PRO B 248 -33.11 11.91 -15.06
CA PRO B 248 -33.74 12.43 -16.27
C PRO B 248 -34.68 13.61 -15.93
N GLN B 249 -34.76 14.59 -16.83
CA GLN B 249 -35.58 15.81 -16.58
C GLN B 249 -37.09 15.55 -16.79
N LYS B 250 -37.44 14.44 -17.45
CA LYS B 250 -38.84 14.11 -17.82
C LYS B 250 -39.85 14.22 -16.66
N ALA B 251 -40.95 14.92 -16.93
CA ALA B 251 -42.10 15.14 -16.02
C ALA B 251 -42.68 13.78 -15.56
N GLU B 252 -42.72 12.75 -16.40
CA GLU B 252 -43.25 11.38 -16.08
C GLU B 252 -42.55 10.85 -14.78
N LEU B 253 -41.25 11.02 -14.68
CA LEU B 253 -40.57 10.58 -13.41
C LEU B 253 -40.83 11.59 -12.28
N LEU B 254 -40.57 12.89 -12.53
CA LEU B 254 -40.56 13.86 -11.42
C LEU B 254 -41.96 14.00 -10.81
N ASP B 255 -42.99 13.91 -11.63
CA ASP B 255 -44.39 13.96 -11.11
C ASP B 255 -44.65 12.85 -10.08
N GLU B 256 -44.18 11.61 -10.34
CA GLU B 256 -44.43 10.49 -9.40
C GLU B 256 -43.69 10.77 -8.10
N LEU B 257 -42.44 11.25 -8.19
CA LEU B 257 -41.67 11.58 -6.96
C LEU B 257 -42.32 12.73 -6.19
N LYS B 258 -42.79 13.74 -6.89
CA LYS B 258 -43.44 14.91 -6.20
C LYS B 258 -44.75 14.42 -5.53
N ASN B 259 -45.55 13.61 -6.22
CA ASN B 259 -46.82 13.11 -5.61
C ASN B 259 -46.50 12.34 -4.35
N ALA B 260 -45.46 11.49 -4.37
CA ALA B 260 -45.06 10.73 -3.17
C ALA B 260 -44.64 11.66 -2.06
N SER B 261 -43.77 12.62 -2.32
CA SER B 261 -43.29 13.52 -1.25
C SER B 261 -44.48 14.30 -0.67
N ASP B 262 -45.36 14.77 -1.56
CA ASP B 262 -46.56 15.54 -1.11
C ASP B 262 -47.46 14.69 -0.21
N ARG B 263 -47.43 13.35 -0.30
CA ARG B 263 -48.22 12.55 0.68
C ARG B 263 -47.35 12.06 1.81
N GLY B 264 -46.19 12.67 2.04
CA GLY B 264 -45.45 12.38 3.28
C GLY B 264 -44.36 11.32 3.10
N ILE B 265 -44.12 10.83 1.88
CA ILE B 265 -43.00 9.85 1.67
C ILE B 265 -41.68 10.61 1.63
N VAL B 266 -40.72 10.19 2.39
CA VAL B 266 -39.35 10.80 2.42
C VAL B 266 -38.53 10.19 1.27
N VAL B 267 -38.17 10.99 0.25
CA VAL B 267 -37.42 10.44 -0.91
C VAL B 267 -36.01 11.05 -0.82
N VAL B 268 -35.01 10.19 -0.79
CA VAL B 268 -33.58 10.53 -0.50
C VAL B 268 -32.78 10.21 -1.75
N ASN B 269 -31.97 11.16 -2.21
CA ASN B 269 -31.12 11.02 -3.41
C ASN B 269 -29.70 10.54 -2.98
N LEU B 270 -29.28 9.34 -3.40
CA LEU B 270 -27.92 8.84 -3.17
C LEU B 270 -27.29 8.68 -4.56
N THR B 271 -25.99 8.73 -4.65
CA THR B 271 -25.29 8.49 -5.91
C THR B 271 -25.13 6.97 -6.08
N GLN B 272 -25.21 6.52 -7.33
CA GLN B 272 -24.83 5.16 -7.73
C GLN B 272 -23.33 4.98 -7.61
N SER B 273 -22.55 6.06 -7.65
CA SER B 273 -21.07 5.96 -7.57
C SER B 273 -20.64 5.39 -6.20
N ILE B 274 -19.65 4.54 -6.16
CA ILE B 274 -19.20 4.02 -4.82
C ILE B 274 -18.51 5.15 -4.06
N SER B 275 -17.88 6.10 -4.76
CA SER B 275 -17.27 7.24 -4.01
CA SER B 275 -17.27 7.24 -4.01
C SER B 275 -17.79 8.56 -4.54
N GLY B 276 -17.79 9.54 -3.66
CA GLY B 276 -18.24 10.92 -3.89
C GLY B 276 -19.67 11.18 -3.44
N SER B 277 -20.10 12.41 -3.66
CA SER B 277 -21.28 12.97 -2.96
C SER B 277 -22.32 13.40 -3.97
N VAL B 278 -23.57 13.27 -3.56
CA VAL B 278 -24.67 14.03 -4.20
C VAL B 278 -24.42 15.51 -3.87
N ASN B 279 -24.64 16.38 -4.85
CA ASN B 279 -24.45 17.83 -4.67
C ASN B 279 -25.78 18.52 -4.97
N MET B 280 -26.64 18.60 -3.97
CA MET B 280 -28.04 19.08 -4.03
C MET B 280 -28.44 19.62 -2.61
N GLY B 281 -27.77 20.67 -2.12
CA GLY B 281 -28.23 21.30 -0.86
C GLY B 281 -29.65 21.87 -0.98
N GLY B 282 -30.48 21.76 0.07
CA GLY B 282 -31.96 21.89 0.00
C GLY B 282 -32.48 23.25 -0.49
N TYR B 283 -31.84 24.28 0.06
CA TYR B 283 -32.09 25.71 -0.25
C TYR B 283 -31.23 26.20 -1.42
N ALA B 284 -30.23 25.44 -1.90
CA ALA B 284 -29.18 26.00 -2.79
C ALA B 284 -28.86 24.99 -3.91
N THR B 285 -29.91 24.56 -4.64
CA THR B 285 -29.84 23.57 -5.77
C THR B 285 -30.80 23.89 -6.96
N GLY B 286 -30.26 23.83 -8.19
CA GLY B 286 -31.08 23.88 -9.42
C GLY B 286 -31.70 22.51 -9.71
N ASN B 287 -31.31 21.47 -8.99
CA ASN B 287 -31.99 20.15 -9.14
C ASN B 287 -33.55 20.31 -9.18
N ALA B 288 -34.10 19.86 -10.29
CA ALA B 288 -35.51 19.51 -10.47
C ALA B 288 -35.92 18.54 -9.35
N LEU B 289 -35.00 17.66 -8.87
CA LEU B 289 -35.36 16.66 -7.86
C LEU B 289 -35.78 17.40 -6.60
N ALA B 290 -35.04 18.43 -6.23
CA ALA B 290 -35.33 19.20 -5.01
C ALA B 290 -36.73 19.81 -5.17
N GLN B 291 -37.10 20.31 -6.34
CA GLN B 291 -38.46 20.88 -6.57
C GLN B 291 -39.53 19.80 -6.41
N ALA B 292 -39.17 18.53 -6.67
CA ALA B 292 -40.09 17.38 -6.47
C ALA B 292 -40.08 16.91 -5.02
N GLY B 293 -39.40 17.58 -4.12
CA GLY B 293 -39.42 17.22 -2.68
C GLY B 293 -38.30 16.22 -2.31
N VAL B 294 -37.45 15.89 -3.25
CA VAL B 294 -36.34 14.92 -2.98
C VAL B 294 -35.28 15.65 -2.16
N ILE B 295 -34.71 14.99 -1.14
CA ILE B 295 -33.63 15.56 -0.32
C ILE B 295 -32.31 14.84 -0.66
N SER B 296 -31.21 15.52 -0.42
CA SER B 296 -29.85 14.96 -0.65
C SER B 296 -29.53 13.95 0.46
N GLY B 297 -28.93 12.81 0.08
CA GLY B 297 -28.24 11.94 1.04
C GLY B 297 -26.72 12.15 0.98
N PHE B 298 -26.27 13.26 0.44
CA PHE B 298 -24.81 13.66 0.48
C PHE B 298 -24.01 12.43 0.01
N ASP B 299 -23.01 12.02 0.81
CA ASP B 299 -22.10 10.92 0.45
C ASP B 299 -22.39 9.68 1.28
N MET B 300 -23.61 9.55 1.79
CA MET B 300 -23.95 8.36 2.60
C MET B 300 -23.78 7.09 1.74
N THR B 301 -23.39 6.04 2.42
CA THR B 301 -23.55 4.65 1.92
C THR B 301 -25.03 4.28 1.93
N VAL B 302 -25.38 3.26 1.18
CA VAL B 302 -26.76 2.71 1.22
C VAL B 302 -27.05 2.23 2.63
N GLU B 303 -26.06 1.61 3.26
CA GLU B 303 -26.22 1.07 4.64
C GLU B 303 -26.59 2.20 5.60
N ALA B 304 -25.84 3.29 5.56
CA ALA B 304 -26.12 4.45 6.44
C ALA B 304 -27.51 5.03 6.12
N ALA B 305 -27.82 5.27 4.86
CA ALA B 305 -29.13 5.89 4.53
C ALA B 305 -30.30 5.01 4.98
N LEU B 306 -30.20 3.71 4.71
CA LEU B 306 -31.28 2.73 5.05
C LEU B 306 -31.43 2.62 6.56
N THR B 307 -30.31 2.53 7.31
CA THR B 307 -30.40 2.39 8.77
C THR B 307 -30.82 3.73 9.36
N LYS B 308 -30.42 4.83 8.79
CA LYS B 308 -30.76 6.17 9.33
C LYS B 308 -32.28 6.37 9.17
N LEU B 309 -32.80 5.99 8.04
CA LEU B 309 -34.27 6.08 7.83
C LEU B 309 -34.97 5.17 8.86
N HIS B 310 -34.50 3.94 9.09
CA HIS B 310 -35.08 3.06 10.14
C HIS B 310 -35.11 3.82 11.46
N TYR B 311 -34.00 4.37 11.83
CA TYR B 311 -33.80 5.11 13.10
C TYR B 311 -34.85 6.25 13.21
N LEU B 312 -34.98 7.05 12.17
CA LEU B 312 -35.81 8.28 12.25
C LEU B 312 -37.28 7.90 12.14
N LEU B 313 -37.64 6.96 11.27
CA LEU B 313 -39.04 6.55 11.10
C LEU B 313 -39.52 5.83 12.37
N SER B 314 -38.64 5.27 13.19
CA SER B 314 -39.01 4.48 14.38
C SER B 314 -39.36 5.37 15.57
N GLN B 315 -39.07 6.65 15.49
CA GLN B 315 -39.41 7.63 16.56
CA GLN B 315 -39.42 7.64 16.55
C GLN B 315 -40.76 8.31 16.18
N SER B 316 -41.12 9.41 16.85
CA SER B 316 -42.37 10.16 16.59
C SER B 316 -42.00 11.44 15.87
N LEU B 317 -41.52 11.33 14.64
CA LEU B 317 -41.10 12.53 13.89
C LEU B 317 -42.01 12.60 12.69
N SER B 318 -42.36 13.80 12.26
CA SER B 318 -43.11 14.04 11.02
C SER B 318 -42.19 13.84 9.81
N PRO B 319 -42.75 13.70 8.62
CA PRO B 319 -41.97 13.67 7.38
C PRO B 319 -41.02 14.85 7.26
N ASN B 320 -41.50 16.06 7.59
CA ASN B 320 -40.58 17.23 7.50
C ASN B 320 -39.46 17.11 8.53
N GLU B 321 -39.74 16.65 9.74
CA GLU B 321 -38.67 16.48 10.74
C GLU B 321 -37.67 15.42 10.26
N ILE B 322 -38.17 14.34 9.67
CA ILE B 322 -37.27 13.27 9.16
C ILE B 322 -36.41 13.85 8.03
N ARG B 323 -36.99 14.58 7.11
CA ARG B 323 -36.23 15.20 6.00
C ARG B 323 -35.10 16.08 6.52
N GLN B 324 -35.34 16.83 7.57
CA GLN B 324 -34.32 17.73 8.14
C GLN B 324 -33.18 16.87 8.71
N LEU B 325 -33.52 15.92 9.56
CA LEU B 325 -32.53 15.15 10.28
C LEU B 325 -31.79 14.24 9.30
N MET B 326 -32.42 13.77 8.22
CA MET B 326 -31.72 12.94 7.23
C MET B 326 -30.53 13.70 6.62
N GLN B 327 -30.62 15.04 6.51
CA GLN B 327 -29.60 15.88 5.86
C GLN B 327 -28.62 16.41 6.92
N GLN B 328 -28.79 16.08 8.20
CA GLN B 328 -27.81 16.52 9.21
CA GLN B 328 -27.84 16.52 9.26
C GLN B 328 -26.88 15.36 9.56
N ASN B 329 -25.61 15.64 9.71
CA ASN B 329 -24.62 14.68 10.16
C ASN B 329 -24.85 14.30 11.61
N LEU B 330 -25.49 13.17 11.92
CA LEU B 330 -25.86 12.85 13.33
C LEU B 330 -24.78 12.09 14.03
N ARG B 331 -24.04 11.20 13.36
CA ARG B 331 -23.12 10.24 13.98
C ARG B 331 -21.85 10.10 13.16
N GLY B 332 -21.54 11.04 12.27
CA GLY B 332 -20.34 10.97 11.41
C GLY B 332 -20.57 10.26 10.09
N GLU B 333 -21.81 9.99 9.69
CA GLU B 333 -22.17 9.18 8.48
C GLU B 333 -22.09 10.00 7.21
N LEU B 334 -22.04 11.34 7.27
CA LEU B 334 -22.05 12.15 6.00
C LEU B 334 -21.21 13.42 6.21
N THR B 335 -20.72 13.94 5.11
CA THR B 335 -19.81 15.09 5.04
C THR B 335 -20.59 16.26 4.44
N ASP B 336 -20.63 17.42 5.09
CA ASP B 336 -21.12 18.68 4.46
C ASP B 336 -20.43 18.94 3.09
N THR B 337 -21.16 19.27 2.04
CA THR B 337 -20.58 19.57 0.69
C THR B 337 -19.73 20.86 0.66
N LYS C 3 5.64 18.32 -30.12
CA LYS C 3 5.71 16.98 -29.44
C LYS C 3 7.00 16.93 -28.63
N LYS C 4 7.00 16.38 -27.41
CA LYS C 4 8.27 16.28 -26.63
C LYS C 4 9.21 15.30 -27.29
N SER C 5 10.51 15.50 -27.10
CA SER C 5 11.57 14.64 -27.67
C SER C 5 12.54 14.28 -26.52
N ILE C 6 12.81 12.99 -26.31
CA ILE C 6 13.63 12.51 -25.18
C ILE C 6 14.81 11.77 -25.74
N TYR C 7 15.97 12.06 -25.15
CA TYR C 7 17.24 11.37 -25.47
C TYR C 7 17.39 10.19 -24.51
N VAL C 8 17.63 8.99 -25.02
CA VAL C 8 17.73 7.79 -24.19
C VAL C 8 19.16 7.27 -24.32
N ALA C 9 19.94 7.30 -23.24
CA ALA C 9 21.33 6.76 -23.25
C ALA C 9 21.27 5.37 -22.69
N TYR C 10 21.55 4.39 -23.50
CA TYR C 10 21.59 2.99 -23.09
C TYR C 10 23.02 2.72 -22.67
N THR C 11 23.31 2.87 -21.38
CA THR C 11 24.72 2.78 -20.87
C THR C 11 25.05 1.33 -20.54
N GLY C 12 24.05 0.54 -20.19
CA GLY C 12 24.23 -0.86 -19.75
C GLY C 12 23.03 -1.33 -18.99
N GLY C 13 23.09 -2.57 -18.50
CA GLY C 13 22.00 -3.23 -17.76
C GLY C 13 21.21 -4.22 -18.61
N THR C 14 20.42 -5.03 -17.90
CA THR C 14 19.67 -6.19 -18.43
C THR C 14 18.58 -5.70 -19.41
N ILE C 15 18.12 -4.43 -19.22
CA ILE C 15 16.91 -3.96 -19.92
C ILE C 15 17.07 -4.15 -21.43
N GLY C 16 18.25 -3.97 -22.01
CA GLY C 16 18.38 -4.02 -23.48
C GLY C 16 19.01 -5.30 -23.97
N MET C 17 19.10 -6.29 -23.10
CA MET C 17 19.72 -7.58 -23.46
C MET C 17 18.63 -8.57 -23.94
N GLN C 18 19.09 -9.73 -24.41
CA GLN C 18 18.33 -10.87 -24.99
C GLN C 18 18.59 -12.11 -24.14
N ARG C 19 17.73 -13.13 -24.13
CA ARG C 19 17.95 -14.30 -23.24
C ARG C 19 19.02 -15.28 -23.76
N TYR C 24 21.65 -13.54 -19.52
CA TYR C 24 21.21 -12.75 -20.70
C TYR C 24 22.39 -12.00 -21.31
N ILE C 25 22.26 -11.57 -22.54
CA ILE C 25 23.43 -11.22 -23.39
C ILE C 25 23.14 -9.91 -24.08
N PRO C 26 24.09 -8.98 -24.16
CA PRO C 26 23.89 -7.75 -24.90
C PRO C 26 23.93 -8.03 -26.38
N VAL C 27 23.06 -7.39 -27.16
CA VAL C 27 23.06 -7.48 -28.66
C VAL C 27 22.93 -6.09 -29.24
N SER C 28 23.93 -5.62 -29.98
CA SER C 28 23.94 -4.32 -30.66
C SER C 28 22.62 -4.09 -31.43
N GLY C 29 21.95 -2.97 -31.15
CA GLY C 29 20.77 -2.50 -31.89
C GLY C 29 19.49 -3.15 -31.44
N HIS C 30 19.54 -4.06 -30.47
CA HIS C 30 18.35 -4.85 -30.02
C HIS C 30 17.28 -3.93 -29.45
N LEU C 31 17.70 -3.01 -28.58
CA LEU C 31 16.74 -2.15 -27.91
C LEU C 31 16.00 -1.34 -28.97
N GLN C 32 16.71 -0.73 -29.89
CA GLN C 32 16.13 0.18 -30.89
C GLN C 32 15.14 -0.61 -31.77
N ARG C 33 15.53 -1.83 -32.21
CA ARG C 33 14.67 -2.66 -33.06
C ARG C 33 13.41 -3.00 -32.27
N GLN C 34 13.53 -3.39 -31.00
CA GLN C 34 12.34 -3.79 -30.21
C GLN C 34 11.38 -2.61 -30.02
N LEU C 35 11.92 -1.44 -29.70
CA LEU C 35 11.01 -0.29 -29.40
C LEU C 35 10.24 0.11 -30.68
N ALA C 36 10.83 -0.06 -31.84
CA ALA C 36 10.13 0.27 -33.10
C ALA C 36 8.90 -0.65 -33.28
N LEU C 37 8.90 -1.83 -32.72
CA LEU C 37 7.84 -2.86 -32.90
C LEU C 37 6.86 -2.84 -31.73
N MET C 38 7.04 -2.02 -30.72
CA MET C 38 6.12 -2.09 -29.56
C MET C 38 5.19 -0.88 -29.60
N PRO C 39 3.89 -1.04 -29.99
CA PRO C 39 3.02 0.09 -30.25
C PRO C 39 2.82 1.03 -29.03
N GLU C 40 2.96 0.51 -27.80
CA GLU C 40 2.78 1.32 -26.59
CA GLU C 40 2.80 1.31 -26.58
C GLU C 40 3.78 2.48 -26.56
N PHE C 41 4.89 2.36 -27.24
CA PHE C 41 5.92 3.45 -27.23
C PHE C 41 5.54 4.56 -28.21
N HIS C 42 4.47 4.39 -29.00
CA HIS C 42 4.20 5.31 -30.14
C HIS C 42 2.80 5.94 -30.06
N ARG C 43 2.19 5.87 -28.87
CA ARG C 43 0.85 6.46 -28.62
C ARG C 43 0.97 7.99 -28.54
N PRO C 44 -0.15 8.73 -28.71
CA PRO C 44 -0.11 10.19 -28.79
C PRO C 44 0.65 10.98 -27.72
N GLU C 45 0.54 10.58 -26.46
CA GLU C 45 1.18 11.31 -25.33
C GLU C 45 2.62 10.87 -25.08
N MET C 46 3.06 9.79 -25.71
CA MET C 46 4.46 9.33 -25.57
C MET C 46 5.31 10.28 -26.41
N PRO C 47 6.49 10.67 -25.87
CA PRO C 47 7.37 11.52 -26.61
C PRO C 47 8.02 10.77 -27.76
N ASP C 48 8.55 11.54 -28.71
CA ASP C 48 9.56 11.01 -29.65
C ASP C 48 10.79 10.67 -28.83
N PHE C 49 11.60 9.72 -29.26
CA PHE C 49 12.84 9.39 -28.53
C PHE C 49 13.91 9.01 -29.50
N THR C 50 15.17 9.21 -29.06
CA THR C 50 16.37 8.83 -29.76
C THR C 50 17.17 7.95 -28.84
N ILE C 51 17.59 6.78 -29.30
CA ILE C 51 18.47 5.88 -28.53
C ILE C 51 19.93 6.11 -28.91
N HIS C 52 20.79 6.30 -27.94
CA HIS C 52 22.25 6.22 -28.10
C HIS C 52 22.70 5.03 -27.26
N GLU C 53 23.14 3.99 -27.95
CA GLU C 53 23.66 2.76 -27.29
C GLU C 53 25.16 2.96 -27.07
N TYR C 54 25.60 2.88 -25.83
CA TYR C 54 27.02 3.03 -25.47
C TYR C 54 27.79 1.87 -26.09
N ALA C 55 29.03 2.16 -26.46
CA ALA C 55 29.94 1.18 -27.09
C ALA C 55 31.29 1.32 -26.44
N PRO C 56 31.69 0.49 -25.43
CA PRO C 56 30.94 -0.69 -25.02
C PRO C 56 29.83 -0.41 -24.00
N LEU C 57 28.91 -1.35 -23.80
CA LEU C 57 27.93 -1.29 -22.69
C LEU C 57 28.70 -1.55 -21.41
N ILE C 58 28.25 -1.10 -20.24
CA ILE C 58 29.00 -1.16 -18.95
C ILE C 58 28.15 -1.97 -17.98
N ASP C 59 28.70 -3.01 -17.38
CA ASP C 59 28.04 -3.68 -16.24
C ASP C 59 28.18 -2.68 -15.09
N SER C 60 27.10 -2.36 -14.38
CA SER C 60 27.16 -1.19 -13.43
C SER C 60 28.12 -1.49 -12.31
N SER C 61 28.39 -2.76 -12.00
CA SER C 61 29.36 -3.10 -10.92
C SER C 61 30.78 -2.65 -11.30
N ASP C 62 31.04 -2.45 -12.59
CA ASP C 62 32.34 -1.97 -13.10
C ASP C 62 32.36 -0.46 -13.38
N MET C 63 31.28 0.27 -13.09
CA MET C 63 31.19 1.77 -13.31
C MET C 63 32.34 2.39 -12.49
N THR C 64 32.97 3.44 -13.06
CA THR C 64 33.95 4.30 -12.42
C THR C 64 33.47 5.74 -12.55
N PRO C 65 34.12 6.65 -11.85
CA PRO C 65 33.83 8.08 -12.07
C PRO C 65 34.08 8.55 -13.50
N GLU C 66 34.97 7.86 -14.23
CA GLU C 66 35.20 8.23 -15.65
C GLU C 66 33.89 8.02 -16.41
N ASP C 67 33.15 6.97 -16.04
CA ASP C 67 31.82 6.66 -16.66
C ASP C 67 30.79 7.70 -16.25
N TRP C 68 30.75 8.11 -14.98
CA TRP C 68 29.89 9.26 -14.57
C TRP C 68 30.17 10.45 -15.49
N GLN C 69 31.46 10.76 -15.73
CA GLN C 69 31.80 11.91 -16.57
C GLN C 69 31.29 11.66 -18.00
N HIS C 70 31.43 10.45 -18.53
CA HIS C 70 31.00 10.14 -19.90
C HIS C 70 29.50 10.43 -20.04
N ILE C 71 28.72 9.98 -19.07
CA ILE C 71 27.27 10.18 -19.10
C ILE C 71 26.95 11.66 -18.97
N ALA C 72 27.57 12.36 -18.04
CA ALA C 72 27.33 13.80 -17.88
C ALA C 72 27.69 14.53 -19.19
N ASN C 73 28.81 14.15 -19.81
CA ASN C 73 29.24 14.82 -21.08
C ASN C 73 28.19 14.60 -22.16
N ASP C 74 27.62 13.39 -22.19
CA ASP C 74 26.57 13.00 -23.17
C ASP C 74 25.35 13.87 -22.97
N ILE C 75 24.93 14.07 -21.71
CA ILE C 75 23.79 14.96 -21.43
C ILE C 75 24.16 16.39 -21.84
N GLN C 76 25.35 16.84 -21.50
CA GLN C 76 25.76 18.23 -21.82
C GLN C 76 25.74 18.41 -23.36
N GLN C 77 26.25 17.46 -24.11
CA GLN C 77 26.36 17.59 -25.60
C GLN C 77 24.94 17.67 -26.16
N ASN C 78 24.00 16.95 -25.56
CA ASN C 78 22.65 16.78 -26.11
C ASN C 78 21.65 17.69 -25.43
N TYR C 79 22.10 18.53 -24.50
CA TYR C 79 21.18 19.24 -23.62
C TYR C 79 20.18 20.10 -24.40
N ASP C 80 20.68 20.85 -25.41
CA ASP C 80 19.82 21.83 -26.15
C ASP C 80 18.99 21.12 -27.20
N LEU C 81 19.29 19.89 -27.54
CA LEU C 81 18.63 19.19 -28.69
C LEU C 81 17.37 18.44 -28.23
N TYR C 82 17.21 18.19 -26.93
CA TYR C 82 16.07 17.40 -26.40
C TYR C 82 15.41 18.08 -25.23
N ASP C 83 14.20 17.64 -24.88
CA ASP C 83 13.39 18.20 -23.79
C ASP C 83 13.68 17.45 -22.46
N GLY C 84 14.35 16.33 -22.55
CA GLY C 84 14.67 15.53 -21.37
C GLY C 84 15.47 14.32 -21.73
N PHE C 85 15.91 13.58 -20.70
CA PHE C 85 16.95 12.56 -20.80
C PHE C 85 16.57 11.39 -19.91
N VAL C 86 16.62 10.21 -20.50
CA VAL C 86 16.46 8.96 -19.77
C VAL C 86 17.76 8.20 -19.90
N ILE C 87 18.29 7.77 -18.79
CA ILE C 87 19.57 7.02 -18.77
C ILE C 87 19.26 5.60 -18.37
N LEU C 88 19.53 4.65 -19.26
CA LEU C 88 19.33 3.22 -18.88
C LEU C 88 20.63 2.65 -18.36
N HIS C 89 20.56 1.98 -17.20
CA HIS C 89 21.75 1.63 -16.40
C HIS C 89 21.51 0.31 -15.65
N GLY C 90 22.59 -0.42 -15.33
CA GLY C 90 22.43 -1.56 -14.41
C GLY C 90 22.04 -1.17 -13.06
N THR C 91 21.45 -2.10 -12.34
CA THR C 91 20.91 -1.72 -10.99
C THR C 91 21.96 -1.66 -9.89
N ASP C 92 23.09 -2.37 -10.01
CA ASP C 92 24.03 -2.52 -8.88
C ASP C 92 24.44 -1.14 -8.37
N THR C 93 24.80 -0.24 -9.29
CA THR C 93 25.34 1.10 -8.92
C THR C 93 24.52 2.26 -9.48
N MET C 94 23.27 1.99 -9.92
CA MET C 94 22.38 3.07 -10.41
C MET C 94 22.30 4.20 -9.39
N ALA C 95 22.16 3.97 -8.09
CA ALA C 95 22.00 5.06 -7.10
C ALA C 95 23.28 5.90 -7.04
N PHE C 96 24.47 5.31 -7.20
CA PHE C 96 25.71 6.09 -7.25
C PHE C 96 25.73 6.98 -8.47
N THR C 97 25.43 6.42 -9.62
CA THR C 97 25.41 7.28 -10.84
C THR C 97 24.36 8.40 -10.69
N ALA C 98 23.14 8.11 -10.21
CA ALA C 98 22.12 9.17 -10.04
C ALA C 98 22.67 10.27 -9.15
N SER C 99 23.25 9.90 -7.99
CA SER C 99 23.77 10.83 -7.00
C SER C 99 24.87 11.66 -7.66
N ALA C 100 25.81 11.05 -8.32
CA ALA C 100 26.95 11.78 -8.88
C ALA C 100 26.43 12.80 -9.91
N LEU C 101 25.56 12.36 -10.80
CA LEU C 101 25.03 13.26 -11.88
C LEU C 101 24.28 14.43 -11.22
N SER C 102 23.59 14.21 -10.11
CA SER C 102 22.88 15.31 -9.42
C SER C 102 23.86 16.44 -9.10
N PHE C 103 25.04 16.11 -8.54
CA PHE C 103 26.03 17.11 -8.16
C PHE C 103 26.67 17.73 -9.41
N MET C 104 26.94 16.93 -10.40
CA MET C 104 27.70 17.41 -11.59
C MET C 104 26.87 18.38 -12.40
N LEU C 105 25.56 18.21 -12.42
CA LEU C 105 24.70 19.04 -13.31
C LEU C 105 24.13 20.21 -12.47
N GLU C 106 24.88 21.32 -12.35
CA GLU C 106 24.37 22.49 -11.58
C GLU C 106 23.41 23.30 -12.45
N ASN C 107 22.31 23.76 -11.87
CA ASN C 107 21.26 24.55 -12.56
C ASN C 107 20.57 23.67 -13.60
N LEU C 108 20.46 22.36 -13.36
CA LEU C 108 19.73 21.48 -14.29
C LEU C 108 18.31 21.99 -14.44
N ALA C 109 17.84 22.22 -15.67
CA ALA C 109 16.49 22.75 -15.91
C ALA C 109 15.75 21.87 -16.92
N LYS C 110 16.10 20.61 -17.04
CA LYS C 110 15.33 19.62 -17.81
C LYS C 110 15.38 18.33 -17.00
N PRO C 111 14.41 17.45 -17.19
CA PRO C 111 14.40 16.19 -16.45
C PRO C 111 15.46 15.23 -16.94
N VAL C 112 16.12 14.60 -15.97
CA VAL C 112 17.04 13.47 -16.21
C VAL C 112 16.48 12.32 -15.36
N ILE C 113 16.15 11.19 -15.99
CA ILE C 113 15.59 10.04 -15.22
C ILE C 113 16.48 8.85 -15.52
N ILE C 114 17.07 8.29 -14.48
CA ILE C 114 17.84 7.05 -14.59
CA ILE C 114 17.88 7.05 -14.53
C ILE C 114 16.92 5.88 -14.22
N THR C 115 17.00 4.80 -15.01
CA THR C 115 16.16 3.64 -14.75
C THR C 115 16.85 2.43 -15.30
N GLY C 116 16.18 1.29 -15.16
CA GLY C 116 16.70 0.02 -15.69
C GLY C 116 15.76 -1.11 -15.25
N SER C 117 16.16 -2.37 -15.26
CA SER C 117 15.23 -3.46 -14.80
C SER C 117 15.90 -4.77 -14.36
N GLN C 118 15.14 -5.63 -13.67
CA GLN C 118 15.41 -7.08 -13.49
C GLN C 118 15.49 -7.90 -14.82
N ILE C 119 14.54 -7.66 -15.71
CA ILE C 119 14.16 -8.50 -16.89
C ILE C 119 14.40 -7.72 -18.17
N PRO C 120 14.94 -8.32 -19.24
CA PRO C 120 14.91 -7.68 -20.55
C PRO C 120 13.50 -7.20 -20.93
N LEU C 121 13.46 -6.03 -21.57
CA LEU C 121 12.30 -5.35 -22.19
C LEU C 121 11.35 -6.33 -22.90
N ALA C 122 11.89 -7.26 -23.68
CA ALA C 122 11.07 -8.15 -24.54
C ALA C 122 10.19 -9.09 -23.70
N GLU C 123 10.66 -9.48 -22.52
CA GLU C 123 10.09 -10.63 -21.80
C GLU C 123 8.73 -10.24 -21.19
N ASP C 124 7.82 -11.21 -21.13
CA ASP C 124 6.48 -11.10 -20.50
C ASP C 124 6.66 -10.61 -19.06
N ALA C 125 5.70 -9.77 -18.64
CA ALA C 125 5.54 -9.17 -17.29
C ALA C 125 6.84 -8.42 -16.92
N SER C 126 7.62 -7.96 -17.93
CA SER C 126 8.96 -7.35 -17.71
C SER C 126 8.77 -5.93 -17.19
N ASP C 127 9.53 -5.59 -16.15
CA ASP C 127 9.66 -4.17 -15.66
C ASP C 127 10.54 -3.37 -16.66
N GLY C 128 11.28 -4.02 -17.57
CA GLY C 128 12.01 -3.26 -18.60
C GLY C 128 11.05 -2.39 -19.38
N GLN C 129 10.00 -3.03 -19.88
CA GLN C 129 8.94 -2.31 -20.66
C GLN C 129 8.31 -1.24 -19.78
N THR C 130 7.81 -1.60 -18.57
CA THR C 130 7.07 -0.61 -17.75
C THR C 130 8.04 0.47 -17.27
N ASN C 131 9.27 0.13 -16.88
CA ASN C 131 10.17 1.18 -16.34
C ASN C 131 10.54 2.17 -17.45
N LEU C 132 10.92 1.70 -18.62
CA LEU C 132 11.33 2.64 -19.70
C LEU C 132 10.10 3.39 -20.20
N LEU C 133 8.98 2.69 -20.38
CA LEU C 133 7.74 3.37 -20.87
C LEU C 133 7.36 4.50 -19.90
N ASN C 134 7.36 4.21 -18.61
CA ASN C 134 6.98 5.17 -17.57
C ASN C 134 8.01 6.31 -17.50
N ALA C 135 9.27 6.01 -17.56
CA ALA C 135 10.28 7.09 -17.52
C ALA C 135 10.06 8.05 -18.70
N LEU C 136 9.82 7.52 -19.87
CA LEU C 136 9.61 8.39 -21.08
C LEU C 136 8.34 9.23 -20.92
N TYR C 137 7.28 8.64 -20.41
CA TYR C 137 5.99 9.32 -20.19
C TYR C 137 6.18 10.43 -19.19
N LEU C 138 6.82 10.16 -18.06
CA LEU C 138 7.03 11.16 -16.99
C LEU C 138 7.96 12.26 -17.44
N ALA C 139 9.07 11.93 -18.13
CA ALA C 139 10.04 12.95 -18.56
C ALA C 139 9.32 13.95 -19.48
N ALA C 140 8.38 13.46 -20.26
CA ALA C 140 7.66 14.32 -21.23
C ALA C 140 6.40 14.98 -20.65
N ASN C 141 5.63 14.32 -19.81
CA ASN C 141 4.28 14.77 -19.43
C ASN C 141 4.23 15.24 -17.98
N HIS C 142 5.17 14.85 -17.12
CA HIS C 142 5.19 15.31 -15.70
C HIS C 142 6.63 15.72 -15.35
N PRO C 143 7.28 16.61 -16.12
CA PRO C 143 8.70 16.80 -15.96
C PRO C 143 9.05 17.35 -14.57
N VAL C 144 10.08 16.76 -13.98
CA VAL C 144 10.75 17.25 -12.74
C VAL C 144 12.17 17.59 -13.12
N ASN C 145 12.61 18.85 -13.02
CA ASN C 145 13.95 19.28 -13.48
C ASN C 145 15.06 18.89 -12.48
N GLU C 146 15.18 17.58 -12.25
CA GLU C 146 16.18 17.03 -11.31
C GLU C 146 16.71 15.74 -11.93
N VAL C 147 17.81 15.22 -11.40
CA VAL C 147 18.19 13.83 -11.62
C VAL C 147 17.33 12.96 -10.70
N SER C 148 16.42 12.21 -11.28
CA SER C 148 15.48 11.29 -10.61
C SER C 148 15.89 9.86 -10.96
N LEU C 149 15.49 8.93 -10.12
CA LEU C 149 15.63 7.50 -10.40
C LEU C 149 14.23 6.92 -10.37
N PHE C 150 13.86 6.24 -11.43
CA PHE C 150 12.52 5.65 -11.57
C PHE C 150 12.69 4.14 -11.45
N PHE C 151 11.84 3.55 -10.60
CA PHE C 151 11.78 2.08 -10.52
C PHE C 151 10.42 1.66 -9.92
N ASN C 152 9.76 0.73 -10.58
CA ASN C 152 8.60 0.05 -9.91
C ASN C 152 7.51 1.05 -9.47
N ASN C 153 7.06 1.82 -10.43
CA ASN C 153 6.04 2.88 -10.29
C ASN C 153 6.43 3.96 -9.29
N GLN C 154 7.72 4.20 -9.02
CA GLN C 154 8.10 5.28 -8.09
C GLN C 154 9.18 6.15 -8.70
N LEU C 155 8.99 7.46 -8.62
CA LEU C 155 10.01 8.43 -9.06
C LEU C 155 10.66 8.94 -7.81
N PHE C 156 11.92 8.56 -7.59
CA PHE C 156 12.68 9.02 -6.40
C PHE C 156 13.61 10.15 -6.80
N ARG C 157 13.97 10.98 -5.82
CA ARG C 157 15.06 11.97 -6.03
C ARG C 157 16.34 11.14 -6.11
N GLY C 158 17.14 11.32 -7.16
CA GLY C 158 18.29 10.48 -7.41
C GLY C 158 19.27 10.44 -6.22
N ASN C 159 19.61 11.57 -5.64
CA ASN C 159 20.65 11.68 -4.58
C ASN C 159 20.06 11.32 -3.22
N ARG C 160 18.83 10.79 -3.19
CA ARG C 160 18.19 10.22 -1.97
C ARG C 160 17.99 8.70 -2.06
N THR C 161 18.46 8.10 -3.13
CA THR C 161 18.17 6.67 -3.41
C THR C 161 19.28 5.74 -2.97
N THR C 162 18.86 4.56 -2.53
CA THR C 162 19.79 3.48 -2.18
C THR C 162 19.16 2.16 -2.64
N LYS C 163 19.96 1.13 -2.88
CA LYS C 163 19.52 -0.21 -3.28
C LYS C 163 18.95 -0.83 -2.00
N ALA C 164 17.66 -0.94 -1.89
CA ALA C 164 16.89 -1.47 -0.75
C ALA C 164 17.03 -2.98 -0.65
N HIS C 165 16.61 -3.65 -1.71
CA HIS C 165 16.62 -5.13 -1.83
C HIS C 165 17.80 -5.50 -2.73
N ALA C 166 18.49 -6.59 -2.40
CA ALA C 166 19.66 -7.03 -3.18
C ALA C 166 19.24 -7.30 -4.65
N ASP C 167 18.02 -7.76 -4.85
CA ASP C 167 17.49 -7.87 -6.24
C ASP C 167 15.96 -7.72 -6.22
N GLY C 168 15.28 -7.97 -7.32
CA GLY C 168 13.81 -7.90 -7.31
C GLY C 168 13.30 -6.60 -7.88
N PHE C 169 11.99 -6.55 -8.08
CA PHE C 169 11.29 -5.50 -8.82
C PHE C 169 11.26 -4.22 -7.97
N ASP C 170 11.38 -4.35 -6.64
CA ASP C 170 11.31 -3.18 -5.72
C ASP C 170 12.68 -2.84 -5.09
N ALA C 171 13.68 -2.76 -5.96
CA ALA C 171 15.13 -2.73 -5.69
C ALA C 171 15.53 -1.43 -4.97
N PHE C 172 14.82 -0.33 -5.16
CA PHE C 172 15.31 1.00 -4.72
C PHE C 172 14.39 1.58 -3.67
N ALA C 173 14.95 2.48 -2.88
CA ALA C 173 14.16 3.20 -1.86
C ALA C 173 14.83 4.55 -1.57
N SER C 174 14.04 5.52 -1.16
CA SER C 174 14.56 6.83 -0.69
C SER C 174 14.09 6.92 0.75
N PRO C 175 14.84 6.33 1.71
CA PRO C 175 14.39 6.24 3.10
C PRO C 175 14.24 7.57 3.84
N ASN C 176 14.92 8.62 3.38
CA ASN C 176 14.83 9.93 4.08
C ASN C 176 14.08 11.01 3.29
N LEU C 177 13.43 10.67 2.20
CA LEU C 177 12.62 11.66 1.45
C LEU C 177 11.46 10.92 0.80
N SER C 178 10.25 11.48 0.85
N SER C 178 10.24 11.47 0.86
CA SER C 178 9.11 10.87 0.08
CA SER C 178 9.11 10.88 0.07
C SER C 178 9.43 10.87 -1.42
C SER C 178 9.44 10.88 -1.44
N VAL C 179 8.86 9.92 -2.15
CA VAL C 179 8.99 9.83 -3.63
C VAL C 179 8.56 11.17 -4.18
N LEU C 180 9.25 11.62 -5.24
CA LEU C 180 8.85 12.82 -5.98
C LEU C 180 7.46 12.58 -6.62
N LEU C 181 7.12 11.34 -6.99
CA LEU C 181 5.81 10.95 -7.55
C LEU C 181 5.57 9.46 -7.31
N GLU C 182 4.36 9.14 -6.78
CA GLU C 182 3.79 7.77 -6.87
C GLU C 182 3.20 7.74 -8.28
N ALA C 183 3.78 6.95 -9.17
CA ALA C 183 3.50 7.03 -10.61
C ALA C 183 2.75 5.74 -10.95
N GLY C 184 1.50 5.60 -10.45
CA GLY C 184 0.39 4.84 -11.09
C GLY C 184 -0.52 5.75 -11.91
N SER C 198 17.02 26.67 -10.11
CA SER C 198 17.86 27.17 -11.24
C SER C 198 18.23 28.65 -11.06
N ASN C 199 19.48 28.81 -10.69
CA ASN C 199 20.18 30.08 -10.37
C ASN C 199 20.75 30.71 -11.64
N GLY C 200 20.78 30.01 -12.75
CA GLY C 200 21.47 30.48 -13.97
C GLY C 200 21.62 29.33 -14.96
N PRO C 201 22.52 29.41 -15.95
CA PRO C 201 22.69 28.39 -16.98
C PRO C 201 23.28 27.08 -16.43
N LEU C 202 23.01 25.97 -17.11
CA LEU C 202 23.59 24.65 -16.75
C LEU C 202 25.10 24.77 -16.63
N ILE C 203 25.66 24.28 -15.55
CA ILE C 203 27.13 24.09 -15.42
C ILE C 203 27.37 22.59 -15.23
N VAL C 204 28.24 22.00 -16.03
CA VAL C 204 28.58 20.56 -15.91
C VAL C 204 29.96 20.43 -15.30
N HIS C 205 30.01 19.99 -14.06
CA HIS C 205 31.28 19.93 -13.29
C HIS C 205 32.03 18.65 -13.66
N ARG C 206 33.34 18.68 -13.47
CA ARG C 206 34.19 17.53 -13.71
C ARG C 206 34.23 16.69 -12.43
N ILE C 207 34.45 15.42 -12.63
CA ILE C 207 34.65 14.50 -11.50
C ILE C 207 35.68 13.50 -11.90
N THR C 208 36.57 13.19 -10.98
CA THR C 208 37.62 12.18 -11.17
C THR C 208 37.63 11.30 -9.94
N PRO C 209 38.23 10.12 -10.03
CA PRO C 209 38.33 9.22 -8.89
C PRO C 209 39.04 9.89 -7.73
N GLN C 210 38.55 9.64 -6.51
CA GLN C 210 39.12 10.23 -5.29
C GLN C 210 39.31 9.11 -4.29
N PRO C 211 40.42 9.20 -3.52
CA PRO C 211 40.72 8.23 -2.51
C PRO C 211 39.96 8.50 -1.23
N ILE C 212 38.82 7.81 -1.11
CA ILE C 212 37.87 7.95 0.01
C ILE C 212 37.73 6.62 0.78
N GLY C 213 37.74 6.72 2.08
CA GLY C 213 37.52 5.55 2.92
C GLY C 213 36.09 5.55 3.37
N VAL C 214 35.38 4.44 3.34
CA VAL C 214 34.01 4.38 3.91
C VAL C 214 34.02 3.28 4.96
N VAL C 215 33.97 3.63 6.22
CA VAL C 215 34.15 2.64 7.31
C VAL C 215 32.99 2.66 8.30
N THR C 216 32.76 1.54 8.91
CA THR C 216 31.67 1.33 9.89
C THR C 216 32.33 1.12 11.23
N ILE C 217 31.91 1.93 12.19
CA ILE C 217 32.20 1.85 13.64
CA ILE C 217 32.34 1.77 13.59
C ILE C 217 31.58 0.60 14.23
N TYR C 218 32.23 0.03 15.24
CA TYR C 218 31.65 -1.08 16.01
C TYR C 218 32.32 -1.06 17.37
N PRO C 219 31.68 -1.72 18.37
CA PRO C 219 32.19 -1.72 19.73
C PRO C 219 33.64 -2.21 19.78
N GLY C 220 34.49 -1.38 20.38
CA GLY C 220 35.93 -1.69 20.62
C GLY C 220 36.79 -1.36 19.46
N ILE C 221 36.27 -0.78 18.39
CA ILE C 221 37.11 -0.53 17.18
C ILE C 221 38.36 0.25 17.66
N SER C 222 39.53 -0.11 17.18
CA SER C 222 40.81 0.42 17.71
C SER C 222 41.30 1.63 16.92
N GLY C 223 42.15 2.43 17.58
CA GLY C 223 42.92 3.49 16.89
C GLY C 223 43.80 2.96 15.80
N ALA C 224 44.40 1.78 16.01
CA ALA C 224 45.29 1.16 14.99
C ALA C 224 44.55 0.86 13.69
N VAL C 225 43.31 0.35 13.79
CA VAL C 225 42.55 -0.01 12.59
C VAL C 225 42.14 1.31 11.94
N VAL C 226 41.66 2.25 12.74
CA VAL C 226 41.18 3.55 12.12
C VAL C 226 42.35 4.30 11.49
N ARG C 227 43.53 4.26 12.09
CA ARG C 227 44.76 4.89 11.54
CA ARG C 227 44.78 4.87 11.54
C ARG C 227 45.02 4.36 10.13
N ASN C 228 44.81 3.08 9.89
CA ASN C 228 44.98 2.50 8.56
C ASN C 228 44.01 3.07 7.54
N PHE C 229 42.77 3.32 7.93
CA PHE C 229 41.76 3.86 7.00
C PHE C 229 42.11 5.29 6.57
N LEU C 230 42.94 5.95 7.36
CA LEU C 230 43.27 7.37 7.21
C LEU C 230 44.64 7.56 6.58
N LEU C 231 45.38 6.47 6.30
CA LEU C 231 46.70 6.63 5.67
C LEU C 231 46.59 7.19 4.27
N GLN C 232 47.66 7.87 3.84
CA GLN C 232 47.76 8.38 2.46
C GLN C 232 47.53 7.15 1.57
N PRO C 233 46.87 7.27 0.41
CA PRO C 233 46.44 8.56 -0.16
C PRO C 233 45.04 9.12 0.21
N VAL C 234 44.44 8.61 1.28
CA VAL C 234 43.04 8.97 1.62
C VAL C 234 42.97 10.48 1.75
N LYS C 235 41.96 11.08 1.11
CA LYS C 235 41.62 12.49 1.31
C LYS C 235 40.36 12.75 2.11
N ALA C 236 39.52 11.75 2.28
CA ALA C 236 38.25 11.88 3.04
C ALA C 236 37.86 10.52 3.57
N LEU C 237 37.14 10.56 4.68
CA LEU C 237 36.64 9.35 5.34
C LEU C 237 35.17 9.56 5.65
N ILE C 238 34.34 8.65 5.18
CA ILE C 238 32.94 8.55 5.64
C ILE C 238 32.95 7.60 6.84
N LEU C 239 32.51 8.06 7.96
CA LEU C 239 32.40 7.29 9.21
C LEU C 239 30.94 6.93 9.38
N ARG C 240 30.60 5.63 9.41
CA ARG C 240 29.20 5.21 9.65
C ARG C 240 29.07 4.91 11.15
N SER C 241 28.32 5.76 11.86
CA SER C 241 28.28 5.73 13.33
C SER C 241 26.90 5.30 13.81
N TYR C 242 26.68 5.27 15.10
CA TYR C 242 25.45 4.71 15.68
C TYR C 242 24.30 5.73 15.78
N GLY C 243 23.05 5.32 15.56
CA GLY C 243 21.90 6.15 15.90
C GLY C 243 21.98 7.52 15.28
N VAL C 244 21.88 8.56 16.10
CA VAL C 244 21.97 9.98 15.62
C VAL C 244 23.39 10.50 15.53
N GLY C 245 24.37 9.61 15.36
CA GLY C 245 25.75 9.95 14.98
C GLY C 245 26.71 9.82 16.15
N ASN C 246 26.46 8.86 17.02
CA ASN C 246 27.23 8.62 18.26
C ASN C 246 28.36 7.64 18.00
N ALA C 247 29.48 7.84 18.70
CA ALA C 247 30.69 7.01 18.58
C ALA C 247 31.24 6.84 19.99
N PRO C 248 32.15 5.88 20.21
CA PRO C 248 32.76 5.72 21.53
C PRO C 248 33.50 7.02 21.90
N GLN C 249 33.58 7.39 23.19
CA GLN C 249 34.24 8.68 23.58
C GLN C 249 35.78 8.57 23.66
N LYS C 250 36.27 7.36 23.44
CA LYS C 250 37.64 6.81 23.37
C LYS C 250 38.66 7.78 22.80
N ALA C 251 39.66 8.19 23.60
CA ALA C 251 40.72 9.09 23.13
C ALA C 251 41.50 8.48 21.96
N GLU C 252 41.73 7.16 21.99
CA GLU C 252 42.46 6.39 20.95
C GLU C 252 41.80 6.63 19.58
N LEU C 253 40.50 6.62 19.51
CA LEU C 253 39.80 6.85 18.22
C LEU C 253 39.78 8.38 17.94
N LEU C 254 39.38 9.21 18.89
CA LEU C 254 39.18 10.67 18.62
C LEU C 254 40.51 11.31 18.22
N ASP C 255 41.60 10.87 18.84
CA ASP C 255 42.94 11.43 18.50
C ASP C 255 43.28 11.15 17.04
N GLU C 256 42.95 9.95 16.54
CA GLU C 256 43.26 9.62 15.12
C GLU C 256 42.44 10.53 14.19
N LEU C 257 41.15 10.73 14.49
CA LEU C 257 40.23 11.56 13.68
C LEU C 257 40.74 13.00 13.69
N LYS C 258 41.14 13.49 14.85
CA LYS C 258 41.60 14.90 14.96
C LYS C 258 42.92 15.08 14.20
N ASN C 259 43.84 14.13 14.34
CA ASN C 259 45.14 14.17 13.62
C ASN C 259 44.88 14.21 12.12
N ALA C 260 43.97 13.39 11.63
CA ALA C 260 43.63 13.35 10.18
C ALA C 260 43.02 14.71 9.77
N SER C 261 42.04 15.20 10.50
CA SER C 261 41.37 16.49 10.14
C SER C 261 42.42 17.60 10.09
N ASP C 262 43.33 17.59 11.06
CA ASP C 262 44.38 18.65 11.16
C ASP C 262 45.33 18.56 9.98
N ARG C 263 45.44 17.44 9.28
CA ARG C 263 46.25 17.42 8.05
C ARG C 263 45.37 17.49 6.81
N GLY C 264 44.15 17.97 6.95
CA GLY C 264 43.35 18.26 5.74
C GLY C 264 42.42 17.15 5.27
N ILE C 265 42.31 16.07 6.04
CA ILE C 265 41.34 14.98 5.66
C ILE C 265 39.94 15.40 6.09
N VAL C 266 39.00 15.26 5.18
CA VAL C 266 37.57 15.58 5.47
C VAL C 266 36.91 14.32 6.05
N VAL C 267 36.44 14.40 7.28
CA VAL C 267 35.78 13.24 7.95
C VAL C 267 34.34 13.58 8.15
N VAL C 268 33.46 12.81 7.51
CA VAL C 268 32.00 13.05 7.46
C VAL C 268 31.30 11.95 8.27
N ASN C 269 30.39 12.33 9.15
CA ASN C 269 29.64 11.41 10.03
C ASN C 269 28.28 11.09 9.41
N LEU C 270 28.03 9.82 9.06
CA LEU C 270 26.73 9.35 8.57
C LEU C 270 26.22 8.32 9.57
N THR C 271 24.94 8.12 9.62
CA THR C 271 24.38 7.08 10.51
C THR C 271 24.43 5.74 9.76
N GLN C 272 24.66 4.68 10.52
CA GLN C 272 24.45 3.26 10.08
C GLN C 272 22.96 2.99 9.81
N SER C 273 22.07 3.74 10.42
CA SER C 273 20.60 3.50 10.27
C SER C 273 20.15 3.80 8.82
N ILE C 274 19.30 3.00 8.26
CA ILE C 274 18.84 3.26 6.86
C ILE C 274 17.96 4.49 6.83
N SER C 275 17.24 4.83 7.91
CA SER C 275 16.50 6.09 7.97
C SER C 275 16.90 6.93 9.16
N GLY C 276 16.72 8.24 9.01
CA GLY C 276 16.99 9.24 10.01
C GLY C 276 18.34 9.91 9.91
N SER C 277 18.54 10.87 10.77
CA SER C 277 19.59 11.87 10.63
C SER C 277 20.61 11.79 11.74
N VAL C 278 21.86 12.02 11.39
CA VAL C 278 22.90 12.42 12.36
C VAL C 278 22.45 13.79 12.89
N ASN C 279 22.53 13.97 14.20
CA ASN C 279 22.11 15.18 14.93
C ASN C 279 23.23 15.40 15.91
N MET C 280 24.37 15.82 15.42
CA MET C 280 25.61 15.98 16.20
C MET C 280 25.56 17.44 16.71
N GLY C 281 25.78 17.72 17.97
CA GLY C 281 26.08 19.13 18.28
C GLY C 281 27.31 19.56 17.47
N GLY C 282 27.49 20.85 17.26
CA GLY C 282 28.75 21.44 16.82
C GLY C 282 29.74 21.57 17.93
N TYR C 283 30.86 22.14 17.56
CA TYR C 283 31.96 22.52 18.46
C TYR C 283 31.43 23.22 19.73
N ALA C 284 30.44 24.10 19.57
CA ALA C 284 29.84 24.90 20.64
C ALA C 284 29.17 23.98 21.68
N THR C 285 28.76 22.75 21.33
CA THR C 285 28.04 21.87 22.29
C THR C 285 29.09 21.05 23.02
N GLY C 286 30.37 21.09 22.62
CA GLY C 286 31.39 20.23 23.26
C GLY C 286 31.36 18.82 22.66
N ASN C 287 30.66 18.64 21.57
CA ASN C 287 30.61 17.31 20.87
C ASN C 287 32.05 16.87 20.57
N ALA C 288 32.39 15.62 20.96
CA ALA C 288 33.81 15.17 20.84
C ALA C 288 34.17 15.01 19.35
N LEU C 289 33.24 14.49 18.53
CA LEU C 289 33.56 14.30 17.10
C LEU C 289 33.76 15.67 16.45
N ALA C 290 32.88 16.62 16.75
CA ALA C 290 32.98 17.99 16.19
C ALA C 290 34.33 18.57 16.59
N GLN C 291 34.75 18.36 17.81
CA GLN C 291 36.06 18.91 18.31
C GLN C 291 37.23 18.28 17.56
N ALA C 292 37.05 17.05 17.01
CA ALA C 292 38.04 16.37 16.18
C ALA C 292 37.96 16.79 14.70
N GLY C 293 37.10 17.73 14.36
CA GLY C 293 36.94 18.22 12.97
C GLY C 293 35.98 17.37 12.16
N VAL C 294 35.27 16.45 12.79
CA VAL C 294 34.23 15.65 12.08
C VAL C 294 33.02 16.53 11.82
N ILE C 295 32.50 16.49 10.60
CA ILE C 295 31.27 17.24 10.22
C ILE C 295 30.13 16.29 9.99
N SER C 296 28.95 16.77 10.22
CA SER C 296 27.68 16.02 10.05
C SER C 296 27.37 15.82 8.56
N GLY C 297 26.92 14.59 8.26
CA GLY C 297 26.39 14.23 6.94
C GLY C 297 24.87 14.24 7.01
N PHE C 298 24.31 14.63 8.16
CA PHE C 298 22.83 14.70 8.33
C PHE C 298 22.22 13.35 7.95
N ASP C 299 21.22 13.34 7.07
CA ASP C 299 20.51 12.14 6.64
C ASP C 299 20.95 11.70 5.22
N MET C 300 22.14 12.07 4.78
CA MET C 300 22.62 11.64 3.43
C MET C 300 22.72 10.09 3.40
N THR C 301 22.39 9.53 2.26
CA THR C 301 22.77 8.17 1.90
C THR C 301 24.29 8.09 1.73
N VAL C 302 24.82 6.86 1.75
CA VAL C 302 26.27 6.65 1.45
C VAL C 302 26.52 7.09 0.03
N GLU C 303 25.59 6.80 -0.88
CA GLU C 303 25.74 7.17 -2.30
C GLU C 303 25.90 8.70 -2.43
N ALA C 304 25.02 9.46 -1.79
CA ALA C 304 25.09 10.95 -1.83
C ALA C 304 26.42 11.40 -1.22
N ALA C 305 26.78 10.92 -0.03
CA ALA C 305 27.97 11.45 0.63
C ALA C 305 29.23 11.14 -0.22
N LEU C 306 29.31 9.93 -0.72
CA LEU C 306 30.48 9.41 -1.47
C LEU C 306 30.61 10.20 -2.78
N THR C 307 29.51 10.40 -3.49
CA THR C 307 29.57 11.11 -4.78
C THR C 307 29.76 12.61 -4.51
N LYS C 308 29.19 13.16 -3.45
CA LYS C 308 29.35 14.61 -3.15
C LYS C 308 30.81 14.86 -2.84
N LEU C 309 31.44 14.00 -2.07
CA LEU C 309 32.87 14.10 -1.79
C LEU C 309 33.66 14.06 -3.12
N HIS C 310 33.35 13.15 -4.01
CA HIS C 310 34.05 13.08 -5.31
C HIS C 310 33.94 14.45 -6.01
N TYR C 311 32.73 14.96 -6.07
CA TYR C 311 32.39 16.25 -6.70
C TYR C 311 33.27 17.36 -6.09
N LEU C 312 33.29 17.47 -4.78
CA LEU C 312 33.94 18.58 -4.07
C LEU C 312 35.44 18.43 -4.10
N LEU C 313 35.98 17.21 -3.99
CA LEU C 313 37.42 16.98 -4.03
C LEU C 313 37.96 17.23 -5.45
N SER C 314 37.15 17.15 -6.47
CA SER C 314 37.57 17.19 -7.89
C SER C 314 37.70 18.65 -8.36
N GLN C 315 37.34 19.63 -7.53
CA GLN C 315 37.38 21.07 -7.92
C GLN C 315 38.66 21.69 -7.34
N SER C 316 38.71 23.00 -7.08
CA SER C 316 39.88 23.63 -6.42
C SER C 316 39.44 24.12 -5.06
N LEU C 317 39.01 23.23 -4.17
CA LEU C 317 38.48 23.70 -2.86
C LEU C 317 39.45 23.25 -1.79
N SER C 318 39.60 24.04 -0.76
CA SER C 318 40.39 23.63 0.41
C SER C 318 39.57 22.64 1.23
N PRO C 319 40.23 21.91 2.15
CA PRO C 319 39.53 21.03 3.08
C PRO C 319 38.42 21.74 3.84
N ASN C 320 38.71 22.96 4.34
CA ASN C 320 37.70 23.75 5.04
C ASN C 320 36.50 24.05 4.13
N GLU C 321 36.75 24.45 2.89
CA GLU C 321 35.67 24.74 1.95
C GLU C 321 34.87 23.47 1.63
N ILE C 322 35.54 22.31 1.50
CA ILE C 322 34.78 21.05 1.25
C ILE C 322 33.95 20.71 2.50
N ARG C 323 34.50 20.86 3.70
CA ARG C 323 33.69 20.56 4.90
C ARG C 323 32.46 21.45 4.97
N GLN C 324 32.58 22.72 4.58
CA GLN C 324 31.41 23.63 4.59
C GLN C 324 30.41 23.17 3.56
N LEU C 325 30.86 22.90 2.34
CA LEU C 325 29.92 22.54 1.28
C LEU C 325 29.31 21.16 1.53
N MET C 326 30.02 20.26 2.17
CA MET C 326 29.43 18.90 2.47
C MET C 326 28.19 19.05 3.34
N GLN C 327 28.12 20.08 4.20
CA GLN C 327 27.00 20.25 5.16
C GLN C 327 25.90 21.12 4.51
N GLN C 328 26.12 21.68 3.34
CA GLN C 328 25.10 22.57 2.69
C GLN C 328 24.26 21.69 1.76
N ASN C 329 22.97 21.91 1.76
CA ASN C 329 22.04 21.16 0.91
C ASN C 329 22.19 21.70 -0.51
N LEU C 330 22.90 21.05 -1.39
CA LEU C 330 23.23 21.62 -2.73
C LEU C 330 22.16 21.26 -3.75
N ARG C 331 21.60 20.03 -3.69
CA ARG C 331 20.73 19.47 -4.72
C ARG C 331 19.57 18.73 -4.11
N GLY C 332 19.23 18.98 -2.84
CA GLY C 332 18.11 18.26 -2.20
C GLY C 332 18.48 16.91 -1.56
N GLU C 333 19.77 16.65 -1.39
CA GLU C 333 20.34 15.38 -0.88
C GLU C 333 20.22 15.28 0.64
N LEU C 334 20.01 16.38 1.35
CA LEU C 334 20.02 16.33 2.84
C LEU C 334 19.02 17.32 3.40
N THR C 335 18.56 17.00 4.58
CA THR C 335 17.60 17.79 5.39
C THR C 335 18.38 18.41 6.55
N ASP C 336 18.41 19.74 6.69
CA ASP C 336 18.74 20.35 8.02
C ASP C 336 17.55 21.22 8.49
N GLN D 2 6.86 -22.12 42.02
CA GLN D 2 6.11 -22.31 40.74
C GLN D 2 5.63 -20.99 40.10
N LYS D 3 5.78 -19.83 40.76
CA LYS D 3 5.70 -18.53 40.02
C LYS D 3 7.02 -18.34 39.27
N LYS D 4 7.03 -17.91 38.01
CA LYS D 4 8.28 -17.68 37.27
C LYS D 4 9.03 -16.49 37.86
N SER D 5 10.36 -16.53 37.76
CA SER D 5 11.25 -15.50 38.25
C SER D 5 12.23 -15.07 37.13
N ILE D 6 12.35 -13.78 36.87
CA ILE D 6 13.16 -13.23 35.77
C ILE D 6 14.21 -12.30 36.37
N TYR D 7 15.43 -12.43 35.86
CA TYR D 7 16.55 -11.56 36.19
C TYR D 7 16.65 -10.41 35.20
N VAL D 8 16.71 -9.16 35.70
CA VAL D 8 16.83 -7.97 34.80
C VAL D 8 18.18 -7.33 35.04
N ALA D 9 19.07 -7.29 34.06
CA ALA D 9 20.32 -6.50 34.17
C ALA D 9 20.05 -5.15 33.54
N TYR D 10 20.09 -4.10 34.33
CA TYR D 10 19.98 -2.72 33.82
C TYR D 10 21.40 -2.26 33.50
N THR D 11 21.85 -2.48 32.29
CA THR D 11 23.24 -2.25 31.86
C THR D 11 23.42 -0.79 31.48
N GLY D 12 22.36 -0.16 31.01
CA GLY D 12 22.44 1.22 30.53
C GLY D 12 21.22 1.56 29.71
N GLY D 13 21.21 2.77 29.21
CA GLY D 13 20.10 3.27 28.40
C GLY D 13 19.27 4.24 29.23
N THR D 14 18.50 5.00 28.50
CA THR D 14 17.72 6.15 29.01
C THR D 14 16.53 5.62 29.82
N ILE D 15 16.17 4.34 29.67
CA ILE D 15 14.88 3.85 30.23
C ILE D 15 14.81 4.19 31.73
N GLY D 16 15.91 4.07 32.48
CA GLY D 16 15.88 4.21 33.95
C GLY D 16 16.46 5.57 34.38
N MET D 17 16.67 6.49 33.44
CA MET D 17 17.40 7.74 33.74
C MET D 17 16.35 8.84 34.02
N GLN D 18 16.84 10.02 34.38
CA GLN D 18 15.98 11.22 34.63
C GLN D 18 16.36 12.33 33.66
N ARG D 19 15.37 13.09 33.21
CA ARG D 19 15.53 14.15 32.17
C ARG D 19 16.27 15.38 32.70
N SER D 20 16.86 16.17 31.76
CA SER D 20 17.44 17.53 31.95
C SER D 20 17.29 18.37 30.67
N TYR D 24 20.11 13.48 29.73
CA TYR D 24 19.58 12.55 30.77
C TYR D 24 20.68 12.24 31.72
N ILE D 25 20.34 12.03 32.98
CA ILE D 25 21.35 11.65 33.98
C ILE D 25 20.91 10.34 34.66
N PRO D 26 21.91 9.57 35.10
CA PRO D 26 21.66 8.35 35.86
C PRO D 26 21.23 8.74 37.27
N VAL D 27 20.31 8.00 37.82
CA VAL D 27 19.86 8.15 39.22
C VAL D 27 19.78 6.74 39.77
N SER D 28 20.70 6.39 40.65
CA SER D 28 20.83 5.01 41.17
C SER D 28 19.50 4.64 41.84
N GLY D 29 18.96 3.47 41.49
CA GLY D 29 17.73 2.93 42.10
C GLY D 29 16.46 3.51 41.50
N HIS D 30 16.55 4.45 40.57
CA HIS D 30 15.37 5.17 40.02
C HIS D 30 14.45 4.20 39.26
N LEU D 31 15.01 3.29 38.46
CA LEU D 31 14.17 2.33 37.71
C LEU D 31 13.38 1.50 38.73
N GLN D 32 14.05 0.92 39.72
CA GLN D 32 13.40 -0.01 40.69
CA GLN D 32 13.43 0.01 40.72
C GLN D 32 12.32 0.76 41.46
N ARG D 33 12.58 2.00 41.87
CA ARG D 33 11.59 2.81 42.62
C ARG D 33 10.38 3.01 41.73
N GLN D 34 10.58 3.38 40.46
CA GLN D 34 9.44 3.67 39.55
C GLN D 34 8.65 2.39 39.32
N LEU D 35 9.31 1.26 39.11
CA LEU D 35 8.60 0.00 38.80
C LEU D 35 7.75 -0.40 39.99
N ALA D 36 8.15 -0.11 41.21
CA ALA D 36 7.34 -0.48 42.40
C ALA D 36 5.97 0.23 42.31
N LEU D 37 5.91 1.41 41.69
CA LEU D 37 4.69 2.25 41.62
C LEU D 37 3.97 2.10 40.29
N MET D 38 4.40 1.19 39.41
CA MET D 38 3.66 0.97 38.15
C MET D 38 2.91 -0.35 38.25
N PRO D 39 1.56 -0.30 38.46
CA PRO D 39 0.82 -1.49 38.88
C PRO D 39 0.88 -2.65 37.88
N GLU D 40 1.09 -2.32 36.59
CA GLU D 40 1.09 -3.36 35.54
C GLU D 40 2.15 -4.43 35.82
N PHE D 41 3.23 -4.05 36.49
CA PHE D 41 4.39 -4.94 36.73
C PHE D 41 4.05 -5.96 37.80
N HIS D 42 2.91 -5.79 38.49
CA HIS D 42 2.67 -6.60 39.71
C HIS D 42 1.31 -7.31 39.66
N ARG D 43 0.74 -7.44 38.48
CA ARG D 43 -0.42 -8.29 38.21
C ARG D 43 -0.06 -9.75 38.41
N PRO D 44 -1.05 -10.59 38.77
CA PRO D 44 -0.82 -12.00 39.11
C PRO D 44 -0.15 -12.83 38.01
N GLU D 45 -0.43 -12.55 36.75
CA GLU D 45 0.12 -13.36 35.64
C GLU D 45 1.58 -12.93 35.34
N MET D 46 2.05 -11.81 35.91
CA MET D 46 3.44 -11.34 35.67
C MET D 46 4.38 -12.16 36.51
N PRO D 47 5.57 -12.45 35.98
CA PRO D 47 6.62 -13.08 36.80
C PRO D 47 7.13 -12.18 37.89
N ASP D 48 7.72 -12.82 38.92
CA ASP D 48 8.53 -12.05 39.87
C ASP D 48 9.78 -11.57 39.08
N PHE D 49 10.41 -10.47 39.50
CA PHE D 49 11.65 -10.08 38.82
C PHE D 49 12.60 -9.47 39.82
N THR D 50 13.90 -9.53 39.51
CA THR D 50 14.97 -8.92 40.29
C THR D 50 15.76 -8.01 39.36
N ILE D 51 15.96 -6.77 39.75
CA ILE D 51 16.77 -5.82 38.96
C ILE D 51 18.18 -5.76 39.54
N HIS D 52 19.18 -5.96 38.73
CA HIS D 52 20.59 -5.61 39.02
C HIS D 52 20.98 -4.42 38.15
N GLU D 53 21.18 -3.27 38.79
CA GLU D 53 21.56 -2.01 38.13
C GLU D 53 23.08 -1.98 38.01
N TYR D 54 23.61 -1.87 36.81
CA TYR D 54 25.08 -1.71 36.65
C TYR D 54 25.44 -0.30 37.18
N ALA D 55 26.59 -0.15 37.79
CA ALA D 55 27.03 1.15 38.35
C ALA D 55 28.52 1.25 38.06
N PRO D 56 29.01 2.09 37.13
CA PRO D 56 28.19 3.00 36.31
C PRO D 56 27.36 2.29 35.23
N LEU D 57 26.32 2.95 34.80
CA LEU D 57 25.55 2.54 33.59
C LEU D 57 26.48 2.72 32.40
N ILE D 58 26.29 1.96 31.34
CA ILE D 58 27.12 2.07 30.12
C ILE D 58 26.24 2.74 29.08
N ASP D 59 26.69 3.86 28.57
CA ASP D 59 26.12 4.45 27.34
C ASP D 59 26.47 3.45 26.23
N SER D 60 25.50 2.98 25.47
CA SER D 60 25.77 1.82 24.58
C SER D 60 26.73 2.25 23.46
N SER D 61 26.84 3.53 23.13
CA SER D 61 27.83 3.98 22.12
C SER D 61 29.25 3.74 22.61
N ASP D 62 29.47 3.57 23.92
CA ASP D 62 30.78 3.28 24.49
C ASP D 62 31.00 1.77 24.78
N MET D 63 30.05 0.90 24.42
CA MET D 63 30.14 -0.58 24.69
C MET D 63 31.41 -1.06 24.00
N THR D 64 32.07 -2.04 24.62
CA THR D 64 33.23 -2.78 24.11
C THR D 64 32.94 -4.26 24.26
N PRO D 65 33.73 -5.11 23.59
CA PRO D 65 33.61 -6.54 23.79
C PRO D 65 33.80 -7.00 25.24
N GLU D 66 34.58 -6.25 26.02
CA GLU D 66 34.72 -6.55 27.49
C GLU D 66 33.32 -6.44 28.13
N ASP D 67 32.51 -5.46 27.69
CA ASP D 67 31.15 -5.29 28.23
C ASP D 67 30.24 -6.45 27.76
N TRP D 68 30.32 -6.89 26.53
CA TRP D 68 29.66 -8.14 26.09
C TRP D 68 29.99 -9.25 27.05
N GLN D 69 31.28 -9.43 27.36
CA GLN D 69 31.67 -10.53 28.29
C GLN D 69 31.02 -10.32 29.65
N HIS D 70 31.00 -9.11 30.16
CA HIS D 70 30.46 -8.82 31.49
C HIS D 70 28.99 -9.23 31.51
N ILE D 71 28.24 -8.91 30.44
CA ILE D 71 26.80 -9.23 30.39
C ILE D 71 26.63 -10.75 30.28
N ALA D 72 27.41 -11.40 29.43
CA ALA D 72 27.38 -12.88 29.31
C ALA D 72 27.65 -13.52 30.69
N ASN D 73 28.67 -13.03 31.38
CA ASN D 73 29.12 -13.55 32.69
C ASN D 73 27.98 -13.41 33.69
N ASP D 74 27.29 -12.29 33.64
CA ASP D 74 26.18 -11.97 34.57
C ASP D 74 25.04 -12.97 34.35
N ILE D 75 24.75 -13.27 33.11
CA ILE D 75 23.78 -14.34 32.80
C ILE D 75 24.29 -15.69 33.37
N GLN D 76 25.54 -16.01 32.97
CA GLN D 76 26.21 -17.28 33.34
C GLN D 76 26.17 -17.39 34.84
N GLN D 77 26.50 -16.31 35.61
CA GLN D 77 26.37 -16.29 37.12
CA GLN D 77 26.37 -16.29 37.12
C GLN D 77 24.96 -16.70 37.72
N ASN D 78 23.96 -16.10 37.03
CA ASN D 78 22.55 -16.16 37.51
C ASN D 78 21.78 -17.30 36.85
N TYR D 79 22.41 -18.08 36.00
CA TYR D 79 21.63 -18.89 35.03
C TYR D 79 20.65 -19.85 35.73
N ASP D 80 21.12 -20.49 36.79
CA ASP D 80 20.39 -21.56 37.53
CA ASP D 80 20.33 -21.55 37.47
C ASP D 80 19.41 -20.93 38.52
N LEU D 81 19.46 -19.63 38.76
CA LEU D 81 18.65 -18.99 39.81
C LEU D 81 17.33 -18.44 39.24
N TYR D 82 17.22 -18.27 37.94
CA TYR D 82 16.03 -17.64 37.29
C TYR D 82 15.56 -18.47 36.11
N ASP D 83 14.34 -18.17 35.62
CA ASP D 83 13.68 -18.89 34.50
C ASP D 83 14.01 -18.21 33.16
N GLY D 84 14.51 -17.01 33.22
CA GLY D 84 14.83 -16.19 32.04
C GLY D 84 15.42 -14.86 32.46
N PHE D 85 15.86 -14.11 31.45
CA PHE D 85 16.72 -12.93 31.58
C PHE D 85 16.26 -11.83 30.63
N VAL D 86 16.25 -10.63 31.16
CA VAL D 86 16.01 -9.40 30.40
C VAL D 86 17.24 -8.54 30.59
N ILE D 87 17.75 -8.06 29.48
CA ILE D 87 18.89 -7.12 29.52
C ILE D 87 18.36 -5.75 29.11
N LEU D 88 18.42 -4.77 29.97
CA LEU D 88 18.13 -3.38 29.56
C LEU D 88 19.39 -2.69 29.09
N HIS D 89 19.32 -2.03 27.94
CA HIS D 89 20.50 -1.59 27.20
C HIS D 89 20.17 -0.36 26.39
N GLY D 90 21.16 0.50 26.18
CA GLY D 90 20.99 1.61 25.22
C GLY D 90 20.74 1.13 23.82
N THR D 91 20.05 1.91 23.01
CA THR D 91 19.65 1.45 21.66
C THR D 91 20.80 1.56 20.65
N ASP D 92 21.75 2.44 20.82
CA ASP D 92 22.75 2.70 19.77
C ASP D 92 23.44 1.37 19.34
N THR D 93 23.84 0.53 20.27
CA THR D 93 24.55 -0.76 19.96
C THR D 93 23.82 -1.99 20.54
N MET D 94 22.55 -1.87 20.85
CA MET D 94 21.73 -3.02 21.34
C MET D 94 21.83 -4.20 20.36
N ALA D 95 21.76 -3.97 19.02
CA ALA D 95 21.82 -5.05 18.06
C ALA D 95 23.20 -5.74 18.09
N PHE D 96 24.28 -5.00 18.30
CA PHE D 96 25.62 -5.63 18.42
C PHE D 96 25.65 -6.51 19.67
N THR D 97 25.19 -6.02 20.79
CA THR D 97 25.19 -6.83 22.01
C THR D 97 24.34 -8.10 21.82
N ALA D 98 23.13 -8.00 21.27
CA ALA D 98 22.28 -9.16 21.05
C ALA D 98 23.01 -10.16 20.17
N SER D 99 23.62 -9.69 19.09
CA SER D 99 24.30 -10.60 18.14
C SER D 99 25.47 -11.30 18.85
N ALA D 100 26.26 -10.55 19.59
CA ALA D 100 27.47 -11.14 20.25
C ALA D 100 26.99 -12.18 21.31
N LEU D 101 25.94 -11.85 22.06
CA LEU D 101 25.42 -12.78 23.12
C LEU D 101 24.92 -14.05 22.47
N SER D 102 24.31 -13.97 21.28
CA SER D 102 23.78 -15.20 20.63
C SER D 102 24.94 -16.15 20.42
N PHE D 103 26.10 -15.68 19.91
CA PHE D 103 27.23 -16.60 19.66
C PHE D 103 27.86 -17.07 20.98
N MET D 104 27.96 -16.21 21.93
CA MET D 104 28.73 -16.50 23.18
C MET D 104 27.96 -17.48 24.05
N LEU D 105 26.63 -17.47 23.98
CA LEU D 105 25.82 -18.36 24.80
C LEU D 105 25.43 -19.62 24.00
N GLU D 106 26.26 -20.62 24.00
CA GLU D 106 26.03 -21.87 23.19
C GLU D 106 25.14 -22.81 24.01
N ASN D 107 24.14 -23.39 23.38
CA ASN D 107 23.14 -24.29 24.01
C ASN D 107 22.33 -23.50 25.06
N LEU D 108 22.03 -22.24 24.78
CA LEU D 108 21.17 -21.45 25.67
C LEU D 108 19.81 -22.15 25.77
N ALA D 109 19.31 -22.40 26.98
CA ALA D 109 18.06 -23.18 27.15
C ALA D 109 17.09 -22.39 28.03
N LYS D 110 17.25 -21.07 28.11
CA LYS D 110 16.31 -20.17 28.76
C LYS D 110 16.27 -18.91 27.94
N PRO D 111 15.17 -18.16 27.92
CA PRO D 111 15.13 -16.92 27.12
C PRO D 111 16.00 -15.81 27.67
N VAL D 112 16.66 -15.10 26.76
CA VAL D 112 17.37 -13.86 27.06
C VAL D 112 16.79 -12.78 26.12
N ILE D 113 16.19 -11.74 26.70
CA ILE D 113 15.53 -10.70 25.90
C ILE D 113 16.16 -9.37 26.20
N ILE D 114 16.68 -8.74 25.19
CA ILE D 114 17.30 -7.40 25.30
CA ILE D 114 17.28 -7.40 25.33
C ILE D 114 16.25 -6.36 24.88
N THR D 115 16.16 -5.29 25.60
CA THR D 115 15.24 -4.21 25.25
C THR D 115 15.69 -2.95 25.93
N GLY D 116 14.92 -1.88 25.73
CA GLY D 116 15.27 -0.59 26.31
C GLY D 116 14.27 0.48 25.90
N SER D 117 14.69 1.74 26.09
CA SER D 117 13.89 2.91 25.63
C SER D 117 14.77 4.15 25.58
N GLN D 118 14.55 4.95 24.54
CA GLN D 118 15.30 6.21 24.33
C GLN D 118 14.70 7.34 25.22
N ILE D 119 13.63 7.09 25.97
CA ILE D 119 12.89 8.11 26.78
C ILE D 119 12.68 7.54 28.18
N PRO D 120 12.86 8.31 29.26
CA PRO D 120 12.60 7.81 30.63
C PRO D 120 11.21 7.23 30.75
N LEU D 121 11.06 6.06 31.37
CA LEU D 121 9.85 5.27 31.13
C LEU D 121 8.61 5.88 31.82
N ALA D 122 8.70 6.88 32.69
CA ALA D 122 7.47 7.59 33.20
C ALA D 122 6.83 8.44 32.09
N GLU D 123 7.59 8.91 31.11
CA GLU D 123 7.04 9.90 30.12
C GLU D 123 6.13 9.19 29.13
N ASP D 124 5.05 9.86 28.72
CA ASP D 124 4.02 9.23 27.86
C ASP D 124 4.66 8.85 26.53
N ALA D 125 5.58 9.61 25.97
CA ALA D 125 6.21 9.22 24.67
C ALA D 125 7.12 7.99 24.87
N SER D 126 7.38 7.50 26.07
CA SER D 126 8.29 6.34 26.30
C SER D 126 7.55 5.04 25.96
N ASP D 127 8.20 4.12 25.23
CA ASP D 127 7.70 2.72 25.18
C ASP D 127 8.35 1.89 26.30
N GLY D 128 9.14 2.48 27.20
CA GLY D 128 9.88 1.69 28.18
C GLY D 128 8.96 0.78 28.97
N GLN D 129 7.78 1.24 29.40
CA GLN D 129 6.92 0.38 30.25
C GLN D 129 6.46 -0.82 29.45
N THR D 130 5.95 -0.64 28.24
CA THR D 130 5.45 -1.73 27.39
C THR D 130 6.62 -2.66 27.04
N ASN D 131 7.81 -2.09 26.76
CA ASN D 131 8.97 -2.92 26.32
C ASN D 131 9.37 -3.82 27.49
N LEU D 132 9.50 -3.26 28.68
CA LEU D 132 9.95 -4.07 29.83
C LEU D 132 8.84 -5.03 30.25
N LEU D 133 7.58 -4.58 30.23
CA LEU D 133 6.46 -5.45 30.65
C LEU D 133 6.41 -6.69 29.73
N ASN D 134 6.49 -6.48 28.42
CA ASN D 134 6.45 -7.59 27.46
C ASN D 134 7.72 -8.45 27.61
N ALA D 135 8.89 -7.82 27.74
CA ALA D 135 10.12 -8.63 27.83
C ALA D 135 10.04 -9.55 29.06
N LEU D 136 9.55 -9.07 30.16
CA LEU D 136 9.42 -9.86 31.40
C LEU D 136 8.45 -11.00 31.18
N TYR D 137 7.30 -10.70 30.59
CA TYR D 137 6.26 -11.73 30.39
C TYR D 137 6.75 -12.81 29.44
N LEU D 138 7.39 -12.41 28.33
CA LEU D 138 7.82 -13.38 27.29
C LEU D 138 9.05 -14.16 27.81
N ALA D 139 9.93 -13.56 28.62
CA ALA D 139 11.12 -14.30 29.17
C ALA D 139 10.60 -15.42 30.11
N ALA D 140 9.43 -15.23 30.69
CA ALA D 140 8.78 -16.20 31.59
C ALA D 140 7.93 -17.21 30.83
N ASN D 141 7.21 -16.83 29.76
CA ASN D 141 6.07 -17.59 29.20
C ASN D 141 6.30 -18.01 27.75
N HIS D 142 7.18 -17.37 27.01
CA HIS D 142 7.43 -17.70 25.59
C HIS D 142 8.54 -18.72 25.50
N PRO D 143 8.30 -19.87 24.86
CA PRO D 143 9.27 -20.97 24.97
C PRO D 143 10.41 -20.89 23.96
N VAL D 144 10.85 -19.70 23.55
CA VAL D 144 12.00 -19.60 22.61
C VAL D 144 13.27 -19.23 23.41
N ASN D 145 14.12 -20.22 23.51
CA ASN D 145 15.40 -20.17 24.28
C ASN D 145 16.51 -19.61 23.38
N GLU D 146 16.43 -18.33 23.13
CA GLU D 146 17.33 -17.64 22.17
C GLU D 146 17.57 -16.26 22.76
N VAL D 147 18.60 -15.61 22.24
CA VAL D 147 18.80 -14.16 22.47
C VAL D 147 17.86 -13.44 21.47
N SER D 148 16.88 -12.74 22.02
CA SER D 148 15.89 -11.97 21.24
CA SER D 148 15.91 -11.96 21.22
C SER D 148 16.01 -10.50 21.62
N LEU D 149 15.51 -9.62 20.77
CA LEU D 149 15.44 -8.16 21.04
C LEU D 149 13.96 -7.75 20.92
N PHE D 150 13.45 -7.06 21.93
CA PHE D 150 12.04 -6.62 21.92
C PHE D 150 12.03 -5.12 21.74
N PHE D 151 11.26 -4.65 20.75
CA PHE D 151 11.09 -3.22 20.51
C PHE D 151 9.83 -2.99 19.65
N ASN D 152 9.10 -1.91 19.94
CA ASN D 152 7.89 -1.52 19.15
C ASN D 152 6.96 -2.71 18.94
N ASN D 153 6.58 -3.36 20.04
CA ASN D 153 5.64 -4.50 20.08
C ASN D 153 6.09 -5.68 19.23
N GLN D 154 7.37 -5.83 18.91
CA GLN D 154 7.87 -6.98 18.14
C GLN D 154 9.05 -7.66 18.88
N LEU D 155 9.05 -8.97 18.84
CA LEU D 155 10.19 -9.78 19.31
C LEU D 155 10.95 -10.22 18.05
N PHE D 156 12.19 -9.76 17.95
CA PHE D 156 13.07 -10.11 16.82
C PHE D 156 14.14 -11.08 17.27
N ARG D 157 14.65 -11.89 16.33
CA ARG D 157 15.82 -12.76 16.63
C ARG D 157 17.00 -11.79 16.79
N GLY D 158 17.73 -11.88 17.90
CA GLY D 158 18.76 -10.86 18.22
C GLY D 158 19.80 -10.70 17.12
N ASN D 159 20.33 -11.79 16.58
CA ASN D 159 21.41 -11.82 15.60
C ASN D 159 20.91 -11.52 14.18
N ARG D 160 19.65 -11.10 14.07
CA ARG D 160 19.03 -10.64 12.81
C ARG D 160 18.65 -9.15 12.87
N THR D 161 18.95 -8.47 13.94
CA THR D 161 18.52 -7.08 14.20
C THR D 161 19.54 -6.05 13.77
N THR D 162 19.03 -4.89 13.38
CA THR D 162 19.84 -3.70 13.10
C THR D 162 19.02 -2.49 13.53
N LYS D 163 19.67 -1.42 13.96
CA LYS D 163 18.96 -0.17 14.32
C LYS D 163 18.66 0.50 12.99
N ALA D 164 17.48 0.26 12.48
CA ALA D 164 17.01 0.70 11.15
C ALA D 164 16.64 2.19 11.14
N HIS D 165 16.12 2.74 12.23
CA HIS D 165 15.90 4.22 12.35
C HIS D 165 16.86 4.81 13.37
N ALA D 166 17.37 5.99 13.09
CA ALA D 166 18.39 6.64 13.91
C ALA D 166 17.83 6.87 15.32
N ASP D 167 16.54 7.16 15.39
CA ASP D 167 15.91 7.28 16.72
C ASP D 167 14.42 6.93 16.59
N GLY D 168 13.68 7.11 17.69
CA GLY D 168 12.23 6.92 17.67
C GLY D 168 11.82 5.51 18.04
N PHE D 169 10.49 5.30 18.12
CA PHE D 169 9.90 4.15 18.85
C PHE D 169 10.08 2.87 18.01
N ASP D 170 10.27 3.00 16.70
CA ASP D 170 10.41 1.86 15.74
C ASP D 170 11.87 1.68 15.27
N ALA D 171 12.78 1.70 16.19
CA ALA D 171 14.23 1.87 15.91
C ALA D 171 14.81 0.59 15.30
N PHE D 172 14.20 -0.55 15.56
CA PHE D 172 14.86 -1.85 15.20
C PHE D 172 14.09 -2.59 14.12
N ALA D 173 14.84 -3.31 13.27
CA ALA D 173 14.26 -4.21 12.27
C ALA D 173 15.07 -5.44 12.20
N SER D 174 14.47 -6.46 11.63
CA SER D 174 15.09 -7.74 11.24
CA SER D 174 15.15 -7.70 11.22
C SER D 174 14.88 -7.88 9.74
N PRO D 175 15.65 -7.18 8.92
CA PRO D 175 15.35 -7.11 7.49
C PRO D 175 15.35 -8.44 6.76
N ASN D 176 16.06 -9.45 7.23
CA ASN D 176 16.16 -10.76 6.53
C ASN D 176 15.48 -11.90 7.28
N LEU D 177 14.68 -11.63 8.30
CA LEU D 177 13.92 -12.71 9.00
C LEU D 177 12.60 -12.12 9.49
N SER D 178 11.50 -12.89 9.34
CA SER D 178 10.23 -12.51 10.03
C SER D 178 10.42 -12.28 11.51
N VAL D 179 9.65 -11.38 12.10
CA VAL D 179 9.65 -11.23 13.57
C VAL D 179 9.24 -12.57 14.17
N LEU D 180 9.77 -12.86 15.32
CA LEU D 180 9.49 -14.10 16.04
C LEU D 180 8.07 -13.96 16.62
N LEU D 181 7.60 -12.76 16.95
CA LEU D 181 6.25 -12.66 17.59
C LEU D 181 5.85 -11.22 17.54
N GLU D 182 4.57 -10.95 17.40
CA GLU D 182 3.98 -9.61 17.55
C GLU D 182 3.19 -9.60 18.86
N ALA D 183 3.36 -8.60 19.70
CA ALA D 183 2.78 -8.57 21.07
C ALA D 183 1.61 -7.57 21.11
N GLY D 184 1.47 -6.75 20.07
CA GLY D 184 0.38 -5.75 19.93
C GLY D 184 -0.56 -6.16 18.81
N ILE D 185 -0.72 -5.32 17.81
CA ILE D 185 -1.37 -5.62 16.51
C ILE D 185 -0.64 -6.74 15.79
N HIS D 186 -1.36 -7.74 15.32
CA HIS D 186 -0.85 -8.85 14.45
C HIS D 186 -1.12 -8.61 12.95
N ILE D 187 -0.12 -8.89 12.09
CA ILE D 187 -0.27 -9.31 10.64
C ILE D 187 0.06 -10.79 10.50
N SER D 198 19.89 -26.94 22.81
CA SER D 198 19.40 -28.33 22.86
C SER D 198 20.54 -29.32 22.63
N ASN D 199 21.72 -28.86 22.20
CA ASN D 199 22.83 -29.82 21.94
C ASN D 199 23.52 -30.38 23.21
N GLY D 200 23.38 -29.73 24.37
CA GLY D 200 24.10 -30.09 25.61
C GLY D 200 24.00 -28.95 26.62
N PRO D 201 24.80 -28.91 27.69
CA PRO D 201 24.81 -27.86 28.68
C PRO D 201 25.18 -26.49 28.11
N LEU D 202 24.79 -25.43 28.81
CA LEU D 202 25.21 -24.05 28.44
C LEU D 202 26.72 -23.97 28.39
N ILE D 203 27.26 -23.45 27.31
CA ILE D 203 28.69 -23.05 27.28
C ILE D 203 28.73 -21.54 27.06
N VAL D 204 29.46 -20.83 27.87
CA VAL D 204 29.61 -19.36 27.77
C VAL D 204 31.03 -19.08 27.30
N HIS D 205 31.15 -18.67 26.08
CA HIS D 205 32.46 -18.50 25.42
C HIS D 205 33.13 -17.18 25.81
N ARG D 206 34.42 -17.09 25.55
CA ARG D 206 35.19 -15.87 25.71
C ARG D 206 35.12 -15.06 24.43
N ILE D 207 35.03 -13.74 24.55
CA ILE D 207 35.22 -12.84 23.36
C ILE D 207 36.12 -11.70 23.78
N THR D 208 37.02 -11.30 22.89
CA THR D 208 37.92 -10.18 23.12
C THR D 208 37.88 -9.31 21.87
N PRO D 209 38.30 -8.04 22.01
CA PRO D 209 38.36 -7.13 20.86
C PRO D 209 39.21 -7.66 19.74
N GLN D 210 38.77 -7.53 18.49
CA GLN D 210 39.53 -8.05 17.34
C GLN D 210 39.67 -6.97 16.30
N PRO D 211 40.83 -6.88 15.64
CA PRO D 211 41.08 -5.92 14.59
C PRO D 211 40.42 -6.32 13.27
N ILE D 212 39.20 -5.78 13.09
CA ILE D 212 38.33 -6.00 11.92
C ILE D 212 38.09 -4.71 11.14
N GLY D 213 38.28 -4.77 9.86
CA GLY D 213 37.89 -3.63 9.04
C GLY D 213 36.53 -3.88 8.44
N VAL D 214 35.69 -2.87 8.35
CA VAL D 214 34.33 -2.96 7.76
C VAL D 214 34.24 -1.87 6.72
N VAL D 215 34.29 -2.24 5.47
CA VAL D 215 34.44 -1.25 4.39
C VAL D 215 33.30 -1.35 3.40
N THR D 216 33.00 -0.22 2.77
CA THR D 216 31.97 -0.15 1.72
C THR D 216 32.64 0.12 0.40
N ILE D 217 32.41 -0.73 -0.60
CA ILE D 217 32.90 -0.45 -1.96
C ILE D 217 32.06 0.59 -2.68
N TYR D 218 32.67 1.27 -3.64
CA TYR D 218 32.05 2.32 -4.46
C TYR D 218 32.78 2.40 -5.77
N PRO D 219 32.14 2.98 -6.78
CA PRO D 219 32.72 3.03 -8.12
C PRO D 219 34.09 3.67 -8.08
N GLY D 220 35.05 2.97 -8.66
CA GLY D 220 36.45 3.40 -8.82
C GLY D 220 37.28 3.23 -7.60
N ILE D 221 36.77 2.62 -6.55
CA ILE D 221 37.54 2.40 -5.32
C ILE D 221 38.91 1.82 -5.70
N SER D 222 39.99 2.37 -5.15
CA SER D 222 41.38 1.99 -5.60
C SER D 222 41.98 0.81 -4.82
N GLY D 223 42.86 0.07 -5.47
CA GLY D 223 43.72 -0.91 -4.79
C GLY D 223 44.53 -0.33 -3.67
N ALA D 224 45.02 0.90 -3.82
CA ALA D 224 45.81 1.59 -2.77
C ALA D 224 44.99 1.77 -1.51
N VAL D 225 43.75 2.22 -1.63
CA VAL D 225 42.86 2.45 -0.47
C VAL D 225 42.56 1.09 0.14
N VAL D 226 42.23 0.11 -0.68
CA VAL D 226 41.86 -1.25 -0.11
C VAL D 226 43.06 -1.91 0.55
N ARG D 227 44.23 -1.78 -0.05
CA ARG D 227 45.51 -2.28 0.56
C ARG D 227 45.66 -1.73 1.98
N ASN D 228 45.37 -0.44 2.18
CA ASN D 228 45.53 0.20 3.49
C ASN D 228 44.54 -0.36 4.48
N PHE D 229 43.32 -0.68 4.08
CA PHE D 229 42.31 -1.29 4.99
C PHE D 229 42.77 -2.63 5.59
N LEU D 230 43.62 -3.32 4.84
CA LEU D 230 44.00 -4.72 5.08
C LEU D 230 45.37 -4.77 5.75
N LEU D 231 45.98 -3.64 6.11
CA LEU D 231 47.31 -3.66 6.77
C LEU D 231 47.19 -4.17 8.19
N GLN D 232 48.31 -4.63 8.74
CA GLN D 232 48.36 -5.09 10.14
C GLN D 232 47.85 -3.95 10.98
N PRO D 233 47.13 -4.19 12.08
CA PRO D 233 46.89 -5.52 12.61
C PRO D 233 45.61 -6.25 12.16
N VAL D 234 44.98 -5.81 11.09
CA VAL D 234 43.70 -6.39 10.62
C VAL D 234 43.82 -7.90 10.48
N LYS D 235 42.87 -8.63 11.06
CA LYS D 235 42.75 -10.10 10.89
C LYS D 235 41.55 -10.50 10.06
N ALA D 236 40.58 -9.61 9.85
CA ALA D 236 39.38 -9.86 9.05
C ALA D 236 38.86 -8.56 8.44
N LEU D 237 38.18 -8.67 7.33
CA LEU D 237 37.56 -7.54 6.63
C LEU D 237 36.16 -7.94 6.24
N ILE D 238 35.19 -7.16 6.62
CA ILE D 238 33.82 -7.27 6.04
C ILE D 238 33.80 -6.31 4.83
N LEU D 239 33.52 -6.80 3.67
CA LEU D 239 33.38 -6.03 2.44
C LEU D 239 31.89 -5.85 2.15
N ARG D 240 31.37 -4.61 2.11
CA ARG D 240 29.95 -4.35 1.79
C ARG D 240 29.89 -4.05 0.29
N SER D 241 29.24 -4.93 -0.47
CA SER D 241 29.33 -4.91 -1.95
C SER D 241 27.95 -4.64 -2.56
N TYR D 242 27.84 -4.62 -3.88
CA TYR D 242 26.60 -4.22 -4.56
C TYR D 242 25.60 -5.35 -4.75
N GLY D 243 24.28 -5.05 -4.67
CA GLY D 243 23.27 -6.04 -5.10
C GLY D 243 23.41 -7.37 -4.40
N VAL D 244 23.52 -8.46 -5.17
CA VAL D 244 23.68 -9.83 -4.60
C VAL D 244 25.15 -10.19 -4.38
N GLY D 245 26.01 -9.19 -4.17
CA GLY D 245 27.39 -9.41 -3.70
C GLY D 245 28.42 -9.17 -4.81
N ASN D 246 28.15 -8.25 -5.72
CA ASN D 246 29.04 -7.96 -6.90
C ASN D 246 30.01 -6.85 -6.55
N ALA D 247 31.18 -6.94 -7.14
CA ALA D 247 32.27 -5.96 -6.99
C ALA D 247 32.85 -5.71 -8.37
N PRO D 248 33.60 -4.62 -8.57
CA PRO D 248 34.25 -4.41 -9.85
C PRO D 248 35.19 -5.59 -10.19
N GLN D 249 35.31 -5.92 -11.47
CA GLN D 249 36.14 -7.07 -11.94
C GLN D 249 37.65 -6.76 -11.88
N LYS D 250 38.03 -5.50 -11.69
CA LYS D 250 39.41 -4.95 -11.57
C LYS D 250 40.43 -5.83 -10.83
N ALA D 251 41.50 -6.21 -11.51
CA ALA D 251 42.64 -6.94 -10.90
C ALA D 251 43.21 -6.15 -9.73
N GLU D 252 43.27 -4.83 -9.81
CA GLU D 252 43.84 -3.90 -8.78
C GLU D 252 43.12 -4.18 -7.42
N LEU D 253 41.82 -4.36 -7.44
CA LEU D 253 41.07 -4.68 -6.21
C LEU D 253 41.27 -6.15 -5.84
N LEU D 254 41.00 -7.07 -6.78
CA LEU D 254 40.96 -8.54 -6.47
C LEU D 254 42.34 -9.01 -6.03
N ASP D 255 43.40 -8.48 -6.63
CA ASP D 255 44.80 -8.78 -6.16
C ASP D 255 44.99 -8.44 -4.71
N GLU D 256 44.48 -7.31 -4.23
CA GLU D 256 44.72 -6.96 -2.80
C GLU D 256 43.93 -7.89 -1.89
N LEU D 257 42.69 -8.22 -2.26
CA LEU D 257 41.87 -9.20 -1.50
C LEU D 257 42.55 -10.56 -1.47
N LYS D 258 43.10 -10.99 -2.62
CA LYS D 258 43.74 -12.34 -2.67
C LYS D 258 45.01 -12.35 -1.82
N ASN D 259 45.82 -11.30 -1.91
CA ASN D 259 47.09 -11.22 -1.12
C ASN D 259 46.71 -11.27 0.35
N ALA D 260 45.66 -10.54 0.79
CA ALA D 260 45.23 -10.56 2.21
C ALA D 260 44.82 -11.99 2.60
N SER D 261 43.95 -12.62 1.82
CA SER D 261 43.45 -13.99 2.18
C SER D 261 44.64 -14.99 2.24
N ASP D 262 45.57 -14.86 1.31
CA ASP D 262 46.79 -15.70 1.27
C ASP D 262 47.66 -15.49 2.50
N ARG D 263 47.55 -14.39 3.24
CA ARG D 263 48.29 -14.30 4.51
C ARG D 263 47.36 -14.49 5.68
N GLY D 264 46.21 -15.08 5.48
CA GLY D 264 45.41 -15.51 6.67
C GLY D 264 44.30 -14.53 7.04
N ILE D 265 44.07 -13.46 6.26
CA ILE D 265 42.96 -12.53 6.59
C ILE D 265 41.65 -13.14 6.10
N VAL D 266 40.64 -13.15 6.96
CA VAL D 266 39.27 -13.61 6.63
C VAL D 266 38.49 -12.44 6.00
N VAL D 267 38.14 -12.55 4.73
CA VAL D 267 37.41 -11.48 4.00
C VAL D 267 36.00 -12.01 3.73
N VAL D 268 35.00 -11.33 4.24
CA VAL D 268 33.56 -11.73 4.21
C VAL D 268 32.79 -10.74 3.38
N ASN D 269 31.98 -11.22 2.45
CA ASN D 269 31.18 -10.41 1.50
C ASN D 269 29.75 -10.26 2.01
N LEU D 270 29.32 -9.04 2.31
CA LEU D 270 27.93 -8.72 2.73
C LEU D 270 27.37 -7.77 1.68
N THR D 271 26.07 -7.70 1.54
CA THR D 271 25.46 -6.74 0.61
C THR D 271 25.29 -5.39 1.31
N GLN D 272 25.44 -4.33 0.55
CA GLN D 272 25.10 -2.93 0.99
C GLN D 272 23.58 -2.78 1.13
N SER D 273 22.79 -3.66 0.50
CA SER D 273 21.30 -3.57 0.51
C SER D 273 20.79 -3.81 1.92
N ILE D 274 19.73 -3.10 2.28
CA ILE D 274 18.95 -3.22 3.56
C ILE D 274 18.59 -4.71 3.74
N SER D 275 18.00 -5.24 2.68
CA SER D 275 17.53 -6.64 2.75
C SER D 275 17.99 -7.42 1.51
N GLY D 276 18.01 -8.73 1.67
CA GLY D 276 18.43 -9.66 0.64
C GLY D 276 19.80 -10.26 0.92
N SER D 277 20.19 -11.20 0.06
CA SER D 277 21.35 -12.06 0.34
C SER D 277 22.43 -11.80 -0.69
N VAL D 278 23.68 -11.95 -0.27
CA VAL D 278 24.79 -12.27 -1.20
C VAL D 278 24.52 -13.65 -1.78
N ASN D 279 24.71 -13.79 -3.06
CA ASN D 279 24.57 -15.06 -3.82
C ASN D 279 25.82 -15.12 -4.68
N MET D 280 26.91 -15.49 -4.08
CA MET D 280 28.24 -15.35 -4.66
C MET D 280 28.55 -16.68 -5.36
N GLY D 281 28.31 -17.79 -4.71
CA GLY D 281 28.89 -18.98 -5.40
C GLY D 281 30.44 -19.03 -5.29
N GLY D 282 30.91 -20.25 -5.13
CA GLY D 282 32.19 -20.56 -4.53
C GLY D 282 33.27 -20.63 -5.55
N TYR D 283 34.38 -21.08 -5.03
CA TYR D 283 35.63 -21.30 -5.79
C TYR D 283 35.33 -22.01 -7.12
N ALA D 284 34.49 -23.04 -7.05
CA ALA D 284 34.23 -23.96 -8.17
C ALA D 284 33.52 -23.20 -9.29
N THR D 285 32.80 -22.09 -8.99
CA THR D 285 32.03 -21.40 -10.05
C THR D 285 32.99 -20.52 -10.86
N GLY D 286 34.21 -20.23 -10.38
CA GLY D 286 35.09 -19.27 -11.05
C GLY D 286 34.72 -17.83 -10.69
N ASN D 287 33.78 -17.62 -9.78
CA ASN D 287 33.50 -16.30 -9.18
C ASN D 287 34.83 -15.64 -8.75
N ALA D 288 35.06 -14.41 -9.21
CA ALA D 288 36.35 -13.69 -9.02
C ALA D 288 36.62 -13.46 -7.54
N LEU D 289 35.60 -13.05 -6.78
CA LEU D 289 35.81 -12.80 -5.34
C LEU D 289 36.17 -14.11 -4.68
N ALA D 290 35.45 -15.18 -4.99
CA ALA D 290 35.70 -16.50 -4.34
C ALA D 290 37.12 -16.93 -4.67
N GLN D 291 37.58 -16.70 -5.87
CA GLN D 291 38.97 -17.09 -6.26
C GLN D 291 40.01 -16.26 -5.51
N ALA D 292 39.65 -15.04 -5.07
CA ALA D 292 40.47 -14.20 -4.19
C ALA D 292 40.32 -14.56 -2.73
N GLY D 293 39.62 -15.64 -2.42
CA GLY D 293 39.50 -16.13 -1.03
C GLY D 293 38.35 -15.49 -0.24
N VAL D 294 37.54 -14.68 -0.91
CA VAL D 294 36.37 -14.00 -0.26
C VAL D 294 35.28 -15.04 -0.01
N ILE D 295 34.71 -15.04 1.17
CA ILE D 295 33.59 -15.96 1.51
C ILE D 295 32.28 -15.16 1.58
N SER D 296 31.19 -15.83 1.30
CA SER D 296 29.84 -15.24 1.37
C SER D 296 29.43 -15.06 2.82
N GLY D 297 28.85 -13.90 3.15
CA GLY D 297 28.15 -13.71 4.43
C GLY D 297 26.65 -13.84 4.24
N PHE D 298 26.22 -14.30 3.08
CA PHE D 298 24.78 -14.58 2.80
C PHE D 298 23.99 -13.31 3.15
N ASP D 299 22.94 -13.43 3.97
CA ASP D 299 22.06 -12.31 4.34
C ASP D 299 22.36 -11.79 5.76
N MET D 300 23.55 -12.05 6.31
CA MET D 300 23.91 -11.56 7.65
C MET D 300 23.85 -10.02 7.68
N THR D 301 23.41 -9.50 8.81
CA THR D 301 23.56 -8.10 9.20
C THR D 301 25.06 -7.83 9.43
N VAL D 302 25.44 -6.56 9.41
CA VAL D 302 26.81 -6.14 9.79
C VAL D 302 27.01 -6.58 11.24
N GLU D 303 26.02 -6.42 12.07
CA GLU D 303 26.11 -6.75 13.52
C GLU D 303 26.42 -8.24 13.71
N ALA D 304 25.73 -9.12 12.99
CA ALA D 304 25.94 -10.59 13.06
C ALA D 304 27.35 -10.87 12.56
N ALA D 305 27.73 -10.35 11.39
CA ALA D 305 29.04 -10.72 10.82
C ALA D 305 30.18 -10.23 11.73
N LEU D 306 30.07 -9.02 12.25
CA LEU D 306 31.13 -8.37 13.05
C LEU D 306 31.25 -9.11 14.38
N THR D 307 30.15 -9.44 15.02
CA THR D 307 30.20 -10.13 16.32
C THR D 307 30.59 -11.61 16.09
N LYS D 308 30.20 -12.17 14.98
CA LYS D 308 30.53 -13.61 14.71
C LYS D 308 32.06 -13.71 14.52
N LEU D 309 32.62 -12.77 13.77
CA LEU D 309 34.06 -12.73 13.55
C LEU D 309 34.74 -12.56 14.90
N HIS D 310 34.26 -11.68 15.78
CA HIS D 310 34.83 -11.54 17.14
C HIS D 310 34.86 -12.89 17.82
N TYR D 311 33.74 -13.55 17.82
CA TYR D 311 33.55 -14.87 18.49
C TYR D 311 34.60 -15.86 17.95
N LEU D 312 34.73 -15.97 16.64
CA LEU D 312 35.56 -17.04 16.03
C LEU D 312 37.05 -16.67 16.13
N LEU D 313 37.41 -15.42 16.03
CA LEU D 313 38.80 -14.98 16.20
C LEU D 313 39.26 -15.16 17.65
N SER D 314 38.35 -15.18 18.60
CA SER D 314 38.67 -15.17 20.03
C SER D 314 38.95 -16.59 20.55
N GLN D 315 38.80 -17.60 19.72
CA GLN D 315 38.96 -19.03 20.09
C GLN D 315 40.36 -19.48 19.58
N SER D 316 40.58 -20.77 19.31
CA SER D 316 41.89 -21.26 18.79
C SER D 316 41.66 -21.79 17.40
N LEU D 317 41.14 -20.99 16.47
CA LEU D 317 40.78 -21.51 15.16
C LEU D 317 41.72 -20.91 14.15
N SER D 318 42.06 -21.66 13.12
CA SER D 318 42.87 -21.17 12.00
C SER D 318 42.00 -20.30 11.11
N PRO D 319 42.61 -19.50 10.22
CA PRO D 319 41.82 -18.71 9.26
C PRO D 319 40.87 -19.59 8.46
N ASN D 320 41.37 -20.77 8.00
CA ASN D 320 40.52 -21.71 7.24
C ASN D 320 39.32 -22.14 8.10
N GLU D 321 39.57 -22.45 9.36
CA GLU D 321 38.48 -22.89 10.27
C GLU D 321 37.47 -21.74 10.44
N ILE D 322 37.96 -20.52 10.61
CA ILE D 322 37.06 -19.34 10.76
C ILE D 322 36.23 -19.18 9.52
N ARG D 323 36.84 -19.25 8.34
CA ARG D 323 36.08 -19.06 7.08
C ARG D 323 34.97 -20.12 6.99
N GLN D 324 35.25 -21.35 7.36
CA GLN D 324 34.21 -22.41 7.30
CA GLN D 324 34.24 -22.43 7.37
C GLN D 324 33.08 -22.09 8.30
N LEU D 325 33.42 -21.80 9.52
CA LEU D 325 32.36 -21.58 10.51
C LEU D 325 31.61 -20.26 10.22
N MET D 326 32.22 -19.27 9.60
CA MET D 326 31.52 -18.01 9.25
C MET D 326 30.33 -18.32 8.32
N GLN D 327 30.43 -19.33 7.46
CA GLN D 327 29.40 -19.72 6.49
C GLN D 327 28.41 -20.70 7.10
N GLN D 328 28.65 -21.21 8.28
CA GLN D 328 27.74 -22.19 8.92
C GLN D 328 26.71 -21.43 9.75
N ASN D 329 25.44 -21.84 9.67
CA ASN D 329 24.40 -21.15 10.42
C ASN D 329 24.50 -21.64 11.87
N LEU D 330 25.09 -20.89 12.79
CA LEU D 330 25.33 -21.42 14.14
C LEU D 330 24.14 -21.16 15.06
N ARG D 331 23.48 -20.00 14.92
CA ARG D 331 22.52 -19.50 15.90
C ARG D 331 21.29 -18.92 15.20
N GLY D 332 21.10 -19.21 13.91
CA GLY D 332 19.92 -18.65 13.19
C GLY D 332 20.21 -17.27 12.60
N GLU D 333 21.48 -16.91 12.48
CA GLU D 333 21.89 -15.57 11.98
C GLU D 333 21.94 -15.52 10.45
N LEU D 334 21.82 -16.65 9.75
CA LEU D 334 21.92 -16.63 8.27
C LEU D 334 21.10 -17.72 7.65
N THR D 335 20.65 -17.43 6.44
CA THR D 335 19.85 -18.30 5.58
C THR D 335 20.77 -18.75 4.46
N ASP D 336 20.97 -20.07 4.36
CA ASP D 336 21.75 -20.70 3.27
C ASP D 336 20.82 -21.76 2.66
N THR D 337 20.03 -21.35 1.66
CA THR D 337 18.97 -22.14 0.99
C THR D 337 18.22 -23.02 2.00
C FMT E . -20.53 15.41 -18.62
O1 FMT E . -20.40 14.46 -17.86
O2 FMT E . -20.10 15.49 -19.87
C FMT F . -23.71 14.56 -18.73
O1 FMT F . -24.14 14.83 -19.86
O2 FMT F . -23.66 13.37 -18.10
C FMT G . -12.64 15.05 -17.05
O1 FMT G . -13.83 14.87 -16.89
O2 FMT G . -12.05 15.51 -18.13
C FMT H . -22.80 -14.65 7.46
O1 FMT H . -23.13 -14.92 8.61
O2 FMT H . -22.79 -13.49 6.85
C FMT I . -19.45 -15.15 7.85
O1 FMT I . -19.53 -14.24 7.07
O2 FMT I . -18.78 -15.11 8.97
C FMT J . 24.31 -4.39 -13.52
O1 FMT J . 24.69 -3.93 -14.60
O2 FMT J . 24.35 -3.78 -12.36
C FMT K . 21.18 -5.02 -14.13
O1 FMT K . 21.15 -4.75 -12.95
O2 FMT K . 20.44 -4.46 -15.01
C FMT L . 22.65 4.62 24.46
O1 FMT L . 23.01 4.17 25.55
O2 FMT L . 22.52 4.04 23.25
C FMT M . 19.21 4.96 24.66
O1 FMT M . 19.20 4.58 23.53
O2 FMT M . 18.75 4.31 25.66
C FMT N . 11.37 4.25 22.88
O1 FMT N . 12.54 4.50 22.59
O2 FMT N . 10.81 4.21 24.08
#